data_8HUF
#
_entry.id   8HUF
#
_cell.length_a   106.361
_cell.length_b   106.361
_cell.length_c   304.641
_cell.angle_alpha   90.00
_cell.angle_beta   90.00
_cell.angle_gamma   90.00
#
_symmetry.space_group_name_H-M   'P 43 21 2'
#
loop_
_entity.id
_entity.type
_entity.pdbx_description
1 polymer 'GTP-binding nuclear protein Ran'
2 polymer 'YRB1 isoform 1'
3 polymer 'CRM1 isoform 1'
4 non-polymer 'MAGNESIUM ION'
5 non-polymer GLYCEROL
6 non-polymer "GUANOSINE-5'-TRIPHOSPHATE"
7 non-polymer 'BROMIDE ION'
8 non-polymer 'CHLORIDE ION'
9 non-polymer 'SODIUM ION'
10 non-polymer '3-[(4-chlorophenyl)carbonylamino]-4-[4-(2,5-dimethylphenyl)piperazin-1-yl]benzoic acid'
11 water water
#
loop_
_entity_poly.entity_id
_entity_poly.type
_entity_poly.pdbx_seq_one_letter_code
_entity_poly.pdbx_strand_id
1 'polypeptide(L)'
;MAAQGEPQVQFKLVLVGDGGTGKTTFVKRHLTGEFEKKYVATLGVEVHPLVFHTNRGPIKFNVWDTAGLEKFGGLRDGYY
IQAQCAIIMFDVTSRVTYKNVPNWHRDLVRVCENIPIVLCGNKVDIKDRKVKAKSIVFHRKKNLQYYDISAKSNYNFEKP
FLWLARKLIGDPNLEFVAMPAAAPPEVVMDPALAAQYEHDLEVAQTTALPDEDDDL
;
A
2 'polypeptide(L)'
;DIHFEPVVHLEKVDVKTMEEDEEVLYKVRAKLFRFDADAKEWKERGTGDCKFLKNKKTNKVRILMRRDKTLKICANHIIA
PEYTLKPNVGSDRSWVYACTADIAEGEAEAFTFAIRFGSKENADKFKEEFEKAQEINKKA
;
B
3 'polypeptide(L)'
;GGSMEGILDFSNDLDIALLDQVVSTFYQGEGVQQKQAQEILTKFQDNPDAWEKVDQILQFSTNPQSKFIALSILDKLITR
KWKLLPNDHRIGIRNFVVGMIISMCQDDEVFKTQKNLINKSDLTLVQILKQEWPQNWPEFIPELIGSSSSSVNVCENNMI
VLKLLSEEVFDFSAEQMTQAKALHLKNSMSKEFEQIFKLCFQVLEQGSSSSLIVATLESLLRYLHWIPYRYIYETNILEL
LSTKFMTSPDTRAITLKCLTEVSNLKIPQDNDLIKRQTVLFFQNTLQQIATSVMPVTADLKATYANANGNDQSFLQDLAM
FLTTYLARNRALLESDESLRELLLNAHQYLIQLSKIEERELFKTTLDYWHNLVADLFYEPLKKHIYEEICSQLRLVIIEN
MVRPEEIQLYKSEREVLVYLTHLNVIDTEEIMISKLARQIDGSEWSWHNINTLSWAIGSISGTMSEDTEKRFVVTVIKDL
LGLCEQKRGKDNKAVVARDIMYVVGEYPRFLKAHWNFLRTVILKLFEFMHETHEGVQDMACDTFIKIVQKCKYHFVIQQP
RESEPFIQTIIRDIQKTTADLQPQQVHTFYKACGIIISEERSVAERNRLLSDLMQLPNMAWDTIVEQSTANPTLLLDSET
VKIIANIIKTNVAVCTSMGADFYPQLGHIYYNMLQLYRAVSSMISTQVAAEGLIATKTPKVRGLRTIKKEILKLVETYIS
KARNLDDVVKVLVEPLLNAVLEDYMNNVPDARDAEVLNCMTTVVEKVGHMIPQGVILILQSVFECTLDMINKDFTEYPEH
RVEFYKLLKVINEKSFAAFLELPPAAFKLFVDAICWAFKHNNRDVEVNGLQIALDLVKNIERMGNVPFANEFHKNYFFIF
VSETFFVLTDSDHKSGFSKQALLLMKLISLVYDNKISVPLYQEAEVPQGTSNQVYLSQYLANMLSNAFPHLTSEQIASFL
SALTKQCKDLVVFKGTLRDFLVQIKEVGGDPTDYLFAEDKENA
;
C
#
loop_
_chem_comp.id
_chem_comp.type
_chem_comp.name
_chem_comp.formula
BR non-polymer 'BROMIDE ION' 'Br -1'
CL non-polymer 'CHLORIDE ION' 'Cl -1'
GOL non-polymer GLYCEROL 'C3 H8 O3'
GTP non-polymer GUANOSINE-5'-TRIPHOSPHATE 'C10 H16 N5 O14 P3'
MG non-polymer 'MAGNESIUM ION' 'Mg 2'
N5X non-polymer '3-[(4-chlorophenyl)carbonylamino]-4-[4-(2,5-dimethylphenyl)piperazin-1-yl]benzoic acid' 'C26 H26 Cl N3 O3'
NA non-polymer 'SODIUM ION' 'Na 1'
#
# COMPACT_ATOMS: atom_id res chain seq x y z
N GLN A 8 1.21 -13.39 -33.07
CA GLN A 8 0.37 -13.59 -31.85
C GLN A 8 -0.28 -12.28 -31.41
N VAL A 9 -1.35 -12.38 -30.60
CA VAL A 9 -2.17 -11.26 -30.03
C VAL A 9 -1.42 -10.58 -28.88
N GLN A 10 -0.67 -9.48 -29.11
CA GLN A 10 0.18 -8.81 -28.07
C GLN A 10 -0.09 -7.30 -27.84
N PHE A 11 0.04 -6.87 -26.58
CA PHE A 11 -0.28 -5.52 -26.10
C PHE A 11 0.92 -4.98 -25.29
N LYS A 12 1.34 -3.77 -25.59
CA LYS A 12 2.40 -3.07 -24.83
C LYS A 12 1.78 -2.54 -23.53
N LEU A 13 2.33 -2.95 -22.38
CA LEU A 13 1.88 -2.53 -21.02
C LEU A 13 3.03 -1.77 -20.37
N VAL A 14 2.81 -0.52 -20.00
CA VAL A 14 3.85 0.23 -19.25
C VAL A 14 3.46 0.19 -17.78
N LEU A 15 4.46 -0.05 -16.98
CA LEU A 15 4.35 -0.13 -15.51
C LEU A 15 5.20 1.02 -14.96
N VAL A 16 4.56 1.97 -14.28
CA VAL A 16 5.19 3.20 -13.74
C VAL A 16 4.81 3.38 -12.27
N GLY A 17 5.59 4.18 -11.57
CA GLY A 17 5.42 4.46 -10.13
C GLY A 17 6.76 4.67 -9.44
N ASP A 18 6.73 5.18 -8.21
CA ASP A 18 7.94 5.52 -7.43
C ASP A 18 8.82 4.27 -7.25
N GLY A 19 10.11 4.54 -7.03
CA GLY A 19 11.13 3.54 -6.67
C GLY A 19 10.70 2.80 -5.43
N GLY A 20 10.87 1.49 -5.45
CA GLY A 20 10.67 0.57 -4.31
C GLY A 20 9.22 0.21 -4.08
N THR A 21 8.29 0.52 -5.01
CA THR A 21 6.82 0.27 -4.82
C THR A 21 6.46 -1.17 -5.14
N GLY A 22 7.28 -1.91 -5.90
CA GLY A 22 7.02 -3.32 -6.19
C GLY A 22 6.79 -3.64 -7.66
N LYS A 23 7.08 -2.73 -8.59
CA LYS A 23 6.85 -2.94 -10.03
C LYS A 23 7.56 -4.22 -10.51
N THR A 24 8.88 -4.28 -10.33
CA THR A 24 9.73 -5.38 -10.82
C THR A 24 9.33 -6.66 -10.08
N THR A 25 9.14 -6.59 -8.76
CA THR A 25 8.76 -7.75 -7.92
C THR A 25 7.43 -8.32 -8.41
N PHE A 26 6.47 -7.46 -8.73
CA PHE A 26 5.12 -7.90 -9.19
C PHE A 26 5.26 -8.61 -10.53
N VAL A 27 6.00 -8.02 -11.48
CA VAL A 27 6.19 -8.61 -12.83
C VAL A 27 6.90 -9.96 -12.67
N LYS A 28 8.02 -10.02 -11.93
CA LYS A 28 8.82 -11.25 -11.73
C LYS A 28 7.92 -12.36 -11.17
N ARG A 29 7.14 -12.06 -10.15
CA ARG A 29 6.16 -13.01 -9.58
C ARG A 29 5.29 -13.60 -10.70
N HIS A 30 4.85 -12.79 -11.66
CA HIS A 30 4.01 -13.26 -12.79
C HIS A 30 4.84 -14.06 -13.80
N LEU A 31 6.11 -13.71 -14.06
CA LEU A 31 6.95 -14.39 -15.07
C LEU A 31 7.41 -15.77 -14.60
N THR A 32 7.87 -15.89 -13.34
CA THR A 32 8.61 -17.08 -12.82
C THR A 32 7.89 -17.70 -11.62
N GLY A 33 7.02 -16.96 -10.94
CA GLY A 33 6.34 -17.39 -9.70
C GLY A 33 7.10 -17.00 -8.44
N GLU A 34 8.32 -16.48 -8.57
CA GLU A 34 9.23 -16.21 -7.41
C GLU A 34 8.87 -14.88 -6.72
N PHE A 35 9.21 -14.77 -5.44
CA PHE A 35 9.16 -13.50 -4.69
C PHE A 35 10.60 -13.02 -4.42
N GLU A 36 11.02 -11.95 -5.08
CA GLU A 36 12.37 -11.35 -4.88
C GLU A 36 12.28 -10.44 -3.66
N LYS A 37 13.00 -10.77 -2.58
CA LYS A 37 13.00 -9.95 -1.33
C LYS A 37 13.96 -8.75 -1.48
N LYS A 38 14.97 -8.84 -2.35
CA LYS A 38 16.02 -7.80 -2.45
C LYS A 38 15.53 -6.69 -3.38
N TYR A 39 15.93 -5.46 -3.09
CA TYR A 39 15.62 -4.24 -3.91
C TYR A 39 16.78 -3.90 -4.83
N VAL A 40 16.73 -4.31 -6.11
CA VAL A 40 17.72 -3.89 -7.12
C VAL A 40 16.98 -2.93 -8.04
N ALA A 41 17.22 -1.62 -7.88
CA ALA A 41 16.54 -0.57 -8.66
C ALA A 41 16.65 -0.85 -10.17
N THR A 42 15.53 -0.76 -10.90
CA THR A 42 15.51 -0.92 -12.38
C THR A 42 16.30 0.26 -12.98
N LEU A 43 17.10 -0.02 -14.02
CA LEU A 43 17.87 0.99 -14.79
C LEU A 43 17.12 1.25 -16.11
N GLY A 44 16.37 2.35 -16.18
CA GLY A 44 15.61 2.72 -17.38
C GLY A 44 14.36 1.88 -17.52
N VAL A 45 14.46 0.73 -18.16
CA VAL A 45 13.31 -0.18 -18.40
C VAL A 45 13.82 -1.61 -18.54
N GLU A 46 13.03 -2.57 -18.08
CA GLU A 46 13.21 -4.02 -18.32
C GLU A 46 12.00 -4.46 -19.14
N VAL A 47 12.21 -5.07 -20.30
CA VAL A 47 11.09 -5.57 -21.16
C VAL A 47 11.02 -7.08 -21.01
N HIS A 48 9.83 -7.61 -20.73
CA HIS A 48 9.59 -9.06 -20.63
C HIS A 48 8.24 -9.41 -21.26
N PRO A 49 8.15 -10.43 -22.12
CA PRO A 49 6.86 -10.93 -22.55
C PRO A 49 6.14 -11.71 -21.44
N LEU A 50 4.83 -11.53 -21.32
CA LEU A 50 4.00 -12.23 -20.32
C LEU A 50 2.68 -12.70 -20.98
N VAL A 51 2.43 -14.00 -20.97
CA VAL A 51 1.30 -14.67 -21.66
C VAL A 51 0.35 -15.20 -20.60
N PHE A 52 -0.95 -14.90 -20.72
CA PHE A 52 -2.03 -15.56 -19.97
C PHE A 52 -2.86 -16.36 -20.95
N HIS A 53 -3.36 -17.51 -20.51
CA HIS A 53 -4.32 -18.36 -21.24
C HIS A 53 -5.75 -17.99 -20.81
N THR A 54 -6.58 -17.56 -21.76
CA THR A 54 -7.98 -17.14 -21.50
C THR A 54 -8.92 -18.05 -22.26
N ASN A 55 -10.20 -17.99 -21.92
CA ASN A 55 -11.29 -18.72 -22.64
C ASN A 55 -11.42 -18.18 -24.07
N ARG A 56 -10.78 -17.05 -24.40
CA ARG A 56 -10.74 -16.48 -25.78
C ARG A 56 -9.35 -16.69 -26.40
N GLY A 57 -8.54 -17.58 -25.84
CA GLY A 57 -7.20 -17.89 -26.38
C GLY A 57 -6.12 -17.12 -25.62
N PRO A 58 -4.84 -17.28 -26.01
CA PRO A 58 -3.74 -16.67 -25.29
C PRO A 58 -3.71 -15.16 -25.55
N ILE A 59 -3.38 -14.40 -24.51
CA ILE A 59 -3.10 -12.94 -24.63
C ILE A 59 -1.67 -12.71 -24.13
N LYS A 60 -0.88 -11.97 -24.88
CA LYS A 60 0.53 -11.65 -24.55
C LYS A 60 0.62 -10.17 -24.23
N PHE A 61 1.22 -9.85 -23.09
CA PHE A 61 1.62 -8.48 -22.70
C PHE A 61 3.14 -8.33 -22.93
N ASN A 62 3.49 -7.30 -23.69
CA ASN A 62 4.88 -6.82 -23.85
C ASN A 62 5.08 -5.84 -22.68
N VAL A 63 5.61 -6.31 -21.55
CA VAL A 63 5.63 -5.54 -20.28
C VAL A 63 6.89 -4.69 -20.20
N TRP A 64 6.72 -3.38 -20.25
CA TRP A 64 7.78 -2.36 -20.09
C TRP A 64 7.76 -1.91 -18.64
N ASP A 65 8.60 -2.55 -17.82
CA ASP A 65 8.77 -2.28 -16.38
C ASP A 65 9.79 -1.15 -16.22
N THR A 66 9.34 0.09 -15.97
CA THR A 66 10.18 1.31 -15.97
C THR A 66 10.75 1.62 -14.57
N ALA A 67 11.86 2.34 -14.54
CA ALA A 67 12.57 2.84 -13.34
C ALA A 67 11.76 3.96 -12.70
N GLY A 68 11.55 3.86 -11.38
CA GLY A 68 10.89 4.89 -10.57
C GLY A 68 11.83 5.93 -9.99
N LEU A 69 13.11 5.61 -9.77
CA LEU A 69 14.09 6.59 -9.24
C LEU A 69 14.50 7.53 -10.37
N GLU A 70 14.37 8.84 -10.15
CA GLU A 70 14.79 9.94 -11.07
C GLU A 70 16.20 9.66 -11.61
N LYS A 71 17.15 9.24 -10.77
CA LYS A 71 18.55 9.08 -11.22
C LYS A 71 18.68 7.87 -12.16
N PHE A 72 17.76 6.91 -12.18
CA PHE A 72 17.83 5.73 -13.08
C PHE A 72 16.70 5.79 -14.12
N GLY A 73 16.11 6.96 -14.30
CA GLY A 73 14.90 7.19 -15.11
C GLY A 73 15.07 6.86 -16.59
N GLY A 74 16.29 6.93 -17.12
CA GLY A 74 16.59 6.75 -18.55
C GLY A 74 15.71 7.61 -19.45
N LEU A 75 15.00 7.00 -20.40
CA LEU A 75 14.25 7.70 -21.47
C LEU A 75 12.94 8.28 -20.94
N ARG A 76 12.53 7.93 -19.72
CA ARG A 76 11.34 8.48 -19.03
C ARG A 76 10.10 8.23 -19.90
N ASP A 77 9.47 9.28 -20.41
CA ASP A 77 8.17 9.18 -21.13
C ASP A 77 8.39 8.59 -22.53
N GLY A 78 9.63 8.53 -23.01
CA GLY A 78 10.01 7.76 -24.22
C GLY A 78 9.64 6.29 -24.11
N TYR A 79 9.50 5.75 -22.90
CA TYR A 79 9.09 4.34 -22.70
C TYR A 79 7.58 4.21 -22.94
N TYR A 80 6.82 5.31 -22.89
CA TYR A 80 5.33 5.20 -22.95
C TYR A 80 4.82 5.18 -24.39
N ILE A 81 5.65 5.46 -25.39
CA ILE A 81 5.21 5.61 -26.82
C ILE A 81 4.54 4.30 -27.26
N GLN A 82 3.30 4.37 -27.73
CA GLN A 82 2.56 3.24 -28.35
C GLN A 82 2.18 2.19 -27.27
N ALA A 83 2.18 2.57 -26.00
CA ALA A 83 1.62 1.71 -24.94
C ALA A 83 0.13 1.59 -25.20
N GLN A 84 -0.42 0.40 -25.01
CA GLN A 84 -1.85 0.12 -25.21
C GLN A 84 -2.55 0.00 -23.86
N CYS A 85 -1.79 -0.07 -22.77
CA CYS A 85 -2.34 -0.17 -21.41
C CYS A 85 -1.22 0.13 -20.42
N ALA A 86 -1.58 0.34 -19.16
CA ALA A 86 -0.61 0.76 -18.13
C ALA A 86 -1.09 0.35 -16.74
N ILE A 87 -0.12 0.13 -15.85
CA ILE A 87 -0.31 0.04 -14.39
C ILE A 87 0.49 1.18 -13.72
N ILE A 88 -0.16 1.95 -12.88
CA ILE A 88 0.51 2.92 -11.97
C ILE A 88 0.54 2.26 -10.60
N MET A 89 1.72 2.20 -10.02
CA MET A 89 1.96 1.47 -8.75
C MET A 89 2.36 2.45 -7.65
N PHE A 90 1.78 2.30 -6.48
CA PHE A 90 2.28 2.97 -5.26
C PHE A 90 2.34 1.92 -4.17
N ASP A 91 2.84 2.34 -3.03
CA ASP A 91 3.11 1.50 -1.85
C ASP A 91 2.19 2.02 -0.74
N VAL A 92 1.25 1.20 -0.27
CA VAL A 92 0.28 1.63 0.79
C VAL A 92 1.02 1.84 2.11
N THR A 93 2.30 1.46 2.22
CA THR A 93 3.11 1.77 3.42
C THR A 93 3.85 3.09 3.26
N SER A 94 3.81 3.77 2.11
CA SER A 94 4.59 5.02 1.88
C SER A 94 3.71 6.13 1.26
N ARG A 95 3.34 7.13 2.06
CA ARG A 95 2.42 8.25 1.67
C ARG A 95 2.96 8.99 0.44
N VAL A 96 4.27 9.22 0.39
CA VAL A 96 4.90 10.00 -0.69
C VAL A 96 4.57 9.32 -2.03
N THR A 97 4.50 7.98 -2.07
CA THR A 97 4.31 7.20 -3.32
C THR A 97 2.89 7.42 -3.84
N TYR A 98 1.91 7.62 -2.95
CA TYR A 98 0.55 7.99 -3.37
C TYR A 98 0.53 9.45 -3.82
N LYS A 99 1.22 10.35 -3.12
CA LYS A 99 1.32 11.78 -3.52
C LYS A 99 1.85 11.89 -4.97
N ASN A 100 2.78 11.04 -5.38
CA ASN A 100 3.40 11.08 -6.74
C ASN A 100 2.51 10.42 -7.81
N VAL A 101 1.44 9.70 -7.45
CA VAL A 101 0.53 9.03 -8.42
C VAL A 101 0.07 10.06 -9.47
N PRO A 102 -0.44 11.27 -9.13
CA PRO A 102 -0.86 12.22 -10.14
C PRO A 102 0.25 12.67 -11.08
N ASN A 103 1.50 12.69 -10.61
CA ASN A 103 2.69 13.01 -11.43
C ASN A 103 2.93 11.91 -12.46
N TRP A 104 2.97 10.65 -12.04
CA TRP A 104 3.07 9.50 -12.98
C TRP A 104 1.90 9.49 -13.98
N HIS A 105 0.68 9.71 -13.51
CA HIS A 105 -0.52 9.71 -14.38
C HIS A 105 -0.37 10.83 -15.43
N ARG A 106 0.03 12.03 -15.02
CA ARG A 106 0.24 13.20 -15.91
C ARG A 106 1.24 12.83 -17.03
N ASP A 107 2.41 12.31 -16.68
CA ASP A 107 3.48 12.02 -17.66
C ASP A 107 2.99 10.96 -18.64
N LEU A 108 2.24 9.99 -18.12
CA LEU A 108 1.72 8.85 -18.89
C LEU A 108 0.63 9.29 -19.87
N VAL A 109 -0.39 10.04 -19.46
CA VAL A 109 -1.55 10.34 -20.35
C VAL A 109 -1.16 11.39 -21.39
N ARG A 110 -0.17 12.23 -21.14
CA ARG A 110 0.30 13.21 -22.14
C ARG A 110 0.81 12.49 -23.39
N VAL A 111 1.30 11.26 -23.24
CA VAL A 111 1.84 10.41 -24.35
C VAL A 111 0.79 9.39 -24.83
N CYS A 112 -0.05 8.85 -23.93
CA CYS A 112 -1.01 7.73 -24.14
C CYS A 112 -2.41 8.20 -23.72
N GLU A 113 -3.14 8.84 -24.62
CA GLU A 113 -4.30 9.68 -24.25
C GLU A 113 -5.52 8.82 -23.92
N ASN A 114 -5.66 7.63 -24.51
CA ASN A 114 -6.95 6.89 -24.48
C ASN A 114 -6.67 5.40 -24.20
N ILE A 115 -6.11 5.08 -23.03
CA ILE A 115 -5.69 3.68 -22.76
C ILE A 115 -6.25 3.26 -21.40
N PRO A 116 -6.57 1.97 -21.24
CA PRO A 116 -6.93 1.43 -19.94
C PRO A 116 -5.73 1.44 -18.99
N ILE A 117 -5.98 1.92 -17.78
CA ILE A 117 -4.95 2.09 -16.73
C ILE A 117 -5.51 1.57 -15.41
N VAL A 118 -4.72 0.72 -14.76
CA VAL A 118 -4.98 0.20 -13.41
C VAL A 118 -4.07 0.95 -12.44
N LEU A 119 -4.65 1.44 -11.36
CA LEU A 119 -3.92 1.96 -10.19
C LEU A 119 -3.86 0.85 -9.13
N CYS A 120 -2.64 0.53 -8.70
CA CYS A 120 -2.34 -0.59 -7.79
C CYS A 120 -1.63 -0.08 -6.54
N GLY A 121 -2.27 -0.26 -5.38
CA GLY A 121 -1.67 -0.03 -4.06
C GLY A 121 -1.10 -1.33 -3.58
N ASN A 122 0.23 -1.46 -3.68
CA ASN A 122 0.96 -2.71 -3.37
C ASN A 122 1.30 -2.70 -1.89
N LYS A 123 1.64 -3.88 -1.37
CA LYS A 123 2.16 -4.16 -0.03
C LYS A 123 1.05 -4.06 1.01
N VAL A 124 -0.16 -4.50 0.68
CA VAL A 124 -1.29 -4.51 1.67
C VAL A 124 -1.10 -5.64 2.68
N ASP A 125 -0.14 -6.55 2.50
CA ASP A 125 0.24 -7.61 3.48
C ASP A 125 0.88 -7.00 4.72
N ILE A 126 1.38 -5.76 4.67
CA ILE A 126 2.13 -5.12 5.79
C ILE A 126 1.12 -4.53 6.79
N LYS A 127 1.32 -4.85 8.07
CA LYS A 127 0.42 -4.52 9.20
C LYS A 127 0.23 -3.00 9.29
N ASP A 128 1.29 -2.19 9.19
CA ASP A 128 1.20 -0.72 9.39
C ASP A 128 1.03 -0.02 8.04
N ARG A 129 -0.20 0.00 7.54
CA ARG A 129 -0.63 0.67 6.30
C ARG A 129 -0.71 2.18 6.54
N LYS A 130 -0.07 3.00 5.69
CA LYS A 130 -0.03 4.48 5.85
C LYS A 130 -1.00 5.16 4.88
N VAL A 131 -1.27 4.59 3.71
CA VAL A 131 -2.25 5.19 2.76
C VAL A 131 -3.58 4.46 2.97
N LYS A 132 -4.48 5.05 3.76
CA LYS A 132 -5.75 4.40 4.13
C LYS A 132 -6.73 4.44 2.97
N ALA A 133 -7.53 3.38 2.84
CA ALA A 133 -8.63 3.21 1.87
C ALA A 133 -9.31 4.57 1.60
N LYS A 134 -9.76 5.24 2.63
CA LYS A 134 -10.55 6.49 2.53
C LYS A 134 -9.76 7.56 1.74
N SER A 135 -8.42 7.54 1.73
CA SER A 135 -7.58 8.58 1.07
C SER A 135 -7.45 8.32 -0.43
N ILE A 136 -7.68 7.08 -0.89
CA ILE A 136 -7.39 6.69 -2.30
C ILE A 136 -8.64 6.96 -3.15
N VAL A 137 -8.67 8.12 -3.80
CA VAL A 137 -9.82 8.60 -4.61
C VAL A 137 -9.33 9.13 -5.97
N PHE A 138 -8.03 9.13 -6.24
CA PHE A 138 -7.45 9.77 -7.44
C PHE A 138 -8.01 9.12 -8.71
N HIS A 139 -8.20 7.80 -8.65
CA HIS A 139 -8.70 6.96 -9.76
C HIS A 139 -10.10 7.39 -10.22
N ARG A 140 -10.90 8.02 -9.38
CA ARG A 140 -12.36 8.19 -9.66
C ARG A 140 -12.55 9.12 -10.86
N LYS A 141 -12.05 10.34 -10.77
CA LYS A 141 -12.19 11.35 -11.85
C LYS A 141 -11.31 10.97 -13.05
N LYS A 142 -10.29 10.15 -12.88
CA LYS A 142 -9.41 9.75 -14.03
C LYS A 142 -9.86 8.44 -14.66
N ASN A 143 -10.94 7.82 -14.21
CA ASN A 143 -11.48 6.56 -14.79
C ASN A 143 -10.40 5.47 -14.77
N LEU A 144 -9.58 5.43 -13.71
CA LEU A 144 -8.63 4.31 -13.51
C LEU A 144 -9.36 3.20 -12.73
N GLN A 145 -9.11 1.94 -13.07
CA GLN A 145 -9.39 0.80 -12.17
C GLN A 145 -8.42 0.89 -11.00
N TYR A 146 -8.85 0.56 -9.79
CA TYR A 146 -7.99 0.52 -8.58
C TYR A 146 -8.07 -0.89 -7.98
N TYR A 147 -6.91 -1.44 -7.63
CA TYR A 147 -6.82 -2.66 -6.79
C TYR A 147 -5.79 -2.48 -5.68
N ASP A 148 -6.19 -2.84 -4.47
CA ASP A 148 -5.29 -3.27 -3.37
C ASP A 148 -4.60 -4.54 -3.85
N ILE A 149 -3.27 -4.56 -3.91
CA ILE A 149 -2.52 -5.83 -4.18
C ILE A 149 -1.38 -6.00 -3.18
N SER A 150 -0.89 -7.23 -3.13
CA SER A 150 0.39 -7.64 -2.52
C SER A 150 1.08 -8.64 -3.44
N ALA A 151 2.21 -8.25 -4.01
CA ALA A 151 3.11 -9.17 -4.71
C ALA A 151 3.61 -10.25 -3.74
N LYS A 152 3.60 -10.02 -2.42
CA LYS A 152 4.17 -10.96 -1.44
C LYS A 152 3.13 -12.00 -1.01
N SER A 153 1.91 -11.58 -0.69
CA SER A 153 0.82 -12.52 -0.28
C SER A 153 0.06 -13.01 -1.52
N ASN A 154 0.24 -12.37 -2.68
CA ASN A 154 -0.54 -12.62 -3.93
C ASN A 154 -1.97 -12.11 -3.81
N TYR A 155 -2.30 -11.28 -2.84
CA TYR A 155 -3.64 -10.66 -2.73
C TYR A 155 -3.93 -9.91 -4.04
N ASN A 156 -5.00 -10.31 -4.73
CA ASN A 156 -5.49 -9.68 -6.01
C ASN A 156 -4.40 -9.62 -7.09
N PHE A 157 -3.41 -10.50 -7.10
CA PHE A 157 -2.23 -10.30 -7.98
C PHE A 157 -2.60 -10.57 -9.46
N GLU A 158 -3.66 -11.32 -9.74
CA GLU A 158 -4.15 -11.58 -11.13
C GLU A 158 -5.04 -10.43 -11.64
N LYS A 159 -5.60 -9.63 -10.73
CA LYS A 159 -6.71 -8.69 -11.05
C LYS A 159 -6.29 -7.62 -12.05
N PRO A 160 -5.13 -6.94 -11.89
CA PRO A 160 -4.73 -5.93 -12.86
C PRO A 160 -4.73 -6.47 -14.30
N PHE A 161 -4.21 -7.68 -14.52
CA PHE A 161 -4.03 -8.25 -15.89
C PHE A 161 -5.37 -8.74 -16.41
N LEU A 162 -6.21 -9.29 -15.54
CA LEU A 162 -7.55 -9.77 -15.93
C LEU A 162 -8.38 -8.56 -16.41
N TRP A 163 -8.34 -7.47 -15.65
CA TRP A 163 -9.09 -6.25 -16.01
C TRP A 163 -8.59 -5.73 -17.36
N LEU A 164 -7.28 -5.60 -17.53
CA LEU A 164 -6.68 -5.00 -18.76
C LEU A 164 -7.06 -5.87 -19.95
N ALA A 165 -7.02 -7.19 -19.82
CA ALA A 165 -7.32 -8.16 -20.90
C ALA A 165 -8.79 -8.02 -21.29
N ARG A 166 -9.68 -7.83 -20.34
CA ARG A 166 -11.12 -7.62 -20.62
C ARG A 166 -11.30 -6.34 -21.42
N LYS A 167 -10.54 -5.31 -21.07
CA LYS A 167 -10.61 -4.00 -21.78
C LYS A 167 -10.00 -4.11 -23.18
N LEU A 168 -8.85 -4.79 -23.33
CA LEU A 168 -8.11 -4.80 -24.61
C LEU A 168 -8.78 -5.73 -25.62
N ILE A 169 -9.33 -6.86 -25.18
CA ILE A 169 -10.04 -7.83 -26.06
C ILE A 169 -11.48 -7.32 -26.29
N GLY A 170 -12.00 -6.48 -25.38
CA GLY A 170 -13.39 -5.99 -25.43
C GLY A 170 -14.37 -7.11 -25.11
N ASP A 171 -14.06 -7.96 -24.13
CA ASP A 171 -14.96 -9.04 -23.62
C ASP A 171 -15.04 -8.96 -22.10
N PRO A 172 -16.19 -8.54 -21.54
CA PRO A 172 -16.33 -8.42 -20.09
C PRO A 172 -16.30 -9.75 -19.33
N ASN A 173 -16.59 -10.87 -20.02
CA ASN A 173 -16.67 -12.24 -19.42
C ASN A 173 -15.39 -13.05 -19.66
N LEU A 174 -14.33 -12.45 -20.20
CA LEU A 174 -13.04 -13.13 -20.42
C LEU A 174 -12.56 -13.67 -19.06
N GLU A 175 -12.11 -14.92 -19.02
CA GLU A 175 -11.60 -15.57 -17.80
C GLU A 175 -10.23 -16.15 -18.10
N PHE A 176 -9.31 -16.15 -17.13
CA PHE A 176 -8.09 -17.01 -17.16
C PHE A 176 -8.54 -18.46 -17.07
N VAL A 177 -7.95 -19.34 -17.86
CA VAL A 177 -8.29 -20.80 -17.84
C VAL A 177 -6.99 -21.59 -17.68
N ALA A 178 -7.13 -22.86 -17.28
CA ALA A 178 -6.01 -23.82 -17.13
C ALA A 178 -5.39 -24.09 -18.51
N MET A 179 -4.13 -23.69 -18.69
CA MET A 179 -3.27 -24.01 -19.86
C MET A 179 -3.20 -25.53 -19.99
N PRO A 180 -3.22 -26.09 -21.22
CA PRO A 180 -3.10 -27.54 -21.42
C PRO A 180 -1.81 -28.11 -20.78
N ALA A 181 -1.89 -29.31 -20.19
CA ALA A 181 -0.79 -29.97 -19.45
C ALA A 181 -0.42 -31.30 -20.14
N ALA A 182 0.59 -31.27 -21.00
CA ALA A 182 1.08 -32.44 -21.80
C ALA A 182 1.50 -33.57 -20.86
N ALA A 183 1.39 -34.82 -21.31
CA ALA A 183 1.93 -36.00 -20.61
C ALA A 183 3.45 -35.85 -20.52
N PRO A 184 4.05 -35.86 -19.31
CA PRO A 184 5.49 -35.60 -19.17
C PRO A 184 6.31 -36.83 -19.54
N PRO A 185 7.55 -36.67 -20.06
CA PRO A 185 8.36 -37.79 -20.54
C PRO A 185 8.92 -38.76 -19.49
N GLU A 186 9.50 -39.85 -19.96
CA GLU A 186 10.00 -40.96 -19.11
C GLU A 186 11.43 -40.65 -18.65
N VAL A 187 11.82 -41.37 -17.60
CA VAL A 187 12.85 -40.94 -16.60
C VAL A 187 14.25 -41.03 -17.21
N VAL A 188 14.58 -42.15 -17.86
CA VAL A 188 15.95 -42.53 -18.31
C VAL A 188 16.89 -42.48 -17.08
N MET A 189 17.64 -41.37 -16.94
N MET A 189 17.63 -41.36 -16.90
CA MET A 189 18.67 -41.08 -15.89
CA MET A 189 18.66 -41.09 -15.86
C MET A 189 20.03 -41.67 -16.32
C MET A 189 20.02 -41.64 -16.35
N ASP A 190 21.10 -40.98 -15.94
CA ASP A 190 22.46 -41.18 -16.51
C ASP A 190 23.40 -41.60 -15.39
N PRO A 191 24.11 -42.76 -15.50
CA PRO A 191 25.11 -43.14 -14.50
C PRO A 191 26.28 -42.13 -14.47
N ALA A 192 26.60 -41.51 -15.61
CA ALA A 192 27.66 -40.46 -15.75
C ALA A 192 27.32 -39.22 -14.90
N LEU A 193 26.05 -38.84 -14.74
CA LEU A 193 25.64 -37.62 -13.99
C LEU A 193 25.24 -37.96 -12.54
N ALA A 194 25.33 -39.22 -12.14
CA ALA A 194 24.93 -39.75 -10.80
C ALA A 194 25.62 -38.96 -9.69
N ALA A 195 26.96 -38.95 -9.68
CA ALA A 195 27.80 -38.26 -8.69
C ALA A 195 27.48 -36.76 -8.72
N GLN A 196 27.26 -36.19 -9.92
CA GLN A 196 26.94 -34.75 -10.12
C GLN A 196 25.64 -34.39 -9.38
N TYR A 197 24.60 -35.23 -9.50
CA TYR A 197 23.28 -34.99 -8.87
C TYR A 197 23.44 -34.94 -7.34
N GLU A 198 24.15 -35.91 -6.75
CA GLU A 198 24.42 -35.96 -5.29
C GLU A 198 24.94 -34.59 -4.80
N HIS A 199 25.85 -33.97 -5.54
CA HIS A 199 26.54 -32.70 -5.16
C HIS A 199 25.52 -31.58 -4.99
N ASP A 200 24.71 -31.39 -6.04
CA ASP A 200 23.77 -30.26 -6.18
C ASP A 200 22.62 -30.43 -5.16
N LEU A 201 22.21 -31.68 -4.91
CA LEU A 201 21.17 -32.04 -3.91
C LEU A 201 21.69 -31.75 -2.51
N GLU A 202 22.98 -32.03 -2.25
CA GLU A 202 23.64 -31.80 -0.94
C GLU A 202 23.54 -30.31 -0.56
N VAL A 203 23.87 -29.41 -1.48
CA VAL A 203 23.84 -27.94 -1.26
C VAL A 203 22.39 -27.48 -1.02
N ALA A 204 21.42 -28.04 -1.75
CA ALA A 204 20.01 -27.59 -1.71
C ALA A 204 19.37 -28.01 -0.39
N GLN A 205 19.60 -29.25 0.05
CA GLN A 205 19.13 -29.82 1.35
C GLN A 205 19.63 -29.01 2.56
N THR A 206 20.81 -28.39 2.46
CA THR A 206 21.50 -27.71 3.59
C THR A 206 21.35 -26.19 3.48
N THR A 207 20.65 -25.68 2.47
CA THR A 207 20.19 -24.27 2.40
C THR A 207 18.72 -24.22 2.78
N ALA A 208 18.35 -23.37 3.73
CA ALA A 208 17.02 -23.39 4.37
C ALA A 208 16.01 -22.78 3.41
N LEU A 209 14.82 -23.34 3.31
CA LEU A 209 13.72 -22.72 2.54
C LEU A 209 13.40 -21.38 3.19
N PRO A 210 13.12 -20.30 2.42
CA PRO A 210 12.73 -19.03 3.01
C PRO A 210 11.33 -19.03 3.64
N ASP A 211 11.09 -18.09 4.55
CA ASP A 211 9.76 -17.78 5.14
C ASP A 211 9.15 -19.02 5.80
N GLU A 212 9.85 -19.67 6.71
CA GLU A 212 9.39 -20.95 7.33
C GLU A 212 8.21 -20.68 8.28
N ASP A 213 7.81 -19.42 8.48
CA ASP A 213 6.66 -19.05 9.35
C ASP A 213 5.39 -18.82 8.53
N ASP A 214 5.43 -18.99 7.22
CA ASP A 214 4.24 -18.77 6.35
C ASP A 214 3.28 -19.96 6.44
N ASP A 215 2.00 -19.72 6.12
CA ASP A 215 0.88 -20.72 6.11
C ASP A 215 1.21 -21.86 5.14
N LEU A 216 1.94 -21.54 4.08
CA LEU A 216 2.44 -22.52 3.08
C LEU A 216 3.88 -22.15 2.74
N THR B 17 -7.56 -28.67 -21.16
CA THR B 17 -6.63 -28.73 -20.00
C THR B 17 -5.69 -29.95 -20.09
N MET B 18 -6.12 -31.05 -20.73
CA MET B 18 -5.36 -32.33 -20.89
C MET B 18 -5.29 -33.08 -19.54
N GLU B 19 -6.39 -33.13 -18.78
CA GLU B 19 -6.50 -33.82 -17.46
C GLU B 19 -7.70 -34.78 -17.43
N GLU B 20 -8.50 -34.83 -18.50
CA GLU B 20 -9.76 -35.61 -18.61
C GLU B 20 -9.47 -37.13 -18.66
N ASP B 21 -8.25 -37.51 -19.09
CA ASP B 21 -7.84 -38.93 -19.30
C ASP B 21 -7.29 -39.53 -17.99
N GLU B 22 -7.31 -38.77 -16.89
CA GLU B 22 -6.58 -39.12 -15.63
C GLU B 22 -7.54 -39.09 -14.43
N GLU B 23 -7.28 -39.96 -13.45
CA GLU B 23 -7.95 -40.00 -12.12
C GLU B 23 -7.05 -39.22 -11.13
N VAL B 24 -7.65 -38.59 -10.13
CA VAL B 24 -6.91 -37.88 -9.04
C VAL B 24 -6.71 -38.85 -7.87
N LEU B 25 -5.47 -39.30 -7.61
CA LEU B 25 -5.15 -40.24 -6.50
C LEU B 25 -5.00 -39.47 -5.18
N TYR B 26 -4.51 -38.24 -5.24
CA TYR B 26 -4.15 -37.41 -4.06
C TYR B 26 -4.11 -35.95 -4.48
N LYS B 27 -4.68 -35.11 -3.62
CA LYS B 27 -4.71 -33.64 -3.80
C LYS B 27 -4.30 -33.03 -2.47
N VAL B 28 -3.37 -32.10 -2.49
CA VAL B 28 -2.97 -31.34 -1.27
C VAL B 28 -2.44 -29.98 -1.68
N ARG B 29 -2.76 -28.96 -0.87
CA ARG B 29 -2.23 -27.58 -1.01
C ARG B 29 -0.78 -27.59 -0.60
N ALA B 30 0.07 -26.90 -1.37
CA ALA B 30 1.55 -26.89 -1.21
C ALA B 30 2.13 -25.65 -1.89
N LYS B 31 3.35 -25.28 -1.48
CA LYS B 31 4.24 -24.32 -2.15
C LYS B 31 5.45 -25.08 -2.69
N LEU B 32 5.86 -24.78 -3.92
CA LEU B 32 6.97 -25.44 -4.63
C LEU B 32 8.08 -24.42 -4.87
N PHE B 33 9.32 -24.85 -4.64
CA PHE B 33 10.56 -24.09 -4.84
C PHE B 33 11.47 -24.87 -5.78
N ARG B 34 12.32 -24.15 -6.50
CA ARG B 34 13.42 -24.73 -7.28
C ARG B 34 14.71 -24.12 -6.75
N PHE B 35 15.75 -24.93 -6.66
CA PHE B 35 17.09 -24.45 -6.25
C PHE B 35 17.76 -23.85 -7.47
N ASP B 36 18.31 -22.64 -7.32
CA ASP B 36 19.25 -21.98 -8.25
C ASP B 36 20.68 -22.26 -7.76
N ALA B 37 21.57 -22.78 -8.63
CA ALA B 37 23.03 -22.93 -8.34
C ALA B 37 23.66 -21.54 -8.18
N ASP B 38 23.44 -20.69 -9.20
CA ASP B 38 24.13 -19.39 -9.41
C ASP B 38 24.09 -18.61 -8.10
N ALA B 39 22.91 -18.13 -7.70
CA ALA B 39 22.60 -17.66 -6.33
C ALA B 39 22.37 -18.92 -5.49
N LYS B 40 23.00 -19.05 -4.32
CA LYS B 40 22.79 -20.26 -3.49
C LYS B 40 21.44 -20.10 -2.77
N GLU B 41 20.33 -20.00 -3.51
CA GLU B 41 19.01 -19.72 -2.88
C GLU B 41 17.87 -20.46 -3.58
N TRP B 42 16.89 -20.86 -2.78
CA TRP B 42 15.57 -21.36 -3.20
C TRP B 42 14.73 -20.22 -3.77
N LYS B 43 13.98 -20.50 -4.83
CA LYS B 43 13.03 -19.56 -5.48
C LYS B 43 11.68 -20.25 -5.59
N GLU B 44 10.62 -19.61 -5.07
CA GLU B 44 9.22 -20.10 -5.25
C GLU B 44 8.94 -20.27 -6.73
N ARG B 45 8.26 -21.34 -7.09
CA ARG B 45 7.79 -21.56 -8.47
C ARG B 45 6.27 -21.42 -8.51
N GLY B 46 5.58 -21.70 -7.42
CA GLY B 46 4.13 -21.60 -7.39
C GLY B 46 3.57 -22.08 -6.08
N THR B 47 2.33 -21.70 -5.79
CA THR B 47 1.51 -22.15 -4.66
C THR B 47 0.15 -22.55 -5.24
N GLY B 48 -0.38 -23.70 -4.81
CA GLY B 48 -1.69 -24.19 -5.28
C GLY B 48 -1.91 -25.66 -4.99
N ASP B 49 -2.87 -26.25 -5.70
CA ASP B 49 -3.25 -27.68 -5.56
C ASP B 49 -2.15 -28.51 -6.27
N CYS B 50 -1.46 -29.34 -5.50
CA CYS B 50 -0.55 -30.40 -6.02
C CYS B 50 -1.37 -31.67 -6.19
N LYS B 51 -1.36 -32.26 -7.39
CA LYS B 51 -2.24 -33.40 -7.72
C LYS B 51 -1.38 -34.56 -8.24
N PHE B 52 -1.72 -35.77 -7.80
CA PHE B 52 -1.20 -37.04 -8.34
C PHE B 52 -2.25 -37.54 -9.35
N LEU B 53 -1.88 -37.57 -10.63
CA LEU B 53 -2.79 -37.93 -11.74
C LEU B 53 -2.35 -39.26 -12.37
N LYS B 54 -3.22 -40.28 -12.27
CA LYS B 54 -3.02 -41.63 -12.87
C LYS B 54 -3.72 -41.65 -14.23
N ASN B 55 -2.90 -41.75 -15.28
CA ASN B 55 -3.34 -41.91 -16.69
C ASN B 55 -4.07 -43.24 -16.83
N LYS B 56 -5.29 -43.21 -17.35
CA LYS B 56 -6.20 -44.38 -17.38
C LYS B 56 -5.82 -45.33 -18.53
N LYS B 57 -4.92 -44.92 -19.42
CA LYS B 57 -4.39 -45.76 -20.54
C LYS B 57 -3.10 -46.48 -20.10
N THR B 58 -2.14 -45.75 -19.49
CA THR B 58 -0.78 -46.23 -19.17
C THR B 58 -0.65 -46.63 -17.69
N ASN B 59 -1.58 -46.20 -16.83
CA ASN B 59 -1.52 -46.36 -15.34
C ASN B 59 -0.32 -45.59 -14.78
N LYS B 60 0.25 -44.65 -15.55
CA LYS B 60 1.40 -43.79 -15.12
C LYS B 60 0.87 -42.61 -14.30
N VAL B 61 1.46 -42.41 -13.11
CA VAL B 61 1.09 -41.34 -12.15
C VAL B 61 2.11 -40.20 -12.28
N ARG B 62 1.61 -38.98 -12.52
CA ARG B 62 2.45 -37.75 -12.57
C ARG B 62 2.07 -36.86 -11.39
N ILE B 63 2.98 -35.96 -11.04
CA ILE B 63 2.65 -34.73 -10.25
C ILE B 63 2.21 -33.67 -11.26
N LEU B 64 1.07 -33.03 -10.99
CA LEU B 64 0.67 -31.82 -11.75
C LEU B 64 0.26 -30.77 -10.73
N MET B 65 0.94 -29.64 -10.77
CA MET B 65 0.70 -28.52 -9.84
C MET B 65 0.40 -27.27 -10.66
N ARG B 66 -0.70 -26.60 -10.33
CA ARG B 66 -1.15 -25.31 -10.94
C ARG B 66 -1.08 -24.21 -9.90
N ARG B 67 -0.73 -22.99 -10.33
CA ARG B 67 -0.71 -21.76 -9.48
C ARG B 67 -2.13 -21.31 -9.17
N ASP B 68 -2.38 -20.82 -7.95
CA ASP B 68 -3.64 -20.12 -7.61
C ASP B 68 -3.88 -18.99 -8.62
N LYS B 69 -5.12 -18.87 -9.11
CA LYS B 69 -5.67 -17.68 -9.83
C LYS B 69 -5.30 -17.70 -11.31
N THR B 70 -4.02 -17.84 -11.65
CA THR B 70 -3.55 -17.87 -13.06
C THR B 70 -3.74 -19.29 -13.59
N LEU B 71 -3.66 -20.29 -12.71
CA LEU B 71 -3.77 -21.75 -13.01
C LEU B 71 -2.62 -22.22 -13.92
N LYS B 72 -1.55 -21.44 -14.06
CA LYS B 72 -0.32 -21.80 -14.82
C LYS B 72 0.38 -22.98 -14.14
N ILE B 73 0.94 -23.87 -14.95
CA ILE B 73 1.60 -25.14 -14.52
C ILE B 73 2.93 -24.78 -13.90
N CYS B 74 3.15 -25.13 -12.64
CA CYS B 74 4.47 -24.94 -11.97
C CYS B 74 5.18 -26.29 -11.76
N ALA B 75 4.51 -27.44 -11.93
CA ALA B 75 5.16 -28.77 -11.86
C ALA B 75 4.40 -29.76 -12.76
N ASN B 76 5.14 -30.46 -13.61
CA ASN B 76 4.59 -31.47 -14.55
C ASN B 76 5.70 -32.51 -14.83
N HIS B 77 5.67 -33.63 -14.13
CA HIS B 77 6.72 -34.68 -14.23
C HIS B 77 6.16 -36.00 -13.68
N ILE B 78 6.67 -37.11 -14.22
CA ILE B 78 6.38 -38.49 -13.71
C ILE B 78 6.98 -38.60 -12.31
N ILE B 79 6.27 -39.26 -11.39
CA ILE B 79 6.81 -39.61 -10.05
C ILE B 79 7.69 -40.86 -10.25
N ALA B 80 8.90 -40.63 -10.73
CA ALA B 80 9.90 -41.68 -11.07
C ALA B 80 10.17 -42.56 -9.86
N PRO B 81 10.29 -43.89 -10.09
CA PRO B 81 10.71 -44.83 -9.04
C PRO B 81 12.06 -44.52 -8.37
N GLU B 82 12.97 -43.88 -9.10
CA GLU B 82 14.37 -43.58 -8.68
C GLU B 82 14.47 -42.31 -7.83
N TYR B 83 13.39 -41.52 -7.68
CA TYR B 83 13.40 -40.24 -6.93
C TYR B 83 13.31 -40.55 -5.44
N THR B 84 13.99 -39.74 -4.62
CA THR B 84 14.05 -39.91 -3.14
C THR B 84 13.69 -38.56 -2.50
N LEU B 85 12.63 -38.57 -1.68
CA LEU B 85 12.21 -37.43 -0.84
C LEU B 85 13.16 -37.29 0.34
N LYS B 86 13.88 -36.17 0.41
CA LYS B 86 14.89 -35.84 1.46
C LYS B 86 14.38 -34.70 2.33
N PRO B 87 14.71 -34.69 3.65
CA PRO B 87 14.39 -33.54 4.48
C PRO B 87 15.16 -32.27 4.04
N ASN B 88 14.56 -31.10 4.21
CA ASN B 88 15.29 -29.79 4.21
C ASN B 88 15.67 -29.46 5.66
N VAL B 89 16.86 -28.89 5.86
CA VAL B 89 17.41 -28.59 7.21
C VAL B 89 16.51 -27.61 7.95
N GLY B 90 15.79 -26.73 7.25
CA GLY B 90 15.00 -25.65 7.85
C GLY B 90 13.56 -26.02 8.18
N SER B 91 13.09 -27.20 7.81
CA SER B 91 11.65 -27.48 7.78
C SER B 91 11.36 -28.88 8.29
N ASP B 92 10.27 -29.06 9.03
CA ASP B 92 9.73 -30.41 9.38
C ASP B 92 8.49 -30.71 8.53
N ARG B 93 8.21 -29.88 7.51
CA ARG B 93 7.00 -30.02 6.68
C ARG B 93 7.33 -29.80 5.21
N SER B 94 8.54 -30.15 4.77
CA SER B 94 9.00 -30.08 3.36
C SER B 94 9.77 -31.34 2.95
N TRP B 95 9.80 -31.61 1.64
CA TRP B 95 10.66 -32.63 1.00
C TRP B 95 11.49 -31.94 -0.07
N VAL B 96 12.74 -32.36 -0.24
CA VAL B 96 13.52 -31.98 -1.43
C VAL B 96 13.83 -33.27 -2.21
N TYR B 97 13.84 -33.14 -3.53
CA TYR B 97 14.11 -34.22 -4.48
C TYR B 97 14.56 -33.59 -5.79
N ALA B 98 15.50 -34.26 -6.46
CA ALA B 98 15.95 -33.97 -7.83
C ALA B 98 14.92 -34.58 -8.78
N CYS B 99 14.57 -33.81 -9.80
CA CYS B 99 13.65 -34.23 -10.87
C CYS B 99 14.43 -34.15 -12.17
N THR B 100 14.44 -35.21 -12.99
CA THR B 100 15.27 -35.27 -14.22
C THR B 100 14.53 -34.62 -15.39
N ALA B 101 13.20 -34.68 -15.45
CA ALA B 101 12.40 -34.21 -16.62
C ALA B 101 11.07 -33.58 -16.20
N ASP B 102 11.08 -32.27 -15.95
CA ASP B 102 9.87 -31.46 -15.69
C ASP B 102 9.54 -30.58 -16.90
N ILE B 103 8.27 -30.56 -17.33
CA ILE B 103 7.83 -29.94 -18.63
C ILE B 103 6.83 -28.79 -18.37
N ALA B 104 6.82 -28.22 -17.16
CA ALA B 104 5.94 -27.11 -16.74
C ALA B 104 6.22 -25.86 -17.60
N GLU B 105 7.47 -25.43 -17.72
CA GLU B 105 7.91 -24.25 -18.51
C GLU B 105 8.05 -24.64 -19.98
N GLY B 106 8.03 -25.94 -20.30
CA GLY B 106 7.77 -26.42 -21.66
C GLY B 106 8.77 -27.49 -22.06
N GLU B 107 10.05 -27.14 -22.13
CA GLU B 107 11.12 -28.06 -22.60
C GLU B 107 11.70 -28.84 -21.39
N ALA B 108 11.79 -30.17 -21.48
CA ALA B 108 12.17 -31.07 -20.36
C ALA B 108 13.46 -30.56 -19.71
N GLU B 109 13.40 -30.25 -18.42
CA GLU B 109 14.58 -29.76 -17.66
C GLU B 109 14.72 -30.59 -16.39
N ALA B 110 15.97 -30.69 -15.91
CA ALA B 110 16.34 -31.16 -14.57
C ALA B 110 16.14 -30.01 -13.59
N PHE B 111 15.56 -30.29 -12.42
CA PHE B 111 15.44 -29.32 -11.31
C PHE B 111 15.73 -30.04 -10.00
N THR B 112 16.28 -29.32 -9.05
CA THR B 112 16.16 -29.65 -7.60
C THR B 112 14.96 -28.88 -7.06
N PHE B 113 13.92 -29.62 -6.67
CA PHE B 113 12.64 -29.10 -6.16
C PHE B 113 12.65 -29.23 -4.64
N ALA B 114 11.94 -28.32 -3.97
CA ALA B 114 11.45 -28.47 -2.59
C ALA B 114 9.97 -28.18 -2.60
N ILE B 115 9.20 -28.97 -1.87
CA ILE B 115 7.73 -28.77 -1.76
C ILE B 115 7.40 -28.70 -0.28
N ARG B 116 6.71 -27.64 0.13
CA ARG B 116 6.36 -27.40 1.54
C ARG B 116 4.82 -27.46 1.66
N PHE B 117 4.32 -27.93 2.79
CA PHE B 117 2.88 -28.19 3.05
C PHE B 117 2.45 -27.40 4.27
N GLY B 118 1.16 -27.42 4.58
CA GLY B 118 0.58 -26.65 5.71
C GLY B 118 1.01 -27.19 7.07
N SER B 119 1.44 -28.45 7.14
CA SER B 119 1.61 -29.21 8.41
C SER B 119 2.52 -30.40 8.16
N LYS B 120 3.12 -30.91 9.24
CA LYS B 120 3.99 -32.12 9.23
C LYS B 120 3.18 -33.32 8.72
N GLU B 121 1.92 -33.42 9.12
CA GLU B 121 0.97 -34.49 8.71
C GLU B 121 0.82 -34.51 7.19
N ASN B 122 0.53 -33.36 6.57
CA ASN B 122 0.39 -33.23 5.09
C ASN B 122 1.69 -33.66 4.41
N ALA B 123 2.86 -33.27 4.95
CA ALA B 123 4.18 -33.67 4.41
C ALA B 123 4.32 -35.19 4.46
N ASP B 124 3.91 -35.81 5.58
CA ASP B 124 4.09 -37.28 5.81
C ASP B 124 3.07 -38.04 4.94
N LYS B 125 1.83 -37.57 4.84
CA LYS B 125 0.79 -38.12 3.92
C LYS B 125 1.31 -38.01 2.48
N PHE B 126 1.86 -36.86 2.08
CA PHE B 126 2.44 -36.63 0.72
C PHE B 126 3.47 -37.72 0.41
N LYS B 127 4.38 -38.00 1.36
CA LYS B 127 5.50 -38.97 1.21
C LYS B 127 4.93 -40.39 1.04
N GLU B 128 3.95 -40.74 1.88
CA GLU B 128 3.25 -42.04 1.80
C GLU B 128 2.63 -42.21 0.40
N GLU B 129 1.88 -41.21 -0.08
CA GLU B 129 1.21 -41.22 -1.41
C GLU B 129 2.24 -41.27 -2.55
N PHE B 130 3.36 -40.55 -2.40
CA PHE B 130 4.46 -40.45 -3.39
C PHE B 130 5.14 -41.82 -3.54
N GLU B 131 5.33 -42.56 -2.43
CA GLU B 131 5.90 -43.93 -2.49
C GLU B 131 4.86 -44.87 -3.12
N LYS B 132 3.58 -44.76 -2.75
CA LYS B 132 2.47 -45.51 -3.39
C LYS B 132 2.47 -45.28 -4.90
N ALA B 133 2.70 -44.03 -5.36
CA ALA B 133 2.71 -43.65 -6.79
C ALA B 133 3.98 -44.23 -7.46
N GLN B 134 5.11 -44.26 -6.74
CA GLN B 134 6.36 -44.91 -7.22
C GLN B 134 6.11 -46.40 -7.51
N GLU B 135 5.34 -47.10 -6.66
CA GLU B 135 5.07 -48.56 -6.79
C GLU B 135 4.18 -48.77 -8.02
N ILE B 136 3.17 -47.91 -8.19
CA ILE B 136 2.27 -47.95 -9.38
C ILE B 136 3.11 -47.72 -10.65
N ASN B 137 4.10 -46.82 -10.62
CA ASN B 137 4.93 -46.49 -11.80
C ASN B 137 5.96 -47.60 -12.08
N LYS B 138 6.35 -48.43 -11.10
CA LYS B 138 7.29 -49.57 -11.32
C LYS B 138 6.65 -50.68 -12.17
N LYS B 139 5.36 -50.98 -11.98
CA LYS B 139 4.60 -51.96 -12.81
C LYS B 139 4.49 -51.49 -14.26
N GLY C 2 29.10 -3.06 -31.04
CA GLY C 2 28.27 -3.13 -32.26
C GLY C 2 28.29 -1.82 -33.04
N SER C 3 27.64 -1.81 -34.20
CA SER C 3 27.55 -0.61 -35.07
C SER C 3 26.77 0.53 -34.40
N MET C 4 25.74 0.17 -33.61
CA MET C 4 24.85 1.15 -32.96
C MET C 4 25.64 2.09 -32.04
N GLU C 5 26.62 1.57 -31.31
CA GLU C 5 27.42 2.40 -30.38
C GLU C 5 28.05 3.61 -31.08
N GLY C 6 27.99 3.67 -32.41
CA GLY C 6 28.57 4.80 -33.18
C GLY C 6 27.95 6.14 -32.86
N ILE C 7 26.66 6.20 -32.53
CA ILE C 7 25.96 7.47 -32.18
C ILE C 7 26.54 8.08 -30.90
N LEU C 8 27.18 7.28 -30.03
CA LEU C 8 27.77 7.75 -28.74
C LEU C 8 29.13 8.43 -28.97
N ASP C 9 29.74 8.23 -30.13
CA ASP C 9 31.05 8.85 -30.48
C ASP C 9 30.78 10.23 -31.09
N PHE C 10 30.95 11.28 -30.29
CA PHE C 10 30.53 12.67 -30.62
C PHE C 10 31.64 13.36 -31.44
N SER C 11 32.86 12.82 -31.43
CA SER C 11 34.00 13.35 -32.23
C SER C 11 33.64 13.30 -33.72
N ASN C 12 32.76 12.38 -34.10
CA ASN C 12 32.20 12.29 -35.48
C ASN C 12 30.85 13.03 -35.52
N ASP C 13 30.44 13.52 -36.69
CA ASP C 13 29.07 14.07 -36.90
C ASP C 13 28.06 12.94 -36.74
N LEU C 14 26.82 13.27 -36.39
CA LEU C 14 25.81 12.25 -36.01
C LEU C 14 25.23 11.64 -37.29
N ASP C 15 25.34 10.31 -37.42
CA ASP C 15 24.68 9.53 -38.49
C ASP C 15 23.22 9.37 -38.09
N ILE C 16 22.36 10.25 -38.60
CA ILE C 16 20.89 10.30 -38.32
C ILE C 16 20.28 8.94 -38.66
N ALA C 17 20.64 8.37 -39.81
CA ALA C 17 20.14 7.05 -40.27
C ALA C 17 20.53 5.97 -39.27
N LEU C 18 21.67 6.11 -38.58
CA LEU C 18 22.13 5.14 -37.56
C LEU C 18 21.26 5.30 -36.31
N LEU C 19 21.04 6.54 -35.86
CA LEU C 19 20.15 6.89 -34.73
C LEU C 19 18.75 6.27 -34.98
N ASP C 20 18.21 6.44 -36.19
CA ASP C 20 16.85 5.95 -36.56
C ASP C 20 16.81 4.42 -36.44
N GLN C 21 17.91 3.73 -36.78
CA GLN C 21 17.98 2.25 -36.70
C GLN C 21 17.99 1.83 -35.21
N VAL C 22 18.82 2.48 -34.40
CA VAL C 22 18.94 2.23 -32.93
C VAL C 22 17.55 2.41 -32.30
N VAL C 23 16.88 3.51 -32.63
CA VAL C 23 15.53 3.85 -32.10
C VAL C 23 14.53 2.77 -32.56
N SER C 24 14.54 2.38 -33.83
CA SER C 24 13.68 1.28 -34.37
C SER C 24 13.99 -0.05 -33.66
N THR C 25 15.26 -0.39 -33.49
CA THR C 25 15.69 -1.63 -32.78
C THR C 25 15.15 -1.62 -31.34
N PHE C 26 15.06 -0.45 -30.71
CA PHE C 26 14.57 -0.30 -29.31
C PHE C 26 13.05 -0.51 -29.26
N TYR C 27 12.31 0.20 -30.11
CA TYR C 27 10.84 0.24 -30.05
C TYR C 27 10.28 -1.05 -30.68
N GLN C 28 10.90 -1.55 -31.76
CA GLN C 28 10.32 -2.65 -32.61
C GLN C 28 11.08 -3.97 -32.44
N GLY C 29 12.32 -3.96 -31.93
CA GLY C 29 13.14 -5.18 -31.74
C GLY C 29 12.74 -5.97 -30.51
N GLU C 30 13.55 -6.98 -30.16
CA GLU C 30 13.26 -8.01 -29.11
C GLU C 30 14.53 -8.36 -28.33
N GLY C 31 14.37 -8.84 -27.09
CA GLY C 31 15.40 -9.49 -26.26
C GLY C 31 16.71 -8.72 -26.20
N VAL C 32 17.80 -9.30 -26.71
CA VAL C 32 19.21 -8.84 -26.52
C VAL C 32 19.44 -7.54 -27.29
N GLN C 33 19.01 -7.51 -28.56
CA GLN C 33 19.16 -6.33 -29.46
C GLN C 33 18.41 -5.11 -28.86
N GLN C 34 17.17 -5.31 -28.40
CA GLN C 34 16.33 -4.25 -27.79
C GLN C 34 17.05 -3.68 -26.57
N LYS C 35 17.61 -4.56 -25.72
CA LYS C 35 18.27 -4.14 -24.45
C LYS C 35 19.51 -3.29 -24.77
N GLN C 36 20.28 -3.62 -25.81
CA GLN C 36 21.52 -2.88 -26.18
C GLN C 36 21.16 -1.49 -26.71
N ALA C 37 20.18 -1.41 -27.62
CA ALA C 37 19.70 -0.13 -28.19
C ALA C 37 19.28 0.79 -27.02
N GLN C 38 18.55 0.24 -26.06
CA GLN C 38 18.02 0.94 -24.87
C GLN C 38 19.17 1.60 -24.10
N GLU C 39 20.23 0.85 -23.80
CA GLU C 39 21.40 1.34 -23.03
C GLU C 39 22.07 2.45 -23.83
N ILE C 40 22.17 2.27 -25.13
CA ILE C 40 22.84 3.21 -26.08
C ILE C 40 22.05 4.52 -26.11
N LEU C 41 20.72 4.43 -26.32
CA LEU C 41 19.84 5.63 -26.38
C LEU C 41 19.91 6.38 -25.06
N THR C 42 20.00 5.67 -23.93
CA THR C 42 20.08 6.26 -22.57
C THR C 42 21.36 7.10 -22.46
N LYS C 43 22.50 6.57 -22.89
CA LYS C 43 23.81 7.26 -22.82
C LYS C 43 23.84 8.43 -23.82
N PHE C 44 23.25 8.26 -24.99
CA PHE C 44 23.13 9.35 -25.98
C PHE C 44 22.36 10.49 -25.31
N GLN C 45 21.15 10.20 -24.81
CA GLN C 45 20.26 11.21 -24.18
C GLN C 45 20.98 11.89 -23.01
N ASP C 46 21.78 11.15 -22.25
CA ASP C 46 22.37 11.64 -20.97
C ASP C 46 23.67 12.40 -21.24
N ASN C 47 24.17 12.39 -22.47
CA ASN C 47 25.36 13.18 -22.86
C ASN C 47 25.02 14.66 -22.72
N PRO C 48 25.79 15.44 -21.93
CA PRO C 48 25.45 16.85 -21.68
C PRO C 48 25.54 17.76 -22.91
N ASP C 49 26.07 17.28 -24.04
CA ASP C 49 26.17 18.05 -25.31
C ASP C 49 25.14 17.54 -26.32
N ALA C 50 24.41 16.47 -26.00
CA ALA C 50 23.39 15.88 -26.89
C ALA C 50 22.39 16.94 -27.38
N TRP C 51 22.10 17.98 -26.58
CA TRP C 51 21.07 19.00 -26.95
C TRP C 51 21.51 19.72 -28.23
N GLU C 52 22.83 19.85 -28.45
CA GLU C 52 23.38 20.53 -29.64
C GLU C 52 22.92 19.80 -30.91
N LYS C 53 22.65 18.49 -30.82
CA LYS C 53 22.32 17.61 -31.97
C LYS C 53 20.82 17.70 -32.28
N VAL C 54 20.02 18.31 -31.40
CA VAL C 54 18.54 18.27 -31.47
C VAL C 54 18.04 18.93 -32.77
N ASP C 55 18.57 20.09 -33.12
CA ASP C 55 18.12 20.83 -34.34
C ASP C 55 18.38 19.94 -35.57
N GLN C 56 19.54 19.28 -35.61
CA GLN C 56 19.97 18.37 -36.70
C GLN C 56 18.96 17.22 -36.83
N ILE C 57 18.60 16.58 -35.70
CA ILE C 57 17.71 15.38 -35.63
C ILE C 57 16.29 15.77 -36.05
N LEU C 58 15.76 16.90 -35.58
CA LEU C 58 14.39 17.35 -35.93
C LEU C 58 14.27 17.63 -37.44
N GLN C 59 15.32 18.12 -38.08
CA GLN C 59 15.26 18.55 -39.51
C GLN C 59 15.40 17.33 -40.45
N PHE C 60 16.26 16.38 -40.10
CA PHE C 60 16.82 15.38 -41.05
C PHE C 60 16.48 13.94 -40.66
N SER C 61 15.83 13.71 -39.53
CA SER C 61 15.35 12.36 -39.13
C SER C 61 13.96 12.14 -39.75
N THR C 62 13.69 10.90 -40.17
CA THR C 62 12.38 10.48 -40.69
C THR C 62 11.72 9.49 -39.72
N ASN C 63 12.26 9.34 -38.50
CA ASN C 63 11.72 8.46 -37.44
C ASN C 63 11.11 9.34 -36.36
N PRO C 64 9.77 9.36 -36.24
CA PRO C 64 9.09 10.17 -35.22
C PRO C 64 9.56 9.88 -33.78
N GLN C 65 9.94 8.64 -33.50
CA GLN C 65 10.46 8.24 -32.17
C GLN C 65 11.79 8.94 -31.89
N SER C 66 12.63 9.11 -32.92
CA SER C 66 13.94 9.81 -32.81
C SER C 66 13.73 11.26 -32.39
N LYS C 67 12.75 11.92 -32.99
CA LYS C 67 12.46 13.35 -32.75
C LYS C 67 11.87 13.48 -31.35
N PHE C 68 11.09 12.50 -30.92
CA PHE C 68 10.47 12.48 -29.56
C PHE C 68 11.59 12.48 -28.52
N ILE C 69 12.57 11.59 -28.68
CA ILE C 69 13.75 11.44 -27.79
C ILE C 69 14.59 12.73 -27.82
N ALA C 70 14.74 13.34 -29.00
CA ALA C 70 15.43 14.64 -29.21
C ALA C 70 14.74 15.73 -28.39
N LEU C 71 13.41 15.78 -28.40
CA LEU C 71 12.68 16.82 -27.64
C LEU C 71 12.83 16.60 -26.13
N SER C 72 12.92 15.36 -25.63
CA SER C 72 13.27 15.04 -24.21
C SER C 72 14.66 15.61 -23.89
N ILE C 73 15.61 15.46 -24.81
CA ILE C 73 16.99 15.99 -24.59
C ILE C 73 16.91 17.51 -24.48
N LEU C 74 16.11 18.15 -25.32
CA LEU C 74 15.88 19.61 -25.32
C LEU C 74 15.24 20.01 -23.99
N ASP C 75 14.23 19.26 -23.54
CA ASP C 75 13.44 19.55 -22.31
C ASP C 75 14.40 19.56 -21.12
N LYS C 76 15.29 18.58 -21.02
CA LYS C 76 16.34 18.49 -19.97
C LYS C 76 17.19 19.78 -19.99
N LEU C 77 17.59 20.29 -21.15
CA LEU C 77 18.30 21.60 -21.30
C LEU C 77 17.42 22.77 -20.84
N ILE C 78 16.18 22.87 -21.33
CA ILE C 78 15.29 24.04 -21.05
C ILE C 78 14.98 24.12 -19.54
N THR C 79 14.73 22.99 -18.88
CA THR C 79 14.31 22.96 -17.46
C THR C 79 15.50 23.12 -16.52
N ARG C 80 16.74 22.87 -16.97
CA ARG C 80 17.93 22.78 -16.06
C ARG C 80 18.99 23.84 -16.39
N LYS C 81 19.38 24.05 -17.65
CA LYS C 81 20.59 24.87 -17.97
C LYS C 81 20.27 26.02 -18.92
N TRP C 82 18.99 26.29 -19.14
CA TRP C 82 18.48 27.28 -20.13
C TRP C 82 19.17 28.63 -19.96
N LYS C 83 19.36 29.08 -18.72
CA LYS C 83 19.76 30.48 -18.42
C LYS C 83 21.25 30.69 -18.72
N LEU C 84 22.03 29.62 -18.90
CA LEU C 84 23.43 29.69 -19.41
C LEU C 84 23.47 30.15 -20.87
N LEU C 85 22.41 29.92 -21.65
CA LEU C 85 22.45 30.16 -23.10
C LEU C 85 22.40 31.67 -23.34
N PRO C 86 23.15 32.18 -24.32
CA PRO C 86 22.97 33.56 -24.78
C PRO C 86 21.54 33.78 -25.32
N ASN C 87 21.03 34.99 -25.17
CA ASN C 87 19.65 35.37 -25.59
C ASN C 87 19.42 35.00 -27.05
N ASP C 88 20.40 35.22 -27.92
CA ASP C 88 20.25 34.91 -29.37
C ASP C 88 19.98 33.40 -29.55
N HIS C 89 20.63 32.53 -28.77
CA HIS C 89 20.48 31.05 -28.91
C HIS C 89 19.12 30.61 -28.33
N ARG C 90 18.68 31.25 -27.25
CA ARG C 90 17.34 31.01 -26.65
C ARG C 90 16.25 31.30 -27.67
N ILE C 91 16.35 32.43 -28.37
CA ILE C 91 15.39 32.83 -29.46
C ILE C 91 15.55 31.85 -30.64
N GLY C 92 16.77 31.42 -30.96
CA GLY C 92 16.99 30.37 -31.97
C GLY C 92 16.15 29.13 -31.67
N ILE C 93 16.32 28.57 -30.48
CA ILE C 93 15.65 27.31 -30.03
C ILE C 93 14.14 27.55 -30.04
N ARG C 94 13.68 28.62 -29.41
CA ARG C 94 12.26 29.04 -29.41
C ARG C 94 11.70 29.01 -30.85
N ASN C 95 12.38 29.66 -31.80
CA ASN C 95 11.91 29.81 -33.20
C ASN C 95 11.86 28.44 -33.89
N PHE C 96 12.83 27.52 -33.68
CA PHE C 96 12.80 26.20 -34.38
C PHE C 96 11.70 25.30 -33.79
N VAL C 97 11.38 25.45 -32.50
CA VAL C 97 10.29 24.64 -31.85
C VAL C 97 8.95 25.14 -32.37
N VAL C 98 8.72 26.45 -32.38
CA VAL C 98 7.47 27.08 -32.91
C VAL C 98 7.30 26.66 -34.38
N GLY C 99 8.37 26.76 -35.19
CA GLY C 99 8.38 26.46 -36.63
C GLY C 99 8.00 25.01 -36.91
N MET C 100 8.55 24.07 -36.14
CA MET C 100 8.25 22.63 -36.27
C MET C 100 6.77 22.36 -35.91
N ILE C 101 6.22 23.04 -34.90
CA ILE C 101 4.80 22.88 -34.50
C ILE C 101 3.91 23.40 -35.64
N ILE C 102 4.09 24.65 -36.05
CA ILE C 102 3.23 25.28 -37.10
C ILE C 102 3.33 24.44 -38.37
N SER C 103 4.54 24.02 -38.74
CA SER C 103 4.82 23.15 -39.91
C SER C 103 4.05 21.82 -39.84
N MET C 104 4.03 21.15 -38.69
CA MET C 104 3.36 19.83 -38.53
C MET C 104 1.83 19.99 -38.54
N CYS C 105 1.32 21.15 -38.13
CA CYS C 105 -0.13 21.45 -38.07
C CYS C 105 -0.66 21.82 -39.46
N GLN C 106 0.18 22.32 -40.36
CA GLN C 106 -0.25 22.83 -41.69
C GLN C 106 -0.38 21.67 -42.69
N ASP C 107 0.42 20.62 -42.48
CA ASP C 107 0.37 19.32 -43.19
C ASP C 107 -0.70 18.43 -42.52
N ASP C 108 -1.82 18.17 -43.21
CA ASP C 108 -3.00 17.41 -42.70
C ASP C 108 -2.59 15.98 -42.30
N GLU C 109 -1.77 15.31 -43.13
CA GLU C 109 -1.36 13.89 -42.94
C GLU C 109 -0.57 13.78 -41.63
N VAL C 110 0.38 14.69 -41.40
CA VAL C 110 1.28 14.69 -40.20
C VAL C 110 0.45 15.03 -38.97
N PHE C 111 -0.40 16.06 -39.04
CA PHE C 111 -1.32 16.46 -37.94
C PHE C 111 -2.13 15.25 -37.47
N LYS C 112 -2.53 14.39 -38.40
CA LYS C 112 -3.49 13.28 -38.14
C LYS C 112 -2.74 12.13 -37.47
N THR C 113 -1.54 11.79 -37.96
CA THR C 113 -0.80 10.51 -37.70
C THR C 113 0.35 10.69 -36.69
N GLN C 114 0.80 11.92 -36.41
CA GLN C 114 1.98 12.17 -35.53
C GLN C 114 1.55 12.91 -34.26
N LYS C 115 0.41 12.57 -33.66
CA LYS C 115 -0.13 13.26 -32.46
C LYS C 115 0.87 13.16 -31.31
N ASN C 116 1.56 12.02 -31.14
CA ASN C 116 2.60 11.86 -30.10
C ASN C 116 3.61 13.00 -30.19
N LEU C 117 4.21 13.20 -31.35
CA LEU C 117 5.31 14.17 -31.55
C LEU C 117 4.79 15.63 -31.43
N ILE C 118 3.58 15.91 -31.92
CA ILE C 118 3.01 17.29 -31.80
C ILE C 118 2.80 17.63 -30.31
N ASN C 119 2.23 16.72 -29.52
CA ASN C 119 1.89 16.96 -28.10
C ASN C 119 3.18 17.14 -27.30
N LYS C 120 4.22 16.38 -27.65
CA LYS C 120 5.56 16.46 -27.02
C LYS C 120 6.19 17.80 -27.36
N SER C 121 6.04 18.24 -28.61
CA SER C 121 6.53 19.53 -29.13
C SER C 121 5.85 20.67 -28.35
N ASP C 122 4.54 20.56 -28.19
CA ASP C 122 3.72 21.55 -27.44
C ASP C 122 4.22 21.61 -26.00
N LEU C 123 4.46 20.46 -25.38
CA LEU C 123 4.96 20.40 -23.98
C LEU C 123 6.33 21.07 -23.94
N THR C 124 7.16 20.84 -24.95
CA THR C 124 8.50 21.47 -25.05
C THR C 124 8.34 23.00 -25.10
N LEU C 125 7.44 23.52 -25.95
CA LEU C 125 7.11 24.96 -26.03
C LEU C 125 6.70 25.49 -24.64
N VAL C 126 5.83 24.78 -23.94
CA VAL C 126 5.33 25.20 -22.59
C VAL C 126 6.52 25.31 -21.63
N GLN C 127 7.53 24.43 -21.73
CA GLN C 127 8.74 24.52 -20.85
C GLN C 127 9.48 25.84 -21.15
N ILE C 128 9.55 26.25 -22.42
CA ILE C 128 10.13 27.55 -22.86
C ILE C 128 9.27 28.69 -22.29
N LEU C 129 7.94 28.62 -22.40
CA LEU C 129 7.06 29.68 -21.81
C LEU C 129 7.34 29.84 -20.32
N LYS C 130 7.60 28.76 -19.60
CA LYS C 130 7.86 28.81 -18.14
C LYS C 130 9.14 29.59 -17.88
N GLN C 131 10.09 29.56 -18.82
CA GLN C 131 11.38 30.28 -18.69
C GLN C 131 11.25 31.72 -19.17
N GLU C 132 10.60 31.93 -20.31
CA GLU C 132 10.72 33.17 -21.12
C GLU C 132 9.50 34.08 -20.96
N TRP C 133 8.32 33.56 -20.56
CA TRP C 133 7.04 34.28 -20.77
C TRP C 133 6.50 34.76 -19.41
N PRO C 134 5.87 35.95 -19.35
CA PRO C 134 5.81 36.92 -20.46
C PRO C 134 6.94 37.97 -20.57
N GLN C 135 7.89 37.97 -19.65
CA GLN C 135 8.94 39.04 -19.54
C GLN C 135 9.78 39.12 -20.82
N ASN C 136 10.14 37.99 -21.46
CA ASN C 136 10.94 38.00 -22.72
C ASN C 136 10.10 37.54 -23.92
N TRP C 137 8.76 37.61 -23.85
CA TRP C 137 7.85 37.11 -24.92
C TRP C 137 6.46 37.71 -24.73
N PRO C 138 6.32 39.04 -24.60
CA PRO C 138 5.04 39.66 -24.28
C PRO C 138 3.89 39.38 -25.26
N GLU C 139 4.22 39.03 -26.51
CA GLU C 139 3.24 38.94 -27.62
C GLU C 139 2.83 37.47 -27.86
N PHE C 140 3.31 36.53 -27.05
CA PHE C 140 3.01 35.09 -27.23
C PHE C 140 1.50 34.88 -27.39
N ILE C 141 0.71 35.41 -26.44
CA ILE C 141 -0.75 35.11 -26.35
C ILE C 141 -1.48 35.79 -27.50
N PRO C 142 -1.28 37.11 -27.77
CA PRO C 142 -1.85 37.73 -28.97
C PRO C 142 -1.50 37.00 -30.28
N GLU C 143 -0.26 36.58 -30.47
CA GLU C 143 0.17 35.87 -31.72
C GLU C 143 -0.53 34.50 -31.82
N LEU C 144 -0.56 33.73 -30.72
CA LEU C 144 -1.28 32.43 -30.64
C LEU C 144 -2.75 32.61 -31.02
N ILE C 145 -3.45 33.61 -30.46
CA ILE C 145 -4.86 33.95 -30.81
C ILE C 145 -4.94 34.28 -32.31
N GLY C 146 -4.09 35.19 -32.80
CA GLY C 146 -4.06 35.58 -34.22
C GLY C 146 -3.90 34.37 -35.13
N SER C 147 -2.84 33.58 -34.89
CA SER C 147 -2.47 32.35 -35.65
C SER C 147 -3.63 31.33 -35.64
N SER C 148 -4.58 31.46 -34.72
CA SER C 148 -5.69 30.50 -34.52
C SER C 148 -6.77 30.68 -35.60
N SER C 149 -6.98 31.88 -36.12
CA SER C 149 -8.01 32.15 -37.16
C SER C 149 -7.51 31.67 -38.54
N SER C 150 -6.22 31.38 -38.70
CA SER C 150 -5.58 31.04 -40.00
C SER C 150 -5.79 29.56 -40.39
N SER C 151 -6.28 28.71 -39.48
CA SER C 151 -6.30 27.23 -39.67
C SER C 151 -6.97 26.55 -38.47
N VAL C 152 -7.81 25.55 -38.76
CA VAL C 152 -8.52 24.72 -37.75
C VAL C 152 -7.50 23.86 -36.98
N ASN C 153 -6.46 23.36 -37.67
CA ASN C 153 -5.42 22.49 -37.10
C ASN C 153 -4.59 23.27 -36.08
N VAL C 154 -4.21 24.50 -36.41
CA VAL C 154 -3.37 25.37 -35.56
C VAL C 154 -4.20 25.78 -34.35
N CYS C 155 -5.47 26.14 -34.56
CA CYS C 155 -6.42 26.54 -33.50
C CYS C 155 -6.55 25.39 -32.50
N GLU C 156 -6.76 24.16 -32.99
CA GLU C 156 -6.91 22.94 -32.16
C GLU C 156 -5.63 22.71 -31.34
N ASN C 157 -4.48 22.84 -32.00
CA ASN C 157 -3.17 22.58 -31.37
C ASN C 157 -2.88 23.68 -30.34
N ASN C 158 -3.36 24.90 -30.60
CA ASN C 158 -3.22 26.04 -29.67
C ASN C 158 -4.02 25.75 -28.39
N MET C 159 -5.16 25.08 -28.50
CA MET C 159 -5.95 24.65 -27.32
C MET C 159 -5.14 23.64 -26.51
N ILE C 160 -4.34 22.78 -27.15
CA ILE C 160 -3.48 21.80 -26.43
C ILE C 160 -2.39 22.56 -25.65
N VAL C 161 -1.78 23.57 -26.28
CA VAL C 161 -0.71 24.40 -25.65
C VAL C 161 -1.29 25.12 -24.44
N LEU C 162 -2.49 25.68 -24.55
CA LEU C 162 -3.08 26.48 -23.45
C LEU C 162 -3.47 25.56 -22.28
N LYS C 163 -3.99 24.39 -22.59
CA LYS C 163 -4.34 23.37 -21.58
C LYS C 163 -3.08 22.98 -20.81
N LEU C 164 -2.01 22.62 -21.52
CA LEU C 164 -0.70 22.24 -20.89
C LEU C 164 -0.11 23.41 -20.10
N LEU C 165 -0.17 24.62 -20.63
CA LEU C 165 0.28 25.83 -19.90
C LEU C 165 -0.51 25.96 -18.58
N SER C 166 -1.85 25.88 -18.65
CA SER C 166 -2.73 25.98 -17.45
C SER C 166 -2.42 24.85 -16.44
N GLU C 167 -2.18 23.62 -16.88
CA GLU C 167 -1.75 22.50 -16.00
C GLU C 167 -0.42 22.86 -15.33
N GLU C 168 0.55 23.35 -16.10
CA GLU C 168 1.93 23.57 -15.59
C GLU C 168 1.94 24.72 -14.57
N VAL C 169 1.10 25.72 -14.74
CA VAL C 169 1.10 26.95 -13.91
C VAL C 169 0.23 26.79 -12.65
N PHE C 170 -0.92 26.12 -12.77
CA PHE C 170 -1.94 26.01 -11.69
C PHE C 170 -2.01 24.62 -11.06
N ASP C 171 -1.85 23.54 -11.82
CA ASP C 171 -2.14 22.18 -11.30
C ASP C 171 -0.85 21.56 -10.75
N PHE C 172 0.31 21.81 -11.36
CA PHE C 172 1.56 21.06 -11.08
C PHE C 172 2.69 21.98 -10.63
N SER C 173 2.41 23.24 -10.32
CA SER C 173 3.46 24.25 -10.01
C SER C 173 3.91 24.12 -8.55
N ALA C 174 3.02 23.77 -7.61
CA ALA C 174 3.30 23.75 -6.16
C ALA C 174 4.65 23.07 -5.94
N GLU C 175 4.88 21.96 -6.60
CA GLU C 175 6.04 21.06 -6.44
C GLU C 175 7.27 21.62 -7.19
N GLN C 176 7.06 22.08 -8.42
CA GLN C 176 8.11 22.16 -9.47
C GLN C 176 8.71 23.56 -9.59
N MET C 177 8.13 24.58 -8.98
CA MET C 177 8.53 26.01 -9.13
C MET C 177 8.67 26.62 -7.75
N THR C 178 9.42 27.69 -7.61
CA THR C 178 9.41 28.52 -6.40
C THR C 178 8.03 29.17 -6.26
N GLN C 179 7.66 29.51 -5.03
CA GLN C 179 6.44 30.27 -4.72
C GLN C 179 6.42 31.55 -5.57
N ALA C 180 7.54 32.27 -5.66
CA ALA C 180 7.60 33.56 -6.38
C ALA C 180 7.39 33.35 -7.90
N LYS C 181 7.95 32.29 -8.48
CA LYS C 181 7.82 32.02 -9.92
C LYS C 181 6.40 31.57 -10.25
N ALA C 182 5.82 30.74 -9.39
CA ALA C 182 4.43 30.24 -9.54
C ALA C 182 3.46 31.43 -9.46
N LEU C 183 3.65 32.35 -8.52
CA LEU C 183 2.78 33.56 -8.38
C LEU C 183 2.90 34.38 -9.67
N HIS C 184 4.12 34.57 -10.15
CA HIS C 184 4.40 35.38 -11.36
C HIS C 184 3.65 34.79 -12.57
N LEU C 185 3.75 33.47 -12.77
CA LEU C 185 3.11 32.81 -13.94
C LEU C 185 1.58 32.80 -13.78
N LYS C 186 1.05 32.60 -12.57
CA LYS C 186 -0.41 32.60 -12.31
C LYS C 186 -1.00 33.98 -12.61
N ASN C 187 -0.41 35.05 -12.08
CA ASN C 187 -0.82 36.46 -12.32
C ASN C 187 -0.74 36.78 -13.81
N SER C 188 0.32 36.31 -14.49
CA SER C 188 0.53 36.52 -15.94
C SER C 188 -0.61 35.86 -16.71
N MET C 189 -0.98 34.62 -16.39
CA MET C 189 -2.07 33.89 -17.11
C MET C 189 -3.41 34.57 -16.82
N SER C 190 -3.61 34.96 -15.57
CA SER C 190 -4.81 35.66 -15.09
C SER C 190 -4.98 36.97 -15.86
N LYS C 191 -3.90 37.73 -16.05
CA LYS C 191 -3.92 39.07 -16.70
C LYS C 191 -4.35 38.93 -18.16
N GLU C 192 -4.00 37.83 -18.84
CA GLU C 192 -4.27 37.68 -20.30
C GLU C 192 -5.47 36.76 -20.53
N PHE C 193 -6.13 36.29 -19.48
CA PHE C 193 -7.18 35.25 -19.63
C PHE C 193 -8.36 35.79 -20.46
N GLU C 194 -8.80 37.03 -20.21
CA GLU C 194 -9.92 37.66 -20.94
C GLU C 194 -9.79 37.36 -22.44
N GLN C 195 -8.60 37.55 -23.01
CA GLN C 195 -8.34 37.26 -24.45
C GLN C 195 -8.47 35.74 -24.70
N ILE C 196 -7.88 34.89 -23.86
CA ILE C 196 -7.90 33.42 -24.07
C ILE C 196 -9.37 32.94 -24.09
N PHE C 197 -10.20 33.44 -23.18
CA PHE C 197 -11.60 33.01 -22.98
C PHE C 197 -12.44 33.39 -24.21
N LYS C 198 -12.30 34.63 -24.69
CA LYS C 198 -12.95 35.15 -25.92
C LYS C 198 -12.72 34.13 -27.06
N LEU C 199 -11.48 33.71 -27.29
CA LEU C 199 -11.15 32.74 -28.37
C LEU C 199 -11.86 31.41 -28.10
N CYS C 200 -11.72 30.88 -26.89
N CYS C 200 -11.68 30.88 -26.88
CA CYS C 200 -12.35 29.60 -26.48
CA CYS C 200 -12.32 29.66 -26.31
C CYS C 200 -13.88 29.68 -26.65
C CYS C 200 -13.83 29.70 -26.61
N PHE C 201 -14.51 30.76 -26.18
CA PHE C 201 -15.98 30.96 -26.29
C PHE C 201 -16.40 31.02 -27.77
N GLN C 202 -15.65 31.74 -28.60
CA GLN C 202 -15.91 31.84 -30.07
C GLN C 202 -15.89 30.43 -30.66
N VAL C 203 -14.82 29.67 -30.45
CA VAL C 203 -14.73 28.26 -30.99
C VAL C 203 -15.97 27.47 -30.56
N LEU C 204 -16.35 27.56 -29.29
CA LEU C 204 -17.50 26.80 -28.73
C LEU C 204 -18.80 27.27 -29.39
N GLU C 205 -19.00 28.57 -29.62
CA GLU C 205 -20.24 29.07 -30.30
C GLU C 205 -20.21 28.69 -31.79
N GLN C 206 -19.05 28.85 -32.45
CA GLN C 206 -18.89 28.75 -33.93
C GLN C 206 -18.90 27.29 -34.38
N GLY C 207 -18.46 26.37 -33.52
CA GLY C 207 -18.71 24.92 -33.67
C GLY C 207 -18.03 24.33 -34.91
N SER C 208 -18.60 23.22 -35.39
CA SER C 208 -18.28 22.50 -36.66
C SER C 208 -17.31 21.34 -36.36
N SER C 209 -16.00 21.61 -36.28
CA SER C 209 -14.97 20.56 -36.08
C SER C 209 -15.12 19.99 -34.67
N SER C 210 -15.50 18.72 -34.55
CA SER C 210 -15.68 18.07 -33.23
C SER C 210 -14.31 17.92 -32.56
N SER C 211 -13.24 17.56 -33.28
CA SER C 211 -11.88 17.42 -32.69
C SER C 211 -11.39 18.77 -32.12
N LEU C 212 -11.72 19.89 -32.78
CA LEU C 212 -11.40 21.25 -32.27
C LEU C 212 -12.25 21.56 -31.03
N ILE C 213 -13.53 21.22 -31.07
CA ILE C 213 -14.48 21.46 -29.95
C ILE C 213 -14.02 20.64 -28.73
N VAL C 214 -13.65 19.38 -28.92
CA VAL C 214 -13.23 18.50 -27.80
C VAL C 214 -11.98 19.14 -27.16
N ALA C 215 -10.98 19.50 -27.96
CA ALA C 215 -9.73 20.10 -27.44
C ALA C 215 -10.02 21.41 -26.69
N THR C 216 -10.99 22.21 -27.14
CA THR C 216 -11.37 23.48 -26.47
C THR C 216 -12.01 23.19 -25.12
N LEU C 217 -12.92 22.21 -25.06
CA LEU C 217 -13.55 21.80 -23.78
C LEU C 217 -12.50 21.19 -22.83
N GLU C 218 -11.49 20.50 -23.36
CA GLU C 218 -10.37 19.89 -22.58
C GLU C 218 -9.61 21.02 -21.90
N SER C 219 -9.42 22.14 -22.59
CA SER C 219 -8.68 23.29 -22.03
C SER C 219 -9.57 23.98 -21.00
N LEU C 220 -10.85 24.11 -21.32
CA LEU C 220 -11.85 24.69 -20.39
C LEU C 220 -11.83 23.92 -19.06
N LEU C 221 -11.84 22.58 -19.11
CA LEU C 221 -11.83 21.73 -17.88
C LEU C 221 -10.66 22.20 -16.99
N ARG C 222 -9.50 22.46 -17.59
CA ARG C 222 -8.30 22.94 -16.83
C ARG C 222 -8.53 24.36 -16.32
N TYR C 223 -9.06 25.26 -17.14
CA TYR C 223 -9.37 26.65 -16.73
C TYR C 223 -10.30 26.68 -15.53
N LEU C 224 -11.26 25.74 -15.45
CA LEU C 224 -12.28 25.72 -14.37
C LEU C 224 -11.66 25.47 -12.99
N HIS C 225 -10.40 24.99 -12.92
CA HIS C 225 -9.69 24.81 -11.62
C HIS C 225 -9.36 26.16 -10.98
N TRP C 226 -9.27 27.26 -11.75
CA TRP C 226 -8.76 28.55 -11.22
C TRP C 226 -9.56 29.79 -11.69
N ILE C 227 -10.29 29.77 -12.80
CA ILE C 227 -10.93 31.03 -13.28
C ILE C 227 -12.10 31.41 -12.40
N PRO C 228 -12.39 32.73 -12.28
CA PRO C 228 -13.55 33.20 -11.53
C PRO C 228 -14.87 32.78 -12.18
N TYR C 229 -15.91 32.71 -11.35
CA TYR C 229 -17.24 32.15 -11.69
C TYR C 229 -17.88 32.93 -12.84
N ARG C 230 -17.59 34.24 -12.96
CA ARG C 230 -18.33 35.12 -13.89
C ARG C 230 -18.11 34.72 -15.36
N TYR C 231 -16.97 34.15 -15.71
CA TYR C 231 -16.71 33.66 -17.09
C TYR C 231 -17.68 32.53 -17.45
N ILE C 232 -18.22 31.86 -16.43
CA ILE C 232 -19.15 30.71 -16.61
C ILE C 232 -20.61 31.20 -16.50
N TYR C 233 -20.90 31.99 -15.47
CA TYR C 233 -22.29 32.39 -15.10
C TYR C 233 -22.75 33.64 -15.85
N GLU C 234 -21.85 34.50 -16.33
CA GLU C 234 -22.23 35.79 -17.00
C GLU C 234 -22.06 35.71 -18.51
N THR C 235 -21.81 34.54 -19.08
CA THR C 235 -21.76 34.32 -20.53
C THR C 235 -22.79 33.24 -20.87
N ASN C 236 -22.88 32.84 -22.12
CA ASN C 236 -23.86 31.80 -22.52
C ASN C 236 -23.23 30.41 -22.33
N ILE C 237 -22.08 30.30 -21.66
CA ILE C 237 -21.29 29.04 -21.74
C ILE C 237 -22.04 27.95 -20.97
N LEU C 238 -22.72 28.29 -19.87
CA LEU C 238 -23.46 27.29 -19.08
C LEU C 238 -24.52 26.61 -19.94
N GLU C 239 -25.32 27.40 -20.68
CA GLU C 239 -26.35 26.87 -21.61
C GLU C 239 -25.68 25.95 -22.63
N LEU C 240 -24.53 26.35 -23.20
CA LEU C 240 -23.88 25.56 -24.28
C LEU C 240 -23.45 24.21 -23.71
N LEU C 241 -22.78 24.20 -22.56
CA LEU C 241 -22.26 22.96 -21.94
C LEU C 241 -23.45 22.04 -21.64
N SER C 242 -24.55 22.57 -21.07
CA SER C 242 -25.64 21.73 -20.52
C SER C 242 -26.69 21.35 -21.59
N THR C 243 -26.69 21.96 -22.77
CA THR C 243 -27.61 21.61 -23.88
C THR C 243 -26.79 21.01 -25.05
N LYS C 244 -26.28 21.85 -25.92
CA LYS C 244 -25.60 21.47 -27.19
C LYS C 244 -24.53 20.38 -26.92
N PHE C 245 -23.61 20.57 -25.99
CA PHE C 245 -22.41 19.69 -25.88
C PHE C 245 -22.75 18.37 -25.17
N MET C 246 -23.91 18.27 -24.52
CA MET C 246 -24.38 16.99 -23.92
C MET C 246 -25.07 16.11 -24.97
N THR C 247 -25.60 16.68 -26.07
CA THR C 247 -26.39 15.93 -27.07
C THR C 247 -25.44 15.10 -27.96
N SER C 248 -24.31 15.64 -28.40
CA SER C 248 -23.35 14.90 -29.25
C SER C 248 -22.45 14.05 -28.37
N PRO C 249 -22.16 12.77 -28.72
CA PRO C 249 -21.37 11.88 -27.86
C PRO C 249 -19.84 12.10 -27.85
N ASP C 250 -19.31 12.68 -28.93
CA ASP C 250 -17.88 13.11 -29.03
C ASP C 250 -17.56 14.13 -27.91
N THR C 251 -18.48 15.03 -27.56
CA THR C 251 -18.25 16.17 -26.62
C THR C 251 -18.79 15.87 -25.22
N ARG C 252 -19.55 14.79 -25.05
CA ARG C 252 -20.37 14.53 -23.84
C ARG C 252 -19.50 14.14 -22.66
N ALA C 253 -18.49 13.31 -22.90
CA ALA C 253 -17.55 12.86 -21.84
C ALA C 253 -16.89 14.09 -21.24
N ILE C 254 -16.31 14.94 -22.09
CA ILE C 254 -15.51 16.09 -21.58
C ILE C 254 -16.46 17.11 -20.94
N THR C 255 -17.63 17.33 -21.53
CA THR C 255 -18.63 18.31 -21.03
C THR C 255 -19.13 17.93 -19.64
N LEU C 256 -19.43 16.67 -19.43
CA LEU C 256 -19.87 16.20 -18.09
C LEU C 256 -18.77 16.48 -17.05
N LYS C 257 -17.50 16.31 -17.41
CA LYS C 257 -16.35 16.59 -16.49
C LYS C 257 -16.28 18.10 -16.23
N CYS C 258 -16.52 18.92 -17.25
CA CYS C 258 -16.58 20.40 -17.13
C CYS C 258 -17.67 20.80 -16.14
N LEU C 259 -18.86 20.20 -16.28
CA LEU C 259 -20.05 20.58 -15.47
C LEU C 259 -19.86 20.12 -14.03
N THR C 260 -19.11 19.05 -13.83
CA THR C 260 -18.69 18.64 -12.48
C THR C 260 -17.78 19.71 -11.87
N GLU C 261 -16.83 20.26 -12.63
CA GLU C 261 -15.93 21.32 -12.09
C GLU C 261 -16.72 22.63 -11.94
N VAL C 262 -17.68 22.90 -12.81
CA VAL C 262 -18.59 24.08 -12.65
C VAL C 262 -19.30 23.94 -11.31
N SER C 263 -19.71 22.73 -10.97
CA SER C 263 -20.44 22.47 -9.71
C SER C 263 -19.55 22.80 -8.51
N ASN C 264 -18.23 22.86 -8.68
CA ASN C 264 -17.26 23.16 -7.58
C ASN C 264 -16.76 24.63 -7.56
N LEU C 265 -17.12 25.48 -8.53
CA LEU C 265 -16.67 26.91 -8.58
C LEU C 265 -17.03 27.61 -7.27
N LYS C 266 -16.23 28.58 -6.85
CA LYS C 266 -16.58 29.46 -5.70
C LYS C 266 -17.56 30.50 -6.26
N ILE C 267 -18.69 30.67 -5.58
CA ILE C 267 -19.95 31.26 -6.11
C ILE C 267 -20.62 32.04 -4.99
N PRO C 268 -21.23 33.22 -5.24
CA PRO C 268 -22.01 33.93 -4.21
C PRO C 268 -23.25 33.16 -3.76
N GLN C 269 -23.56 33.21 -2.45
CA GLN C 269 -24.55 32.38 -1.71
C GLN C 269 -25.94 33.03 -1.58
N ASP C 270 -26.07 34.32 -1.89
CA ASP C 270 -27.21 35.18 -1.49
C ASP C 270 -27.90 35.77 -2.72
N ASN C 271 -27.67 35.19 -3.90
CA ASN C 271 -28.08 35.74 -5.22
C ASN C 271 -29.04 34.77 -5.90
N ASP C 272 -30.33 35.14 -6.02
CA ASP C 272 -31.40 34.27 -6.59
C ASP C 272 -31.20 34.00 -8.09
N LEU C 273 -30.62 34.92 -8.87
CA LEU C 273 -30.38 34.69 -10.33
C LEU C 273 -29.35 33.56 -10.50
N ILE C 274 -28.25 33.63 -9.77
CA ILE C 274 -27.18 32.60 -9.83
C ILE C 274 -27.76 31.26 -9.42
N LYS C 275 -28.58 31.23 -8.37
CA LYS C 275 -29.26 30.01 -7.88
C LYS C 275 -30.06 29.40 -9.03
N ARG C 276 -30.84 30.21 -9.73
CA ARG C 276 -31.70 29.74 -10.83
C ARG C 276 -30.83 29.20 -11.95
N GLN C 277 -29.69 29.82 -12.20
CA GLN C 277 -28.74 29.36 -13.24
C GLN C 277 -28.15 28.00 -12.85
N THR C 278 -27.93 27.77 -11.56
CA THR C 278 -27.32 26.52 -11.02
C THR C 278 -28.33 25.39 -11.20
N VAL C 279 -29.60 25.66 -10.88
CA VAL C 279 -30.76 24.77 -11.12
C VAL C 279 -30.86 24.48 -12.62
N LEU C 280 -30.87 25.51 -13.47
CA LEU C 280 -31.18 25.38 -14.92
C LEU C 280 -30.16 24.45 -15.60
N PHE C 281 -28.87 24.62 -15.36
CA PHE C 281 -27.85 23.81 -16.05
C PHE C 281 -28.00 22.34 -15.66
N PHE C 282 -28.42 22.05 -14.43
CA PHE C 282 -28.65 20.69 -13.92
C PHE C 282 -29.86 20.10 -14.64
N GLN C 283 -30.94 20.88 -14.68
CA GLN C 283 -32.21 20.55 -15.35
C GLN C 283 -31.90 20.19 -16.82
N ASN C 284 -31.18 21.06 -17.52
CA ASN C 284 -30.77 20.86 -18.94
C ASN C 284 -29.96 19.58 -19.09
N THR C 285 -28.96 19.36 -18.23
CA THR C 285 -28.04 18.20 -18.32
C THR C 285 -28.87 16.91 -18.17
N LEU C 286 -29.70 16.81 -17.14
CA LEU C 286 -30.50 15.58 -16.89
C LEU C 286 -31.53 15.38 -18.01
N GLN C 287 -32.10 16.46 -18.54
CA GLN C 287 -33.03 16.32 -19.69
C GLN C 287 -32.28 15.73 -20.89
N GLN C 288 -31.06 16.18 -21.17
CA GLN C 288 -30.31 15.69 -22.35
C GLN C 288 -29.92 14.22 -22.12
N ILE C 289 -29.65 13.83 -20.87
CA ILE C 289 -29.34 12.43 -20.49
C ILE C 289 -30.57 11.59 -20.81
N ALA C 290 -31.73 12.00 -20.29
CA ALA C 290 -33.01 11.26 -20.39
C ALA C 290 -33.43 11.09 -21.86
N THR C 291 -33.10 12.02 -22.76
CA THR C 291 -33.57 12.03 -24.17
C THR C 291 -32.47 11.52 -25.10
N SER C 292 -31.19 11.70 -24.81
CA SER C 292 -30.12 11.36 -25.78
C SER C 292 -29.38 10.10 -25.37
N VAL C 293 -29.46 9.67 -24.12
CA VAL C 293 -28.59 8.57 -23.62
C VAL C 293 -29.44 7.43 -23.04
N MET C 294 -30.10 7.63 -21.91
CA MET C 294 -30.97 6.58 -21.37
C MET C 294 -31.97 7.19 -20.39
N PRO C 295 -33.20 6.65 -20.35
CA PRO C 295 -34.20 7.11 -19.39
C PRO C 295 -33.82 6.69 -17.97
N VAL C 296 -34.54 7.27 -17.01
CA VAL C 296 -34.37 7.08 -15.54
C VAL C 296 -34.54 5.59 -15.21
N THR C 297 -35.35 4.88 -16.00
CA THR C 297 -35.71 3.47 -15.71
C THR C 297 -34.59 2.53 -16.22
N ALA C 298 -33.60 3.00 -16.97
CA ALA C 298 -32.63 2.10 -17.66
C ALA C 298 -31.88 1.22 -16.66
N ASP C 299 -31.55 0.00 -17.08
CA ASP C 299 -30.76 -0.98 -16.28
C ASP C 299 -29.28 -0.69 -16.51
N LEU C 300 -28.73 0.19 -15.68
CA LEU C 300 -27.33 0.64 -15.81
C LEU C 300 -26.40 -0.50 -15.37
N LYS C 301 -26.84 -1.38 -14.48
CA LYS C 301 -26.09 -2.59 -14.07
C LYS C 301 -25.71 -3.39 -15.32
N ALA C 302 -26.70 -3.68 -16.16
CA ALA C 302 -26.54 -4.42 -17.44
C ALA C 302 -25.70 -3.60 -18.41
N THR C 303 -26.01 -2.31 -18.61
CA THR C 303 -25.23 -1.47 -19.56
C THR C 303 -23.75 -1.52 -19.16
N TYR C 304 -23.43 -1.20 -17.91
CA TYR C 304 -22.03 -1.14 -17.43
C TYR C 304 -21.33 -2.49 -17.64
N ALA C 305 -21.99 -3.61 -17.30
CA ALA C 305 -21.48 -4.99 -17.45
C ALA C 305 -21.18 -5.30 -18.92
N ASN C 306 -22.01 -4.82 -19.86
CA ASN C 306 -21.84 -5.07 -21.32
C ASN C 306 -20.63 -4.29 -21.81
N ALA C 307 -20.31 -3.16 -21.20
CA ALA C 307 -19.05 -2.42 -21.42
C ALA C 307 -18.82 -2.09 -22.90
N ASN C 308 -19.88 -1.73 -23.64
CA ASN C 308 -19.78 -1.23 -25.05
C ASN C 308 -19.14 0.16 -25.05
N GLY C 309 -18.25 0.41 -26.01
CA GLY C 309 -17.54 1.69 -26.22
C GLY C 309 -17.07 2.30 -24.91
N ASN C 310 -17.51 3.53 -24.63
CA ASN C 310 -17.04 4.36 -23.49
C ASN C 310 -18.13 4.43 -22.41
N ASP C 311 -19.03 3.45 -22.37
CA ASP C 311 -20.24 3.48 -21.49
C ASP C 311 -19.77 3.48 -20.03
N GLN C 312 -18.72 2.72 -19.70
CA GLN C 312 -18.23 2.57 -18.31
C GLN C 312 -17.72 3.93 -17.81
N SER C 313 -16.87 4.58 -18.59
CA SER C 313 -16.35 5.95 -18.31
C SER C 313 -17.49 6.94 -18.16
N PHE C 314 -18.47 6.86 -19.04
CA PHE C 314 -19.60 7.79 -19.04
C PHE C 314 -20.41 7.61 -17.76
N LEU C 315 -20.72 6.36 -17.39
CA LEU C 315 -21.52 6.07 -16.16
C LEU C 315 -20.71 6.48 -14.91
N GLN C 316 -19.42 6.22 -14.85
CA GLN C 316 -18.54 6.75 -13.76
C GLN C 316 -18.66 8.27 -13.68
N ASP C 317 -18.50 8.97 -14.81
CA ASP C 317 -18.52 10.46 -14.85
C ASP C 317 -19.92 10.96 -14.45
N LEU C 318 -20.98 10.26 -14.81
CA LEU C 318 -22.34 10.70 -14.44
C LEU C 318 -22.48 10.59 -12.93
N ALA C 319 -21.99 9.52 -12.34
CA ALA C 319 -22.04 9.32 -10.87
C ALA C 319 -21.29 10.47 -10.20
N MET C 320 -20.11 10.82 -10.74
CA MET C 320 -19.28 11.93 -10.21
C MET C 320 -20.04 13.25 -10.32
N PHE C 321 -20.72 13.50 -11.44
CA PHE C 321 -21.49 14.75 -11.68
C PHE C 321 -22.66 14.84 -10.71
N LEU C 322 -23.51 13.81 -10.65
CA LEU C 322 -24.71 13.82 -9.79
C LEU C 322 -24.30 13.96 -8.32
N THR C 323 -23.32 13.20 -7.84
CA THR C 323 -22.92 13.23 -6.40
C THR C 323 -22.33 14.61 -6.08
N THR C 324 -21.46 15.15 -6.92
CA THR C 324 -20.80 16.47 -6.68
C THR C 324 -21.86 17.56 -6.66
N TYR C 325 -22.73 17.60 -7.67
CA TYR C 325 -23.77 18.64 -7.76
C TYR C 325 -24.74 18.51 -6.58
N LEU C 326 -25.25 17.31 -6.28
CA LEU C 326 -26.34 17.17 -5.27
C LEU C 326 -25.79 17.42 -3.87
N ALA C 327 -24.54 17.02 -3.57
CA ALA C 327 -23.90 17.24 -2.24
C ALA C 327 -23.83 18.75 -1.96
N ARG C 328 -23.62 19.56 -2.98
CA ARG C 328 -23.56 21.03 -2.82
C ARG C 328 -24.95 21.67 -2.95
N ASN C 329 -25.83 21.19 -3.84
CA ASN C 329 -26.96 22.02 -4.37
C ASN C 329 -28.34 21.40 -4.14
N ARG C 330 -28.45 20.22 -3.53
CA ARG C 330 -29.80 19.59 -3.51
C ARG C 330 -30.81 20.49 -2.77
N ALA C 331 -30.40 21.28 -1.78
CA ALA C 331 -31.30 22.21 -1.05
C ALA C 331 -31.93 23.22 -2.04
N LEU C 332 -31.27 23.56 -3.14
CA LEU C 332 -31.89 24.39 -4.22
C LEU C 332 -33.10 23.67 -4.83
N LEU C 333 -33.18 22.35 -4.81
CA LEU C 333 -34.26 21.59 -5.48
C LEU C 333 -35.35 21.16 -4.50
N GLU C 334 -35.21 21.38 -3.19
CA GLU C 334 -36.04 20.67 -2.18
C GLU C 334 -37.32 21.44 -1.82
N SER C 335 -37.37 22.77 -2.00
CA SER C 335 -38.52 23.62 -1.56
C SER C 335 -39.50 23.87 -2.70
N ASP C 336 -39.00 24.13 -3.90
CA ASP C 336 -39.82 24.40 -5.10
C ASP C 336 -40.45 23.09 -5.58
N GLU C 337 -41.78 23.03 -5.62
CA GLU C 337 -42.58 21.82 -5.99
C GLU C 337 -42.38 21.51 -7.47
N SER C 338 -42.11 22.53 -8.29
CA SER C 338 -41.80 22.38 -9.74
C SER C 338 -40.43 21.71 -9.93
N LEU C 339 -39.54 21.70 -8.92
CA LEU C 339 -38.20 21.05 -9.03
C LEU C 339 -38.18 19.65 -8.39
N ARG C 340 -39.32 19.12 -7.94
CA ARG C 340 -39.41 17.84 -7.19
C ARG C 340 -39.06 16.67 -8.12
N GLU C 341 -39.61 16.66 -9.34
CA GLU C 341 -39.38 15.61 -10.35
C GLU C 341 -37.88 15.58 -10.69
N LEU C 342 -37.26 16.75 -10.87
CA LEU C 342 -35.82 16.87 -11.15
C LEU C 342 -34.99 16.27 -10.00
N LEU C 343 -35.31 16.60 -8.75
CA LEU C 343 -34.55 16.13 -7.57
C LEU C 343 -34.63 14.60 -7.49
N LEU C 344 -35.82 14.03 -7.65
CA LEU C 344 -36.02 12.56 -7.53
C LEU C 344 -35.52 11.83 -8.78
N ASN C 345 -35.61 12.39 -9.98
CA ASN C 345 -35.00 11.78 -11.18
C ASN C 345 -33.49 11.64 -10.96
N ALA C 346 -32.83 12.69 -10.47
CA ALA C 346 -31.36 12.73 -10.26
C ALA C 346 -30.98 11.63 -9.25
N HIS C 347 -31.76 11.47 -8.20
CA HIS C 347 -31.56 10.43 -7.16
C HIS C 347 -31.87 9.04 -7.72
N GLN C 348 -32.87 8.91 -8.59
CA GLN C 348 -33.24 7.61 -9.20
C GLN C 348 -32.08 7.14 -10.10
N TYR C 349 -31.46 8.05 -10.85
CA TYR C 349 -30.24 7.73 -11.62
C TYR C 349 -29.14 7.23 -10.66
N LEU C 350 -28.97 7.88 -9.52
CA LEU C 350 -27.95 7.44 -8.53
C LEU C 350 -28.31 6.05 -8.00
N ILE C 351 -29.58 5.80 -7.68
CA ILE C 351 -30.04 4.45 -7.28
C ILE C 351 -29.63 3.45 -8.37
N GLN C 352 -29.88 3.77 -9.65
CA GLN C 352 -29.55 2.85 -10.75
C GLN C 352 -28.01 2.71 -10.83
N LEU C 353 -27.24 3.76 -10.63
CA LEU C 353 -25.76 3.69 -10.72
C LEU C 353 -25.21 2.80 -9.58
N SER C 354 -25.90 2.78 -8.45
CA SER C 354 -25.53 2.10 -7.18
C SER C 354 -25.75 0.59 -7.29
N LYS C 355 -26.44 0.12 -8.33
CA LYS C 355 -26.68 -1.32 -8.57
C LYS C 355 -25.56 -1.90 -9.44
N ILE C 356 -24.75 -1.05 -10.05
CA ILE C 356 -23.64 -1.49 -10.93
C ILE C 356 -22.66 -2.30 -10.07
N GLU C 357 -22.21 -3.42 -10.62
CA GLU C 357 -21.22 -4.32 -10.00
C GLU C 357 -19.83 -3.77 -10.32
N GLU C 358 -19.35 -2.86 -9.49
CA GLU C 358 -18.05 -2.18 -9.67
C GLU C 358 -17.75 -1.53 -8.33
N ARG C 359 -16.87 -2.16 -7.56
CA ARG C 359 -16.48 -1.74 -6.21
C ARG C 359 -16.33 -0.22 -6.10
N GLU C 360 -15.44 0.33 -6.92
CA GLU C 360 -14.94 1.71 -6.76
C GLU C 360 -16.05 2.70 -7.08
N LEU C 361 -16.94 2.33 -7.99
CA LEU C 361 -18.10 3.18 -8.35
C LEU C 361 -19.07 3.14 -7.18
N PHE C 362 -19.34 1.96 -6.64
CA PHE C 362 -20.21 1.77 -5.45
C PHE C 362 -19.71 2.65 -4.31
N LYS C 363 -18.40 2.70 -4.08
CA LYS C 363 -17.82 3.53 -3.00
C LYS C 363 -18.14 5.00 -3.25
N THR C 364 -18.09 5.45 -4.51
CA THR C 364 -18.30 6.86 -4.87
C THR C 364 -19.76 7.21 -4.53
N THR C 365 -20.70 6.40 -4.99
CA THR C 365 -22.13 6.61 -4.70
C THR C 365 -22.37 6.45 -3.19
N LEU C 366 -21.73 5.49 -2.52
CA LEU C 366 -21.95 5.24 -1.07
C LEU C 366 -21.56 6.47 -0.25
N ASP C 367 -20.50 7.19 -0.61
CA ASP C 367 -20.11 8.45 0.07
C ASP C 367 -21.23 9.48 -0.11
N TYR C 368 -21.89 9.53 -1.26
CA TYR C 368 -23.02 10.47 -1.43
C TYR C 368 -24.18 10.02 -0.53
N TRP C 369 -24.55 8.74 -0.55
CA TRP C 369 -25.70 8.27 0.26
C TRP C 369 -25.46 8.56 1.75
N HIS C 370 -24.22 8.39 2.21
CA HIS C 370 -23.82 8.72 3.59
C HIS C 370 -24.12 10.19 3.85
N ASN C 371 -23.64 11.09 2.99
CA ASN C 371 -23.98 12.52 3.06
C ASN C 371 -25.50 12.71 3.14
N LEU C 372 -26.27 12.08 2.24
CA LEU C 372 -27.72 12.33 2.18
C LEU C 372 -28.38 11.83 3.47
N VAL C 373 -28.14 10.60 3.89
CA VAL C 373 -29.02 10.00 4.94
C VAL C 373 -28.63 10.59 6.30
N ALA C 374 -27.38 11.04 6.47
CA ALA C 374 -26.94 11.83 7.66
C ALA C 374 -27.72 13.15 7.68
N ASP C 375 -27.90 13.80 6.53
CA ASP C 375 -28.68 15.06 6.46
C ASP C 375 -30.15 14.78 6.84
N LEU C 376 -30.73 13.67 6.36
CA LEU C 376 -32.17 13.37 6.61
C LEU C 376 -32.37 13.05 8.10
N PHE C 377 -31.34 12.51 8.73
CA PHE C 377 -31.36 12.18 10.18
C PHE C 377 -31.48 13.46 11.01
N TYR C 378 -30.77 14.52 10.62
CA TYR C 378 -30.74 15.77 11.42
C TYR C 378 -31.58 16.92 10.85
N GLU C 379 -31.66 17.05 9.52
CA GLU C 379 -32.39 18.20 8.92
C GLU C 379 -33.91 18.03 9.01
N PRO C 380 -34.64 19.02 9.56
CA PRO C 380 -36.09 18.98 9.69
C PRO C 380 -36.85 19.07 8.35
N LEU C 381 -37.90 18.25 8.23
CA LEU C 381 -38.86 18.18 7.09
C LEU C 381 -38.21 17.67 5.79
N LYS C 382 -37.07 16.98 5.86
CA LYS C 382 -36.46 16.50 4.60
C LYS C 382 -36.76 15.02 4.35
N LYS C 383 -36.81 14.19 5.39
CA LYS C 383 -36.88 12.71 5.23
C LYS C 383 -38.06 12.36 4.31
N HIS C 384 -39.25 13.00 4.46
CA HIS C 384 -40.46 12.62 3.69
C HIS C 384 -40.26 12.77 2.17
N ILE C 385 -39.43 13.70 1.70
CA ILE C 385 -39.11 13.91 0.25
C ILE C 385 -38.54 12.61 -0.34
N TYR C 386 -37.70 11.91 0.43
CA TYR C 386 -36.76 10.89 -0.09
C TYR C 386 -37.23 9.47 0.26
N GLU C 387 -38.48 9.31 0.73
CA GLU C 387 -38.99 8.02 1.29
C GLU C 387 -38.77 6.87 0.31
N GLU C 388 -39.11 7.06 -0.95
CA GLU C 388 -39.07 5.99 -1.97
C GLU C 388 -37.61 5.76 -2.41
N ILE C 389 -36.80 6.83 -2.47
CA ILE C 389 -35.33 6.73 -2.68
C ILE C 389 -34.71 5.92 -1.53
N CYS C 390 -35.06 6.23 -0.29
CA CYS C 390 -34.49 5.52 0.89
C CYS C 390 -34.90 4.05 0.89
N SER C 391 -36.12 3.76 0.46
CA SER C 391 -36.65 2.37 0.46
C SER C 391 -35.82 1.53 -0.51
N GLN C 392 -35.59 2.04 -1.71
CA GLN C 392 -34.75 1.37 -2.73
C GLN C 392 -33.32 1.25 -2.21
N LEU C 393 -32.78 2.29 -1.57
CA LEU C 393 -31.39 2.29 -1.07
C LEU C 393 -31.23 1.20 0.01
N ARG C 394 -32.22 1.00 0.88
CA ARG C 394 -32.16 -0.09 1.90
C ARG C 394 -31.88 -1.41 1.18
N LEU C 395 -32.58 -1.69 0.08
CA LEU C 395 -32.39 -2.97 -0.66
C LEU C 395 -30.97 -2.97 -1.26
N VAL C 396 -30.54 -1.86 -1.85
CA VAL C 396 -29.20 -1.78 -2.48
C VAL C 396 -28.11 -2.03 -1.42
N ILE C 397 -28.22 -1.47 -0.21
CA ILE C 397 -27.15 -1.59 0.83
C ILE C 397 -27.17 -3.00 1.43
N ILE C 398 -28.34 -3.57 1.70
CA ILE C 398 -28.47 -4.94 2.26
C ILE C 398 -27.90 -5.96 1.27
N GLU C 399 -28.17 -5.80 -0.03
CA GLU C 399 -27.73 -6.75 -1.08
C GLU C 399 -26.22 -6.61 -1.34
N ASN C 400 -25.59 -5.55 -0.85
CA ASN C 400 -24.16 -5.27 -1.11
C ASN C 400 -23.33 -5.31 0.18
N MET C 401 -23.88 -5.74 1.32
CA MET C 401 -23.10 -5.67 2.57
C MET C 401 -21.88 -6.59 2.41
N VAL C 402 -20.73 -6.13 2.87
CA VAL C 402 -19.46 -6.92 2.90
C VAL C 402 -19.20 -7.32 4.34
N ARG C 403 -18.32 -8.30 4.52
CA ARG C 403 -17.93 -8.84 5.84
C ARG C 403 -17.28 -7.69 6.60
N PRO C 404 -17.40 -7.66 7.94
CA PRO C 404 -16.73 -6.62 8.73
C PRO C 404 -15.18 -6.56 8.65
N GLU C 405 -14.58 -7.61 8.06
CA GLU C 405 -13.12 -7.70 7.84
C GLU C 405 -12.69 -6.57 6.89
N GLU C 406 -13.52 -6.25 5.90
CA GLU C 406 -13.25 -5.10 4.99
C GLU C 406 -13.78 -3.89 5.77
N ILE C 407 -12.92 -3.35 6.65
CA ILE C 407 -13.23 -2.33 7.70
C ILE C 407 -13.76 -1.00 7.18
N GLN C 408 -13.12 -0.39 6.19
CA GLN C 408 -13.60 0.93 5.71
C GLN C 408 -14.95 0.81 5.00
N LEU C 409 -15.13 -0.22 4.17
CA LEU C 409 -16.35 -0.34 3.33
C LEU C 409 -17.50 -0.78 4.24
N TYR C 410 -17.24 -1.73 5.14
CA TYR C 410 -18.27 -2.21 6.09
C TYR C 410 -18.71 -1.06 6.99
N LYS C 411 -17.75 -0.27 7.49
CA LYS C 411 -18.04 0.91 8.32
C LYS C 411 -19.00 1.85 7.59
N SER C 412 -18.68 2.25 6.35
CA SER C 412 -19.52 3.13 5.50
C SER C 412 -20.90 2.52 5.29
N GLU C 413 -20.95 1.24 4.96
CA GLU C 413 -22.23 0.54 4.68
C GLU C 413 -23.08 0.52 5.95
N ARG C 414 -22.47 0.16 7.07
CA ARG C 414 -23.18 0.06 8.35
C ARG C 414 -23.76 1.44 8.66
N GLU C 415 -22.96 2.50 8.56
CA GLU C 415 -23.42 3.85 8.93
C GLU C 415 -24.65 4.21 8.09
N VAL C 416 -24.62 3.95 6.79
CA VAL C 416 -25.76 4.29 5.89
C VAL C 416 -26.96 3.47 6.31
N LEU C 417 -26.76 2.18 6.57
CA LEU C 417 -27.86 1.26 6.90
C LEU C 417 -28.45 1.62 8.28
N VAL C 418 -27.62 2.05 9.23
CA VAL C 418 -28.09 2.49 10.58
C VAL C 418 -28.95 3.76 10.44
N TYR C 419 -28.49 4.75 9.69
CA TYR C 419 -29.30 5.95 9.41
C TYR C 419 -30.63 5.57 8.75
N LEU C 420 -30.60 4.69 7.75
CA LEU C 420 -31.82 4.30 7.02
C LEU C 420 -32.77 3.56 7.96
N THR C 421 -32.27 2.77 8.89
CA THR C 421 -33.10 1.99 9.85
C THR C 421 -33.81 2.94 10.82
N HIS C 422 -33.10 3.95 11.32
CA HIS C 422 -33.68 5.04 12.14
C HIS C 422 -34.80 5.75 11.36
N LEU C 423 -34.61 6.02 10.08
CA LEU C 423 -35.60 6.76 9.23
C LEU C 423 -36.85 5.93 8.97
N ASN C 424 -36.75 4.60 8.80
CA ASN C 424 -37.93 3.71 8.66
C ASN C 424 -37.56 2.29 9.09
N VAL C 425 -37.70 2.00 10.38
CA VAL C 425 -37.34 0.69 10.99
C VAL C 425 -38.24 -0.42 10.43
N ILE C 426 -39.53 -0.16 10.22
CA ILE C 426 -40.51 -1.16 9.71
C ILE C 426 -40.09 -1.61 8.30
N ASP C 427 -39.76 -0.66 7.43
CA ASP C 427 -39.27 -0.94 6.04
C ASP C 427 -37.97 -1.75 6.13
N THR C 428 -37.06 -1.41 7.02
CA THR C 428 -35.78 -2.15 7.12
C THR C 428 -36.06 -3.61 7.53
N GLU C 429 -36.91 -3.80 8.53
CA GLU C 429 -37.30 -5.13 9.05
C GLU C 429 -37.99 -5.95 7.95
N GLU C 430 -38.95 -5.37 7.24
CA GLU C 430 -39.74 -6.08 6.20
C GLU C 430 -38.77 -6.60 5.13
N ILE C 431 -37.85 -5.76 4.66
CA ILE C 431 -36.87 -6.14 3.61
C ILE C 431 -35.98 -7.28 4.16
N MET C 432 -35.50 -7.17 5.39
CA MET C 432 -34.61 -8.22 5.93
C MET C 432 -35.37 -9.55 6.11
N ILE C 433 -36.58 -9.50 6.65
CA ILE C 433 -37.41 -10.72 6.85
C ILE C 433 -37.77 -11.31 5.49
N SER C 434 -38.12 -10.50 4.49
CA SER C 434 -38.53 -11.07 3.17
C SER C 434 -37.31 -11.66 2.45
N LYS C 435 -36.13 -11.07 2.60
CA LYS C 435 -34.87 -11.63 2.02
C LYS C 435 -34.54 -12.96 2.69
N LEU C 436 -34.84 -13.07 3.99
CA LEU C 436 -34.70 -14.33 4.76
C LEU C 436 -35.68 -15.38 4.22
N ALA C 437 -36.94 -15.01 3.97
CA ALA C 437 -37.95 -15.94 3.39
C ALA C 437 -37.45 -16.50 2.05
N ARG C 438 -36.82 -15.66 1.22
CA ARG C 438 -36.20 -16.05 -0.08
C ARG C 438 -35.00 -17.01 0.13
N GLN C 439 -34.29 -16.97 1.27
CA GLN C 439 -33.24 -17.98 1.57
C GLN C 439 -33.93 -19.32 1.86
N ILE C 440 -35.03 -19.31 2.61
CA ILE C 440 -35.74 -20.52 3.12
C ILE C 440 -36.45 -21.24 1.98
N ASP C 441 -37.10 -20.51 1.07
CA ASP C 441 -37.85 -21.13 -0.06
C ASP C 441 -36.87 -21.50 -1.20
N GLY C 442 -35.62 -21.06 -1.12
CA GLY C 442 -34.55 -21.54 -2.03
C GLY C 442 -34.38 -20.68 -3.27
N SER C 443 -35.18 -19.63 -3.47
CA SER C 443 -35.19 -18.83 -4.72
C SER C 443 -33.92 -17.96 -4.83
N GLU C 444 -33.45 -17.37 -3.72
CA GLU C 444 -32.21 -16.53 -3.66
C GLU C 444 -31.13 -17.24 -2.82
N TRP C 445 -31.34 -18.50 -2.43
CA TRP C 445 -30.38 -19.29 -1.59
C TRP C 445 -29.02 -19.43 -2.28
N SER C 446 -27.98 -19.20 -1.50
CA SER C 446 -26.55 -19.28 -1.89
C SER C 446 -25.74 -18.99 -0.62
N TRP C 447 -24.51 -19.46 -0.50
CA TRP C 447 -23.65 -19.17 0.67
C TRP C 447 -23.39 -17.66 0.76
N HIS C 448 -23.03 -17.03 -0.35
CA HIS C 448 -22.77 -15.56 -0.43
C HIS C 448 -24.02 -14.80 0.06
N ASN C 449 -25.20 -15.22 -0.36
CA ASN C 449 -26.47 -14.48 -0.12
C ASN C 449 -26.82 -14.58 1.37
N ILE C 450 -26.72 -15.77 1.97
CA ILE C 450 -27.07 -15.94 3.42
C ILE C 450 -26.00 -15.22 4.26
N ASN C 451 -24.74 -15.21 3.83
CA ASN C 451 -23.63 -14.49 4.54
C ASN C 451 -23.90 -12.98 4.47
N THR C 452 -24.12 -12.47 3.27
CA THR C 452 -24.41 -11.04 3.01
C THR C 452 -25.56 -10.61 3.92
N LEU C 453 -26.65 -11.37 3.92
CA LEU C 453 -27.88 -11.04 4.69
C LEU C 453 -27.54 -11.02 6.19
N SER C 454 -26.81 -12.01 6.68
CA SER C 454 -26.36 -12.12 8.08
C SER C 454 -25.52 -10.89 8.50
N TRP C 455 -24.55 -10.50 7.68
CA TRP C 455 -23.73 -9.26 7.88
C TRP C 455 -24.64 -8.04 7.95
N ALA C 456 -25.65 -7.94 7.07
CA ALA C 456 -26.59 -6.80 7.07
C ALA C 456 -27.42 -6.80 8.36
N ILE C 457 -28.00 -7.93 8.73
CA ILE C 457 -28.83 -8.06 9.96
C ILE C 457 -27.98 -7.68 11.18
N GLY C 458 -26.72 -8.14 11.24
CA GLY C 458 -25.79 -7.80 12.33
C GLY C 458 -25.44 -6.32 12.39
N SER C 459 -25.33 -5.64 11.24
CA SER C 459 -24.83 -4.24 11.15
C SER C 459 -25.76 -3.26 11.88
N ILE C 460 -27.06 -3.57 12.03
CA ILE C 460 -28.07 -2.59 12.51
C ILE C 460 -28.37 -2.81 14.00
N SER C 461 -27.71 -3.75 14.66
CA SER C 461 -27.81 -3.95 16.12
C SER C 461 -27.76 -2.60 16.84
N GLY C 462 -28.72 -2.30 17.73
CA GLY C 462 -28.70 -1.09 18.59
C GLY C 462 -29.59 0.03 18.07
N THR C 463 -30.15 -0.08 16.87
CA THR C 463 -30.90 1.04 16.23
C THR C 463 -32.38 0.92 16.56
N MET C 464 -32.86 -0.31 16.72
CA MET C 464 -34.27 -0.59 17.12
C MET C 464 -34.41 -0.35 18.64
N SER C 465 -35.61 -0.01 19.10
CA SER C 465 -35.99 -0.07 20.52
C SER C 465 -35.76 -1.50 21.02
N GLU C 466 -35.54 -1.68 22.31
CA GLU C 466 -35.21 -3.00 22.90
C GLU C 466 -36.34 -4.00 22.60
N ASP C 467 -37.60 -3.56 22.66
CA ASP C 467 -38.77 -4.43 22.39
C ASP C 467 -38.75 -4.85 20.91
N THR C 468 -38.69 -3.89 20.00
CA THR C 468 -38.70 -4.20 18.54
C THR C 468 -37.52 -5.14 18.28
N GLU C 469 -36.37 -4.82 18.85
CA GLU C 469 -35.15 -5.64 18.68
C GLU C 469 -35.41 -7.07 19.15
N LYS C 470 -36.09 -7.23 20.29
CA LYS C 470 -36.36 -8.57 20.88
C LYS C 470 -37.17 -9.41 19.90
N ARG C 471 -38.29 -8.88 19.39
CA ARG C 471 -39.17 -9.63 18.46
C ARG C 471 -38.43 -9.91 17.15
N PHE C 472 -37.69 -8.94 16.62
CA PHE C 472 -36.91 -9.09 15.35
C PHE C 472 -35.84 -10.19 15.50
N VAL C 473 -35.09 -10.15 16.59
CA VAL C 473 -33.94 -11.06 16.80
C VAL C 473 -34.48 -12.47 16.93
N VAL C 474 -35.55 -12.65 17.69
CA VAL C 474 -36.22 -13.97 17.87
C VAL C 474 -36.67 -14.46 16.50
N THR C 475 -37.33 -13.61 15.71
CA THR C 475 -37.83 -14.01 14.37
C THR C 475 -36.64 -14.46 13.51
N VAL C 476 -35.53 -13.74 13.51
CA VAL C 476 -34.36 -14.05 12.65
C VAL C 476 -33.71 -15.36 13.07
N ILE C 477 -33.47 -15.59 14.36
CA ILE C 477 -32.83 -16.84 14.85
C ILE C 477 -33.75 -18.03 14.53
N LYS C 478 -35.04 -17.93 14.87
CA LYS C 478 -36.06 -18.94 14.48
C LYS C 478 -35.91 -19.30 13.00
N ASP C 479 -35.85 -18.29 12.13
CA ASP C 479 -35.82 -18.51 10.66
C ASP C 479 -34.51 -19.21 10.28
N LEU C 480 -33.37 -18.76 10.81
CA LEU C 480 -32.04 -19.36 10.52
C LEU C 480 -31.96 -20.79 11.08
N LEU C 481 -32.55 -21.08 12.26
CA LEU C 481 -32.63 -22.44 12.85
C LEU C 481 -33.37 -23.38 11.87
N GLY C 482 -34.56 -22.96 11.43
CA GLY C 482 -35.36 -23.68 10.43
C GLY C 482 -34.55 -23.90 9.17
N LEU C 483 -33.86 -22.87 8.69
CA LEU C 483 -33.01 -22.91 7.48
C LEU C 483 -31.89 -23.94 7.68
N CYS C 484 -31.24 -23.93 8.84
CA CYS C 484 -30.16 -24.89 9.20
C CYS C 484 -30.68 -26.34 9.10
N GLU C 485 -31.85 -26.63 9.69
CA GLU C 485 -32.47 -27.99 9.74
C GLU C 485 -32.89 -28.43 8.35
N GLN C 486 -33.54 -27.56 7.58
CA GLN C 486 -33.90 -27.74 6.15
C GLN C 486 -32.73 -28.34 5.36
N LYS C 487 -31.54 -27.74 5.49
CA LYS C 487 -30.39 -27.98 4.59
C LYS C 487 -29.77 -29.35 4.88
N ARG C 488 -29.14 -29.93 3.87
CA ARG C 488 -28.52 -31.28 3.89
C ARG C 488 -27.02 -31.13 3.63
N GLY C 489 -26.18 -31.98 4.22
CA GLY C 489 -24.72 -31.96 4.04
C GLY C 489 -24.09 -30.96 4.99
N LYS C 490 -23.01 -31.31 5.68
CA LYS C 490 -22.51 -30.39 6.73
C LYS C 490 -21.91 -29.14 6.08
N ASP C 491 -21.60 -29.14 4.78
CA ASP C 491 -21.13 -27.90 4.10
C ASP C 491 -22.16 -26.79 4.35
N ASN C 492 -23.41 -27.02 3.95
CA ASN C 492 -24.53 -26.06 4.04
C ASN C 492 -24.86 -25.79 5.52
N LYS C 493 -24.97 -26.84 6.33
CA LYS C 493 -25.32 -26.71 7.78
C LYS C 493 -24.27 -25.84 8.47
N ALA C 494 -22.99 -25.95 8.11
CA ALA C 494 -21.91 -25.18 8.76
C ALA C 494 -22.03 -23.70 8.40
N VAL C 495 -22.37 -23.39 7.15
CA VAL C 495 -22.54 -22.00 6.64
C VAL C 495 -23.65 -21.31 7.46
N VAL C 496 -24.76 -22.00 7.70
CA VAL C 496 -25.92 -21.41 8.40
C VAL C 496 -25.58 -21.33 9.90
N ALA C 497 -24.94 -22.35 10.47
CA ALA C 497 -24.47 -22.37 11.86
C ALA C 497 -23.52 -21.18 12.13
N ARG C 498 -22.55 -20.95 11.26
CA ARG C 498 -21.63 -19.77 11.29
C ARG C 498 -22.45 -18.46 11.36
N ASP C 499 -23.51 -18.35 10.54
CA ASP C 499 -24.29 -17.10 10.38
C ASP C 499 -25.16 -16.91 11.63
N ILE C 500 -25.68 -17.99 12.20
CA ILE C 500 -26.42 -17.95 13.49
C ILE C 500 -25.45 -17.41 14.53
N MET C 501 -24.26 -18.00 14.62
CA MET C 501 -23.20 -17.57 15.57
C MET C 501 -22.90 -16.10 15.34
N TYR C 502 -22.80 -15.68 14.08
CA TYR C 502 -22.43 -14.30 13.73
C TYR C 502 -23.48 -13.33 14.27
N VAL C 503 -24.75 -13.60 13.98
CA VAL C 503 -25.90 -12.72 14.31
C VAL C 503 -25.98 -12.59 15.84
N VAL C 504 -25.99 -13.73 16.54
CA VAL C 504 -26.13 -13.80 18.02
C VAL C 504 -25.04 -12.95 18.67
N GLY C 505 -23.82 -13.01 18.14
CA GLY C 505 -22.69 -12.25 18.66
C GLY C 505 -22.83 -10.75 18.43
N GLU C 506 -23.68 -10.33 17.50
CA GLU C 506 -23.87 -8.89 17.23
C GLU C 506 -25.04 -8.35 18.05
N TYR C 507 -25.78 -9.16 18.80
CA TYR C 507 -26.98 -8.69 19.55
C TYR C 507 -26.76 -8.87 21.07
N PRO C 508 -25.78 -8.17 21.67
CA PRO C 508 -25.48 -8.38 23.10
C PRO C 508 -26.61 -7.87 24.00
N ARG C 509 -27.29 -6.80 23.62
CA ARG C 509 -28.38 -6.24 24.46
C ARG C 509 -29.44 -7.32 24.70
N PHE C 510 -29.81 -8.05 23.66
CA PHE C 510 -30.77 -9.17 23.77
C PHE C 510 -30.19 -10.22 24.74
N LEU C 511 -28.92 -10.63 24.55
CA LEU C 511 -28.26 -11.66 25.39
C LEU C 511 -28.25 -11.25 26.86
N LYS C 512 -28.00 -9.97 27.16
CA LYS C 512 -27.81 -9.44 28.55
C LYS C 512 -29.11 -9.44 29.33
N ALA C 513 -30.22 -9.22 28.64
CA ALA C 513 -31.58 -9.15 29.23
C ALA C 513 -32.12 -10.56 29.46
N HIS C 514 -31.58 -11.58 28.78
CA HIS C 514 -32.17 -12.95 28.70
C HIS C 514 -31.10 -14.00 29.04
N TRP C 515 -30.83 -14.20 30.34
CA TRP C 515 -29.73 -15.08 30.83
C TRP C 515 -29.86 -16.50 30.25
N ASN C 516 -31.04 -17.12 30.33
CA ASN C 516 -31.29 -18.51 29.84
C ASN C 516 -30.83 -18.67 28.39
N PHE C 517 -31.17 -17.71 27.53
CA PHE C 517 -30.77 -17.71 26.10
C PHE C 517 -29.25 -17.62 26.02
N LEU C 518 -28.65 -16.67 26.75
CA LEU C 518 -27.18 -16.44 26.71
C LEU C 518 -26.47 -17.74 27.16
N ARG C 519 -26.93 -18.36 28.25
CA ARG C 519 -26.38 -19.65 28.74
C ARG C 519 -26.44 -20.69 27.61
N THR C 520 -27.61 -20.88 26.99
CA THR C 520 -27.84 -21.87 25.88
C THR C 520 -26.86 -21.58 24.73
N VAL C 521 -26.67 -20.31 24.37
CA VAL C 521 -25.76 -19.89 23.27
C VAL C 521 -24.33 -20.35 23.62
N ILE C 522 -23.84 -20.03 24.82
CA ILE C 522 -22.45 -20.39 25.22
C ILE C 522 -22.29 -21.92 25.20
N LEU C 523 -23.26 -22.64 25.76
CA LEU C 523 -23.22 -24.12 25.81
C LEU C 523 -23.22 -24.66 24.38
N LYS C 524 -23.92 -23.97 23.48
CA LYS C 524 -23.99 -24.42 22.07
C LYS C 524 -22.66 -24.11 21.37
N LEU C 525 -22.02 -22.99 21.71
CA LEU C 525 -20.66 -22.67 21.19
C LEU C 525 -19.68 -23.73 21.72
N PHE C 526 -19.84 -24.19 22.95
CA PHE C 526 -18.95 -25.24 23.51
C PHE C 526 -19.12 -26.56 22.71
N GLU C 527 -20.37 -26.94 22.40
CA GLU C 527 -20.68 -28.07 21.48
C GLU C 527 -19.91 -27.93 20.15
N PHE C 528 -19.96 -26.76 19.51
CA PHE C 528 -19.32 -26.51 18.19
C PHE C 528 -17.80 -26.51 18.28
N MET C 529 -17.22 -26.35 19.47
CA MET C 529 -15.74 -26.44 19.64
C MET C 529 -15.25 -27.88 19.47
N HIS C 530 -16.16 -28.86 19.34
CA HIS C 530 -15.87 -30.29 19.07
C HIS C 530 -16.10 -30.65 17.58
N GLU C 531 -16.63 -29.74 16.76
CA GLU C 531 -16.85 -29.94 15.30
C GLU C 531 -15.56 -29.59 14.53
N THR C 532 -14.96 -30.57 13.86
CA THR C 532 -13.70 -30.38 13.08
C THR C 532 -14.00 -29.86 11.67
N HIS C 533 -15.26 -29.90 11.18
CA HIS C 533 -15.60 -29.28 9.88
C HIS C 533 -14.99 -27.86 9.83
N GLU C 534 -14.24 -27.57 8.77
CA GLU C 534 -13.36 -26.35 8.68
C GLU C 534 -14.22 -25.10 8.95
N GLY C 535 -13.65 -24.16 9.72
CA GLY C 535 -14.21 -22.83 10.02
C GLY C 535 -15.06 -22.82 11.29
N VAL C 536 -15.58 -23.98 11.72
CA VAL C 536 -16.60 -24.02 12.79
C VAL C 536 -15.94 -23.73 14.15
N GLN C 537 -14.83 -24.39 14.47
CA GLN C 537 -14.14 -24.21 15.78
C GLN C 537 -13.67 -22.76 15.88
N ASP C 538 -13.03 -22.28 14.82
CA ASP C 538 -12.55 -20.86 14.69
C ASP C 538 -13.71 -19.93 15.02
N MET C 539 -14.88 -20.16 14.43
CA MET C 539 -16.03 -19.24 14.58
C MET C 539 -16.62 -19.38 16.00
N ALA C 540 -16.75 -20.60 16.51
CA ALA C 540 -17.18 -20.85 17.90
C ALA C 540 -16.29 -20.07 18.87
N CYS C 541 -14.97 -20.05 18.66
CA CYS C 541 -14.03 -19.37 19.58
C CYS C 541 -14.11 -17.85 19.41
N ASP C 542 -14.17 -17.37 18.17
CA ASP C 542 -14.25 -15.92 17.86
C ASP C 542 -15.56 -15.37 18.45
N THR C 543 -16.66 -16.13 18.33
CA THR C 543 -18.00 -15.73 18.82
C THR C 543 -17.99 -15.73 20.35
N PHE C 544 -17.38 -16.74 20.96
CA PHE C 544 -17.32 -16.84 22.45
C PHE C 544 -16.64 -15.56 22.97
N ILE C 545 -15.50 -15.18 22.41
CA ILE C 545 -14.71 -14.06 23.01
C ILE C 545 -15.45 -12.74 22.72
N LYS C 546 -16.09 -12.65 21.56
CA LYS C 546 -16.88 -11.46 21.19
C LYS C 546 -18.08 -11.32 22.14
N ILE C 547 -18.77 -12.41 22.49
CA ILE C 547 -19.92 -12.33 23.44
C ILE C 547 -19.39 -11.98 24.83
N VAL C 548 -18.27 -12.56 25.24
CA VAL C 548 -17.66 -12.29 26.57
C VAL C 548 -17.26 -10.82 26.68
N GLN C 549 -16.61 -10.24 25.69
CA GLN C 549 -16.23 -8.80 25.68
C GLN C 549 -17.44 -7.92 25.97
N LYS C 550 -18.61 -8.27 25.45
CA LYS C 550 -19.82 -7.42 25.58
C LYS C 550 -20.56 -7.80 26.86
N CYS C 551 -20.59 -9.08 27.28
CA CYS C 551 -21.57 -9.54 28.30
C CYS C 551 -20.91 -10.08 29.57
N LYS C 552 -19.59 -9.90 29.72
CA LYS C 552 -18.74 -10.48 30.80
C LYS C 552 -19.39 -10.40 32.18
N TYR C 553 -20.03 -9.28 32.51
CA TYR C 553 -20.65 -9.08 33.85
C TYR C 553 -21.62 -10.25 34.16
N HIS C 554 -22.32 -10.76 33.14
CA HIS C 554 -23.33 -11.83 33.32
C HIS C 554 -22.67 -13.18 33.66
N PHE C 555 -21.36 -13.33 33.44
CA PHE C 555 -20.60 -14.58 33.71
C PHE C 555 -20.01 -14.56 35.12
N VAL C 556 -19.86 -13.36 35.69
CA VAL C 556 -19.10 -13.17 36.95
C VAL C 556 -20.06 -13.10 38.15
N ILE C 557 -21.35 -12.79 37.93
CA ILE C 557 -22.39 -12.76 39.02
C ILE C 557 -23.08 -14.12 39.08
N GLN C 558 -23.65 -14.44 40.23
CA GLN C 558 -24.53 -15.63 40.39
C GLN C 558 -25.91 -15.23 39.89
N GLN C 559 -26.30 -15.73 38.73
CA GLN C 559 -27.63 -15.52 38.13
C GLN C 559 -28.64 -16.25 39.02
N PRO C 560 -29.88 -15.73 39.22
CA PRO C 560 -30.87 -16.46 40.01
C PRO C 560 -31.13 -17.85 39.37
N ARG C 561 -31.38 -18.87 40.21
CA ARG C 561 -31.68 -20.26 39.79
C ARG C 561 -30.39 -20.95 39.31
N GLU C 562 -29.22 -20.43 39.65
CA GLU C 562 -27.90 -21.03 39.37
C GLU C 562 -27.15 -21.26 40.68
N SER C 563 -26.39 -22.35 40.81
CA SER C 563 -25.61 -22.66 42.04
C SER C 563 -24.40 -21.70 42.14
N GLU C 564 -23.86 -21.26 41.01
CA GLU C 564 -22.55 -20.55 41.01
C GLU C 564 -22.50 -19.57 39.85
N PRO C 565 -21.55 -18.60 39.88
CA PRO C 565 -21.27 -17.78 38.72
C PRO C 565 -20.85 -18.70 37.56
N PHE C 566 -21.29 -18.39 36.35
CA PHE C 566 -21.07 -19.27 35.18
C PHE C 566 -19.57 -19.43 34.89
N ILE C 567 -18.73 -18.45 35.21
CA ILE C 567 -17.25 -18.55 35.01
C ILE C 567 -16.73 -19.80 35.74
N GLN C 568 -17.25 -20.13 36.93
CA GLN C 568 -16.80 -21.33 37.68
C GLN C 568 -17.16 -22.59 36.88
N THR C 569 -18.35 -22.63 36.30
CA THR C 569 -18.85 -23.73 35.43
C THR C 569 -17.95 -23.86 34.19
N ILE C 570 -17.58 -22.74 33.56
CA ILE C 570 -16.70 -22.74 32.36
C ILE C 570 -15.33 -23.30 32.76
N ILE C 571 -14.78 -22.84 33.89
CA ILE C 571 -13.42 -23.24 34.32
C ILE C 571 -13.43 -24.73 34.67
N ARG C 572 -14.40 -25.22 35.46
CA ARG C 572 -14.51 -26.65 35.88
C ARG C 572 -14.35 -27.54 34.65
N ASP C 573 -15.00 -27.19 33.54
CA ASP C 573 -15.22 -28.09 32.39
C ASP C 573 -14.22 -27.80 31.27
N ILE C 574 -13.21 -26.98 31.54
CA ILE C 574 -12.32 -26.39 30.52
C ILE C 574 -11.52 -27.49 29.82
N GLN C 575 -11.09 -28.54 30.52
CA GLN C 575 -10.32 -29.63 29.88
C GLN C 575 -11.17 -30.25 28.76
N LYS C 576 -12.40 -30.65 29.12
CA LYS C 576 -13.42 -31.28 28.23
C LYS C 576 -13.80 -30.32 27.10
N THR C 577 -14.11 -29.06 27.40
CA THR C 577 -14.55 -28.04 26.42
C THR C 577 -13.48 -27.87 25.31
N THR C 578 -12.20 -27.74 25.68
CA THR C 578 -11.11 -27.30 24.77
C THR C 578 -10.33 -28.47 24.16
N ALA C 579 -10.73 -29.72 24.42
CA ALA C 579 -9.92 -30.94 24.11
C ALA C 579 -9.62 -31.06 22.60
N ASP C 580 -10.51 -30.57 21.70
CA ASP C 580 -10.40 -30.81 20.24
C ASP C 580 -9.96 -29.53 19.53
N LEU C 581 -9.64 -28.48 20.28
CA LEU C 581 -9.21 -27.19 19.69
C LEU C 581 -7.72 -27.27 19.38
N GLN C 582 -7.28 -26.56 18.35
CA GLN C 582 -5.85 -26.28 18.01
C GLN C 582 -5.30 -25.35 19.09
N PRO C 583 -3.96 -25.38 19.37
CA PRO C 583 -3.38 -24.48 20.37
C PRO C 583 -3.86 -23.01 20.32
N GLN C 584 -3.91 -22.37 19.16
CA GLN C 584 -4.26 -20.92 19.08
C GLN C 584 -5.74 -20.71 19.48
N GLN C 585 -6.60 -21.70 19.24
CA GLN C 585 -8.03 -21.64 19.66
C GLN C 585 -8.12 -21.78 21.19
N VAL C 586 -7.35 -22.71 21.80
CA VAL C 586 -7.27 -22.86 23.28
C VAL C 586 -6.84 -21.48 23.83
N HIS C 587 -5.88 -20.80 23.24
CA HIS C 587 -5.37 -19.50 23.76
C HIS C 587 -6.46 -18.42 23.70
N THR C 588 -7.26 -18.40 22.64
CA THR C 588 -8.41 -17.47 22.57
C THR C 588 -9.40 -17.78 23.70
N PHE C 589 -9.63 -19.06 23.97
CA PHE C 589 -10.60 -19.48 25.00
C PHE C 589 -10.13 -18.96 26.38
N TYR C 590 -8.86 -19.17 26.68
CA TYR C 590 -8.24 -18.71 27.96
C TYR C 590 -8.20 -17.18 28.01
N LYS C 591 -7.95 -16.51 26.89
CA LYS C 591 -8.05 -15.03 26.83
C LYS C 591 -9.47 -14.60 27.23
N ALA C 592 -10.50 -15.25 26.68
CA ALA C 592 -11.91 -14.90 26.96
C ALA C 592 -12.22 -15.05 28.46
N CYS C 593 -11.77 -16.14 29.07
CA CYS C 593 -11.96 -16.38 30.52
C CYS C 593 -11.27 -15.29 31.34
N GLY C 594 -10.11 -14.83 30.89
CA GLY C 594 -9.37 -13.73 31.53
C GLY C 594 -10.17 -12.42 31.54
N ILE C 595 -10.91 -12.15 30.46
CA ILE C 595 -11.80 -10.94 30.36
C ILE C 595 -12.86 -11.03 31.47
N ILE C 596 -13.50 -12.20 31.62
CA ILE C 596 -14.56 -12.43 32.65
C ILE C 596 -13.94 -12.21 34.04
N ILE C 597 -12.79 -12.81 34.29
CA ILE C 597 -12.16 -12.81 35.64
C ILE C 597 -11.78 -11.38 36.03
N SER C 598 -11.37 -10.55 35.07
CA SER C 598 -11.06 -9.10 35.31
C SER C 598 -12.30 -8.32 35.77
N GLU C 599 -13.53 -8.77 35.48
CA GLU C 599 -14.77 -8.15 36.01
C GLU C 599 -14.89 -8.31 37.53
N GLU C 600 -14.28 -9.32 38.12
CA GLU C 600 -14.34 -9.58 39.58
C GLU C 600 -13.35 -8.65 40.29
N ARG C 601 -13.83 -7.68 41.06
CA ARG C 601 -12.98 -6.59 41.63
C ARG C 601 -12.58 -6.94 43.07
N SER C 602 -13.26 -7.87 43.73
CA SER C 602 -12.80 -8.44 45.02
C SER C 602 -11.48 -9.21 44.76
N VAL C 603 -10.37 -8.76 45.36
CA VAL C 603 -8.99 -9.28 45.10
C VAL C 603 -8.92 -10.80 45.35
N ALA C 604 -9.40 -11.28 46.50
CA ALA C 604 -9.28 -12.69 46.92
C ALA C 604 -10.01 -13.59 45.91
N GLU C 605 -11.22 -13.22 45.50
CA GLU C 605 -12.04 -14.05 44.59
C GLU C 605 -11.43 -14.01 43.18
N ARG C 606 -10.91 -12.85 42.75
CA ARG C 606 -10.27 -12.73 41.43
C ARG C 606 -9.04 -13.64 41.36
N ASN C 607 -8.17 -13.59 42.37
CA ASN C 607 -6.94 -14.43 42.46
C ASN C 607 -7.28 -15.92 42.46
N ARG C 608 -8.33 -16.32 43.17
CA ARG C 608 -8.80 -17.72 43.20
C ARG C 608 -9.27 -18.16 41.80
N LEU C 609 -10.09 -17.35 41.12
CA LEU C 609 -10.50 -17.62 39.72
C LEU C 609 -9.26 -17.73 38.81
N LEU C 610 -8.29 -16.83 38.97
CA LEU C 610 -7.11 -16.81 38.07
C LEU C 610 -6.32 -18.12 38.28
N SER C 611 -6.18 -18.52 39.53
CA SER C 611 -5.58 -19.80 39.99
C SER C 611 -6.27 -21.02 39.35
N ASP C 612 -7.59 -21.07 39.43
CA ASP C 612 -8.40 -22.19 38.87
C ASP C 612 -8.25 -22.15 37.34
N LEU C 613 -8.28 -20.98 36.73
CA LEU C 613 -8.21 -20.89 35.25
C LEU C 613 -6.87 -21.49 34.82
N MET C 614 -5.80 -21.17 35.54
CA MET C 614 -4.39 -21.48 35.16
C MET C 614 -3.98 -22.87 35.68
N GLN C 615 -4.90 -23.64 36.24
CA GLN C 615 -4.60 -24.97 36.84
C GLN C 615 -3.93 -25.90 35.82
N LEU C 616 -4.51 -26.12 34.63
CA LEU C 616 -3.98 -27.09 33.63
C LEU C 616 -2.61 -26.65 33.13
N PRO C 617 -2.40 -25.42 32.64
CA PRO C 617 -1.05 -24.98 32.29
C PRO C 617 -0.07 -25.01 33.48
N ASN C 618 -0.51 -24.69 34.70
CA ASN C 618 0.42 -24.63 35.86
C ASN C 618 0.85 -26.06 36.24
N MET C 619 -0.01 -27.05 36.07
CA MET C 619 0.35 -28.44 36.43
C MET C 619 1.28 -29.00 35.34
N ALA C 620 1.00 -28.72 34.07
CA ALA C 620 1.91 -29.08 32.95
C ALA C 620 3.27 -28.40 33.17
N TRP C 621 3.27 -27.11 33.53
CA TRP C 621 4.49 -26.31 33.85
C TRP C 621 5.26 -26.94 35.00
N ASP C 622 4.61 -27.26 36.11
CA ASP C 622 5.27 -27.79 37.34
C ASP C 622 5.96 -29.11 37.01
N THR C 623 5.29 -29.98 36.26
CA THR C 623 5.79 -31.34 35.91
C THR C 623 7.00 -31.15 34.97
N ILE C 624 6.95 -30.17 34.07
CA ILE C 624 8.06 -29.91 33.10
C ILE C 624 9.26 -29.32 33.85
N VAL C 625 9.05 -28.35 34.73
CA VAL C 625 10.15 -27.74 35.52
C VAL C 625 10.87 -28.85 36.33
N GLU C 626 10.14 -29.76 37.00
CA GLU C 626 10.75 -30.90 37.76
C GLU C 626 11.69 -31.68 36.85
N GLN C 627 11.16 -32.25 35.77
CA GLN C 627 11.90 -33.05 34.76
C GLN C 627 13.05 -32.23 34.18
N SER C 628 12.73 -31.04 33.65
CA SER C 628 13.67 -30.11 32.99
C SER C 628 14.83 -29.77 33.94
N THR C 629 14.56 -29.47 35.21
CA THR C 629 15.61 -29.17 36.25
C THR C 629 16.38 -30.46 36.60
N ALA C 630 15.68 -31.59 36.74
CA ALA C 630 16.31 -32.93 36.95
C ALA C 630 17.26 -33.22 35.78
N ASN C 631 16.81 -33.07 34.52
CA ASN C 631 17.63 -33.42 33.33
C ASN C 631 17.49 -32.36 32.23
N PRO C 632 18.55 -31.56 31.95
CA PRO C 632 18.51 -30.56 30.86
C PRO C 632 18.34 -31.14 29.43
N THR C 633 18.66 -32.43 29.24
CA THR C 633 18.53 -33.20 27.98
C THR C 633 17.06 -33.31 27.54
N LEU C 634 16.10 -33.33 28.48
CA LEU C 634 14.65 -33.57 28.20
C LEU C 634 14.11 -32.46 27.28
N LEU C 635 14.68 -31.25 27.40
CA LEU C 635 14.32 -30.02 26.63
C LEU C 635 14.66 -30.16 25.14
N LEU C 636 15.57 -31.06 24.76
CA LEU C 636 15.98 -31.30 23.34
C LEU C 636 14.79 -31.86 22.54
N ASP C 637 13.91 -32.60 23.24
CA ASP C 637 12.72 -33.26 22.66
C ASP C 637 11.80 -32.18 22.07
N SER C 638 11.47 -32.31 20.79
CA SER C 638 10.67 -31.31 20.05
C SER C 638 9.25 -31.24 20.65
N GLU C 639 8.73 -32.37 21.17
CA GLU C 639 7.37 -32.43 21.77
C GLU C 639 7.33 -31.60 23.07
N THR C 640 8.36 -31.70 23.91
CA THR C 640 8.45 -30.92 25.17
C THR C 640 8.51 -29.41 24.88
N VAL C 641 9.21 -29.03 23.81
CA VAL C 641 9.41 -27.62 23.39
C VAL C 641 8.07 -27.03 22.96
N LYS C 642 7.24 -27.82 22.31
CA LYS C 642 5.90 -27.36 21.86
C LYS C 642 4.99 -27.19 23.07
N ILE C 643 5.04 -28.11 24.01
CA ILE C 643 4.23 -28.02 25.25
C ILE C 643 4.63 -26.75 26.00
N ILE C 644 5.92 -26.47 26.13
CA ILE C 644 6.45 -25.32 26.93
C ILE C 644 5.99 -24.02 26.26
N ALA C 645 6.13 -23.92 24.93
CA ALA C 645 5.76 -22.72 24.16
C ALA C 645 4.27 -22.46 24.37
N ASN C 646 3.46 -23.52 24.38
CA ASN C 646 1.97 -23.39 24.44
C ASN C 646 1.52 -23.01 25.86
N ILE C 647 2.24 -23.44 26.89
CA ILE C 647 2.04 -22.96 28.29
C ILE C 647 2.33 -21.47 28.33
N ILE C 648 3.49 -21.04 27.84
CA ILE C 648 3.89 -19.62 27.92
C ILE C 648 2.83 -18.83 27.15
N LYS C 649 2.44 -19.30 25.96
CA LYS C 649 1.46 -18.58 25.08
C LYS C 649 0.11 -18.44 25.80
N THR C 650 -0.28 -19.45 26.57
CA THR C 650 -1.55 -19.45 27.35
C THR C 650 -1.43 -18.36 28.43
N ASN C 651 -0.25 -18.25 29.05
CA ASN C 651 0.02 -17.16 30.03
C ASN C 651 -0.07 -15.80 29.31
N VAL C 652 0.52 -15.65 28.13
CA VAL C 652 0.49 -14.37 27.37
C VAL C 652 -0.97 -14.00 27.09
N ALA C 653 -1.77 -14.98 26.68
CA ALA C 653 -3.17 -14.75 26.28
C ALA C 653 -3.97 -14.24 27.49
N VAL C 654 -3.82 -14.88 28.66
CA VAL C 654 -4.55 -14.46 29.88
C VAL C 654 -4.05 -13.10 30.38
N CYS C 655 -2.74 -12.87 30.30
CA CYS C 655 -2.13 -11.58 30.72
C CYS C 655 -2.59 -10.45 29.78
N THR C 656 -2.86 -10.75 28.52
CA THR C 656 -3.31 -9.74 27.54
C THR C 656 -4.63 -9.15 28.05
N SER C 657 -5.54 -10.00 28.53
CA SER C 657 -6.90 -9.56 28.90
C SER C 657 -6.94 -9.12 30.36
N MET C 658 -6.00 -9.51 31.21
CA MET C 658 -6.08 -9.21 32.66
C MET C 658 -5.11 -8.09 33.07
N GLY C 659 -4.03 -7.88 32.30
CA GLY C 659 -3.05 -6.80 32.57
C GLY C 659 -2.58 -6.83 34.01
N ALA C 660 -2.78 -5.74 34.76
CA ALA C 660 -2.33 -5.59 36.16
C ALA C 660 -2.81 -6.74 37.04
N ASP C 661 -3.98 -7.31 36.77
CA ASP C 661 -4.59 -8.38 37.61
C ASP C 661 -3.81 -9.70 37.45
N PHE C 662 -2.93 -9.78 36.47
CA PHE C 662 -2.28 -11.06 36.10
C PHE C 662 -1.09 -11.32 37.03
N TYR C 663 -0.68 -10.34 37.85
CA TYR C 663 0.57 -10.39 38.65
C TYR C 663 0.71 -11.67 39.49
N PRO C 664 -0.30 -12.13 40.25
CA PRO C 664 -0.11 -13.32 41.08
C PRO C 664 0.28 -14.54 40.23
N GLN C 665 -0.29 -14.66 39.02
CA GLN C 665 0.03 -15.79 38.12
C GLN C 665 1.47 -15.67 37.65
N LEU C 666 1.88 -14.48 37.20
CA LEU C 666 3.28 -14.21 36.77
C LEU C 666 4.24 -14.53 37.93
N GLY C 667 3.86 -14.17 39.15
CA GLY C 667 4.63 -14.49 40.37
C GLY C 667 4.85 -15.98 40.56
N HIS C 668 3.85 -16.81 40.26
CA HIS C 668 3.93 -18.30 40.41
C HIS C 668 5.03 -18.86 39.49
N ILE C 669 5.24 -18.29 38.29
CA ILE C 669 6.10 -18.93 37.25
C ILE C 669 7.40 -18.15 37.05
N TYR C 670 7.51 -16.93 37.58
CA TYR C 670 8.53 -15.94 37.13
C TYR C 670 9.95 -16.51 37.27
N TYR C 671 10.32 -17.02 38.43
CA TYR C 671 11.74 -17.40 38.68
C TYR C 671 12.08 -18.66 37.86
N ASN C 672 11.22 -19.66 37.82
CA ASN C 672 11.51 -20.85 36.98
C ASN C 672 11.47 -20.44 35.50
N MET C 673 10.60 -19.51 35.10
CA MET C 673 10.54 -19.06 33.69
C MET C 673 11.88 -18.43 33.28
N LEU C 674 12.51 -17.61 34.14
CA LEU C 674 13.81 -16.97 33.82
C LEU C 674 14.94 -18.01 33.88
N GLN C 675 14.82 -19.07 34.67
CA GLN C 675 15.80 -20.19 34.62
C GLN C 675 15.63 -20.96 33.30
N LEU C 676 14.40 -21.16 32.85
CA LEU C 676 14.13 -21.83 31.55
C LEU C 676 14.70 -21.00 30.38
N TYR C 677 14.55 -19.67 30.42
CA TYR C 677 15.14 -18.73 29.43
C TYR C 677 16.65 -18.99 29.33
N ARG C 678 17.36 -19.02 30.47
CA ARG C 678 18.82 -19.30 30.52
C ARG C 678 19.13 -20.69 29.95
N ALA C 679 18.37 -21.72 30.31
CA ALA C 679 18.65 -23.12 29.90
C ALA C 679 18.50 -23.23 28.37
N VAL C 680 17.39 -22.73 27.85
CA VAL C 680 17.08 -22.67 26.39
C VAL C 680 18.20 -21.88 25.67
N SER C 681 18.69 -20.78 26.24
CA SER C 681 19.77 -19.96 25.64
C SER C 681 21.03 -20.82 25.48
N SER C 682 21.39 -21.58 26.53
CA SER C 682 22.50 -22.56 26.54
C SER C 682 22.37 -23.51 25.34
N MET C 683 21.22 -24.17 25.24
CA MET C 683 20.91 -25.14 24.14
C MET C 683 21.07 -24.48 22.77
N ILE C 684 20.64 -23.24 22.57
CA ILE C 684 20.80 -22.56 21.24
C ILE C 684 22.29 -22.32 20.97
N SER C 685 23.03 -21.69 21.90
CA SER C 685 24.51 -21.52 21.88
C SER C 685 25.19 -22.84 21.56
N THR C 686 24.87 -23.89 22.29
CA THR C 686 25.42 -25.26 22.15
C THR C 686 25.18 -25.75 20.73
N GLN C 687 23.96 -25.58 20.22
CA GLN C 687 23.57 -26.13 18.89
C GLN C 687 24.27 -25.32 17.78
N VAL C 688 24.43 -23.99 17.90
CA VAL C 688 25.10 -23.16 16.86
C VAL C 688 26.60 -23.49 16.81
N ALA C 689 27.19 -23.84 17.95
CA ALA C 689 28.61 -24.20 18.07
C ALA C 689 28.83 -25.51 17.28
N ALA C 690 27.97 -26.51 17.49
CA ALA C 690 28.09 -27.86 16.90
C ALA C 690 27.62 -27.88 15.43
N GLU C 691 26.65 -27.06 15.03
CA GLU C 691 25.99 -27.21 13.70
C GLU C 691 26.26 -26.00 12.79
N GLY C 692 26.75 -24.88 13.34
CA GLY C 692 26.97 -23.62 12.59
C GLY C 692 25.72 -22.75 12.55
N LEU C 693 25.81 -21.57 11.93
CA LEU C 693 24.71 -20.57 11.82
C LEU C 693 23.42 -21.20 11.28
N ILE C 694 23.54 -22.24 10.45
CA ILE C 694 22.40 -22.97 9.82
C ILE C 694 21.48 -23.53 10.90
N ALA C 695 22.03 -23.86 12.08
CA ALA C 695 21.24 -24.31 13.26
C ALA C 695 20.07 -23.36 13.54
N THR C 696 20.24 -22.05 13.31
CA THR C 696 19.20 -21.03 13.64
C THR C 696 17.97 -21.23 12.76
N LYS C 697 18.08 -21.99 11.66
CA LYS C 697 16.97 -22.26 10.70
C LYS C 697 16.26 -23.59 11.03
N THR C 698 16.85 -24.46 11.85
CA THR C 698 16.30 -25.81 12.15
C THR C 698 15.02 -25.69 12.95
N PRO C 699 14.06 -26.63 12.78
CA PRO C 699 12.86 -26.65 13.62
C PRO C 699 13.18 -26.66 15.13
N LYS C 700 14.21 -27.40 15.54
CA LYS C 700 14.60 -27.53 16.98
C LYS C 700 14.94 -26.15 17.54
N VAL C 701 15.82 -25.40 16.86
CA VAL C 701 16.29 -24.09 17.37
C VAL C 701 15.18 -23.05 17.22
N ARG C 702 14.37 -23.07 16.17
CA ARG C 702 13.25 -22.10 16.02
C ARG C 702 12.25 -22.34 17.15
N GLY C 703 12.02 -23.60 17.54
CA GLY C 703 11.22 -24.04 18.70
C GLY C 703 11.77 -23.48 20.00
N LEU C 704 13.08 -23.52 20.20
CA LEU C 704 13.72 -22.99 21.44
C LEU C 704 13.65 -21.46 21.45
N ARG C 705 13.90 -20.82 20.32
CA ARG C 705 13.82 -19.35 20.22
C ARG C 705 12.40 -18.88 20.48
N THR C 706 11.39 -19.65 20.05
CA THR C 706 9.96 -19.35 20.28
C THR C 706 9.73 -19.30 21.79
N ILE C 707 10.32 -20.19 22.58
CA ILE C 707 10.17 -20.13 24.05
C ILE C 707 10.75 -18.80 24.56
N LYS C 708 11.93 -18.41 24.11
CA LYS C 708 12.55 -17.11 24.53
C LYS C 708 11.65 -15.92 24.15
N LYS C 709 11.12 -15.89 22.93
CA LYS C 709 10.31 -14.77 22.39
C LYS C 709 9.00 -14.68 23.16
N GLU C 710 8.34 -15.81 23.47
CA GLU C 710 7.07 -15.83 24.24
C GLU C 710 7.32 -15.41 25.69
N ILE C 711 8.47 -15.76 26.27
CA ILE C 711 8.83 -15.31 27.65
C ILE C 711 8.95 -13.78 27.65
N LEU C 712 9.69 -13.19 26.71
CA LEU C 712 9.91 -11.74 26.62
C LEU C 712 8.56 -11.06 26.35
N LYS C 713 7.70 -11.69 25.56
CA LYS C 713 6.35 -11.19 25.23
C LYS C 713 5.51 -11.17 26.51
N LEU C 714 5.57 -12.22 27.33
CA LEU C 714 4.80 -12.28 28.59
C LEU C 714 5.21 -11.12 29.49
N VAL C 715 6.52 -10.93 29.68
CA VAL C 715 7.05 -9.88 30.60
C VAL C 715 6.71 -8.51 30.04
N GLU C 716 6.89 -8.31 28.74
CA GLU C 716 6.57 -7.02 28.07
C GLU C 716 5.06 -6.74 28.28
N THR C 717 4.21 -7.75 28.10
CA THR C 717 2.74 -7.61 28.17
C THR C 717 2.38 -7.21 29.60
N TYR C 718 2.95 -7.86 30.60
CA TYR C 718 2.62 -7.54 32.00
C TYR C 718 3.08 -6.09 32.29
N ILE C 719 4.33 -5.78 32.01
CA ILE C 719 4.94 -4.50 32.44
C ILE C 719 4.23 -3.34 31.71
N SER C 720 3.83 -3.53 30.47
CA SER C 720 3.10 -2.47 29.71
C SER C 720 1.78 -2.11 30.40
N LYS C 721 1.16 -3.00 31.18
CA LYS C 721 -0.18 -2.75 31.77
C LYS C 721 -0.09 -2.67 33.28
N ALA C 722 1.10 -2.77 33.88
CA ALA C 722 1.27 -2.88 35.35
C ALA C 722 0.85 -1.57 36.02
N ARG C 723 0.28 -1.69 37.21
CA ARG C 723 -0.17 -0.59 38.09
C ARG C 723 0.82 -0.43 39.24
N ASN C 724 1.28 -1.54 39.81
CA ASN C 724 2.25 -1.51 40.93
C ASN C 724 3.66 -1.55 40.36
N LEU C 725 4.21 -0.38 40.04
CA LEU C 725 5.54 -0.22 39.41
C LEU C 725 6.63 -0.47 40.44
N ASP C 726 6.36 -0.27 41.73
CA ASP C 726 7.32 -0.55 42.84
C ASP C 726 7.68 -2.04 42.84
N ASP C 727 6.72 -2.93 42.62
CA ASP C 727 6.98 -4.40 42.50
C ASP C 727 7.68 -4.69 41.17
N VAL C 728 7.36 -3.97 40.11
CA VAL C 728 8.08 -4.18 38.82
C VAL C 728 9.58 -3.98 39.06
N VAL C 729 9.94 -2.88 39.73
CA VAL C 729 11.36 -2.50 39.98
C VAL C 729 11.97 -3.43 41.04
N LYS C 730 11.22 -3.78 42.08
CA LYS C 730 11.77 -4.51 43.25
C LYS C 730 11.84 -6.02 42.96
N VAL C 731 10.92 -6.58 42.18
CA VAL C 731 10.78 -8.05 41.99
C VAL C 731 11.14 -8.45 40.56
N LEU C 732 10.64 -7.74 39.55
CA LEU C 732 10.74 -8.23 38.14
C LEU C 732 12.06 -7.79 37.46
N VAL C 733 12.49 -6.54 37.60
CA VAL C 733 13.47 -5.92 36.66
C VAL C 733 14.85 -6.56 36.86
N GLU C 734 15.32 -6.72 38.09
CA GLU C 734 16.71 -7.16 38.32
C GLU C 734 16.89 -8.55 37.73
N PRO C 735 16.07 -9.56 38.11
CA PRO C 735 16.17 -10.89 37.50
C PRO C 735 16.03 -10.88 35.98
N LEU C 736 15.16 -10.02 35.44
CA LEU C 736 14.94 -9.96 33.97
C LEU C 736 16.24 -9.53 33.30
N LEU C 737 16.84 -8.44 33.77
CA LEU C 737 18.09 -7.89 33.17
C LEU C 737 19.20 -8.93 33.28
N ASN C 738 19.26 -9.66 34.41
CA ASN C 738 20.31 -10.70 34.65
C ASN C 738 20.12 -11.84 33.64
N ALA C 739 18.88 -12.25 33.38
CA ALA C 739 18.61 -13.39 32.49
C ALA C 739 18.84 -12.99 31.03
N VAL C 740 18.58 -11.75 30.61
CA VAL C 740 18.48 -11.47 29.14
C VAL C 740 19.66 -10.66 28.60
N LEU C 741 20.29 -9.76 29.37
CA LEU C 741 21.17 -8.73 28.76
C LEU C 741 22.51 -9.34 28.31
N GLU C 742 23.22 -10.00 29.22
CA GLU C 742 24.50 -10.69 28.92
C GLU C 742 24.26 -11.78 27.87
N ASP C 743 23.15 -12.50 27.92
CA ASP C 743 22.85 -13.55 26.91
C ASP C 743 22.75 -12.93 25.50
N TYR C 744 22.18 -11.73 25.38
CA TYR C 744 22.03 -10.99 24.12
C TYR C 744 23.42 -10.54 23.64
N MET C 745 24.18 -9.88 24.50
CA MET C 745 25.52 -9.34 24.19
C MET C 745 26.46 -10.48 23.78
N ASN C 746 26.36 -11.68 24.37
CA ASN C 746 27.41 -12.73 24.22
C ASN C 746 27.02 -13.79 23.19
N ASN C 747 25.89 -13.62 22.52
CA ASN C 747 25.49 -14.42 21.34
C ASN C 747 26.02 -13.75 20.07
N VAL C 748 26.35 -14.56 19.08
CA VAL C 748 26.67 -14.11 17.69
C VAL C 748 25.47 -13.36 17.14
N PRO C 749 25.66 -12.33 16.29
CA PRO C 749 24.55 -11.55 15.77
C PRO C 749 23.32 -12.36 15.37
N ASP C 750 23.48 -13.47 14.65
CA ASP C 750 22.36 -14.25 14.04
C ASP C 750 21.53 -14.97 15.13
N ALA C 751 22.02 -15.04 16.36
CA ALA C 751 21.33 -15.73 17.47
C ALA C 751 20.71 -14.71 18.43
N ARG C 752 20.97 -13.42 18.23
CA ARG C 752 20.37 -12.35 19.05
C ARG C 752 18.90 -12.12 18.66
N ASP C 753 18.01 -12.03 19.67
CA ASP C 753 16.56 -11.82 19.49
C ASP C 753 16.28 -10.32 19.62
N ALA C 754 15.82 -9.70 18.55
CA ALA C 754 15.38 -8.28 18.54
C ALA C 754 14.25 -8.08 19.57
N GLU C 755 13.47 -9.09 19.94
CA GLU C 755 12.44 -9.02 21.01
C GLU C 755 13.05 -8.57 22.35
N VAL C 756 14.34 -8.83 22.58
CA VAL C 756 15.03 -8.34 23.80
C VAL C 756 14.96 -6.82 23.76
N LEU C 757 15.24 -6.21 22.62
CA LEU C 757 15.25 -4.73 22.51
C LEU C 757 13.84 -4.20 22.78
N ASN C 758 12.82 -4.86 22.23
CA ASN C 758 11.40 -4.46 22.36
C ASN C 758 11.00 -4.53 23.85
N CYS C 759 11.33 -5.62 24.53
CA CYS C 759 11.07 -5.81 25.98
C CYS C 759 11.74 -4.68 26.77
N MET C 760 13.00 -4.37 26.48
CA MET C 760 13.77 -3.32 27.22
C MET C 760 13.13 -1.95 26.99
N THR C 761 12.60 -1.70 25.80
CA THR C 761 11.90 -0.44 25.45
C THR C 761 10.71 -0.26 26.40
N THR C 762 9.90 -1.30 26.59
CA THR C 762 8.73 -1.27 27.50
C THR C 762 9.23 -1.04 28.92
N VAL C 763 10.32 -1.71 29.34
CA VAL C 763 10.84 -1.54 30.73
C VAL C 763 11.22 -0.07 30.94
N VAL C 764 11.95 0.52 29.99
CA VAL C 764 12.45 1.92 30.16
C VAL C 764 11.24 2.87 30.09
N GLU C 765 10.30 2.61 29.19
CA GLU C 765 9.05 3.40 29.04
C GLU C 765 8.35 3.49 30.41
N LYS C 766 8.14 2.36 31.09
CA LYS C 766 7.26 2.30 32.27
C LYS C 766 8.00 2.66 33.54
N VAL C 767 9.25 2.23 33.72
CA VAL C 767 9.94 2.41 35.02
C VAL C 767 11.37 2.95 34.83
N GLY C 768 11.69 3.54 33.68
CA GLY C 768 13.04 4.03 33.36
C GLY C 768 13.59 4.98 34.42
N HIS C 769 12.75 5.91 34.89
CA HIS C 769 13.02 6.94 35.93
C HIS C 769 13.42 6.27 37.25
N MET C 770 12.91 5.07 37.54
CA MET C 770 13.14 4.39 38.84
C MET C 770 14.35 3.44 38.77
N ILE C 771 14.94 3.19 37.60
CA ILE C 771 16.12 2.26 37.48
C ILE C 771 17.25 2.88 36.68
N PRO C 772 17.82 4.04 37.10
CA PRO C 772 18.89 4.68 36.33
C PRO C 772 20.09 3.75 36.08
N GLN C 773 20.44 2.89 37.04
CA GLN C 773 21.59 1.96 36.93
C GLN C 773 21.18 0.80 35.99
N GLY C 774 19.89 0.47 35.95
CA GLY C 774 19.35 -0.54 35.03
C GLY C 774 19.42 -0.05 33.59
N VAL C 775 19.11 1.22 33.36
CA VAL C 775 19.16 1.79 31.99
C VAL C 775 20.61 1.79 31.49
N ILE C 776 21.56 2.19 32.35
CA ILE C 776 23.01 2.17 32.03
C ILE C 776 23.38 0.74 31.60
N LEU C 777 22.95 -0.28 32.35
CA LEU C 777 23.28 -1.70 32.10
C LEU C 777 22.67 -2.14 30.75
N ILE C 778 21.43 -1.72 30.44
CA ILE C 778 20.76 -1.99 29.14
C ILE C 778 21.63 -1.44 28.02
N LEU C 779 22.06 -0.18 28.11
CA LEU C 779 22.90 0.46 27.08
C LEU C 779 24.23 -0.30 26.93
N GLN C 780 24.92 -0.57 28.04
CA GLN C 780 26.23 -1.25 27.99
C GLN C 780 26.03 -2.60 27.28
N SER C 781 24.90 -3.27 27.46
CA SER C 781 24.69 -4.63 26.93
C SER C 781 24.34 -4.59 25.44
N VAL C 782 23.51 -3.64 25.02
CA VAL C 782 22.85 -3.75 23.69
C VAL C 782 23.43 -2.72 22.70
N PHE C 783 24.06 -1.65 23.16
CA PHE C 783 24.29 -0.46 22.29
C PHE C 783 25.34 -0.75 21.21
N GLU C 784 26.59 -1.02 21.58
CA GLU C 784 27.66 -1.17 20.58
C GLU C 784 27.45 -2.45 19.76
N CYS C 785 27.02 -3.54 20.38
CA CYS C 785 26.89 -4.80 19.60
C CYS C 785 25.73 -4.65 18.60
N THR C 786 24.61 -4.02 18.96
CA THR C 786 23.48 -3.86 18.01
C THR C 786 23.87 -2.87 16.91
N LEU C 787 24.60 -1.80 17.25
CA LEU C 787 24.98 -0.75 16.27
C LEU C 787 25.89 -1.37 15.19
N ASP C 788 26.80 -2.25 15.58
CA ASP C 788 27.73 -2.95 14.66
C ASP C 788 26.96 -3.91 13.74
N MET C 789 25.80 -4.43 14.15
CA MET C 789 24.98 -5.31 13.28
C MET C 789 24.32 -4.47 12.18
N ILE C 790 24.00 -3.20 12.44
CA ILE C 790 23.07 -2.41 11.57
C ILE C 790 23.78 -1.25 10.87
N ASN C 791 25.10 -1.09 10.95
CA ASN C 791 25.81 0.11 10.44
C ASN C 791 26.71 -0.26 9.26
N LYS C 792 26.42 -1.36 8.57
CA LYS C 792 27.20 -1.84 7.41
C LYS C 792 26.40 -1.58 6.13
N ASP C 793 25.08 -1.52 6.22
CA ASP C 793 24.15 -1.41 5.06
C ASP C 793 22.80 -1.01 5.65
N PHE C 794 21.77 -0.82 4.82
CA PHE C 794 20.45 -0.34 5.30
C PHE C 794 19.50 -1.53 5.49
N THR C 795 19.94 -2.75 5.11
CA THR C 795 19.05 -3.93 4.86
C THR C 795 19.19 -4.99 5.97
N GLU C 796 20.38 -5.25 6.49
CA GLU C 796 20.60 -6.41 7.39
C GLU C 796 19.88 -6.14 8.72
N TYR C 797 19.32 -7.20 9.31
CA TYR C 797 18.72 -7.20 10.68
C TYR C 797 17.67 -6.10 10.78
N PRO C 798 16.64 -6.14 9.89
CA PRO C 798 15.61 -5.11 9.85
C PRO C 798 14.85 -4.96 11.17
N GLU C 799 14.51 -6.07 11.85
CA GLU C 799 13.83 -6.00 13.18
C GLU C 799 14.72 -5.34 14.23
N HIS C 800 16.00 -5.70 14.31
CA HIS C 800 16.98 -5.13 15.27
C HIS C 800 17.09 -3.62 15.05
N ARG C 801 17.21 -3.23 13.79
CA ARG C 801 17.25 -1.84 13.29
C ARG C 801 16.07 -1.06 13.88
N VAL C 802 14.86 -1.55 13.67
CA VAL C 802 13.66 -0.83 14.14
C VAL C 802 13.68 -0.77 15.67
N GLU C 803 13.85 -1.89 16.36
CA GLU C 803 13.73 -1.94 17.84
C GLU C 803 14.88 -1.14 18.47
N PHE C 804 16.04 -1.09 17.82
CA PHE C 804 17.23 -0.36 18.33
C PHE C 804 16.92 1.12 18.45
N TYR C 805 16.33 1.74 17.41
CA TYR C 805 16.10 3.21 17.46
C TYR C 805 14.90 3.51 18.35
N LYS C 806 13.99 2.57 18.55
CA LYS C 806 12.86 2.72 19.51
C LYS C 806 13.43 2.73 20.93
N LEU C 807 14.42 1.87 21.20
CA LEU C 807 15.08 1.81 22.53
C LEU C 807 15.87 3.10 22.81
N LEU C 808 16.75 3.56 21.91
CA LEU C 808 17.48 4.86 22.10
C LEU C 808 16.48 6.00 22.27
N LYS C 809 15.37 6.01 21.53
CA LYS C 809 14.37 7.08 21.63
C LYS C 809 13.82 7.17 23.06
N VAL C 810 13.38 6.05 23.64
CA VAL C 810 12.77 6.07 25.01
C VAL C 810 13.87 6.33 26.05
N ILE C 811 15.09 5.84 25.86
CA ILE C 811 16.16 6.14 26.83
C ILE C 811 16.46 7.64 26.80
N ASN C 812 16.44 8.24 25.61
CA ASN C 812 16.77 9.69 25.46
C ASN C 812 15.64 10.54 26.06
N GLU C 813 14.39 10.05 26.09
CA GLU C 813 13.22 10.72 26.75
C GLU C 813 13.27 10.54 28.27
N LYS C 814 13.46 9.33 28.77
CA LYS C 814 13.15 8.96 30.19
C LYS C 814 14.41 8.92 31.06
N SER C 815 15.58 8.60 30.51
CA SER C 815 16.79 8.40 31.33
C SER C 815 18.02 8.95 30.59
N PHE C 816 17.92 10.21 30.13
CA PHE C 816 18.98 10.91 29.40
C PHE C 816 20.31 10.84 30.18
N ALA C 817 20.26 10.83 31.52
CA ALA C 817 21.45 10.66 32.39
C ALA C 817 22.30 9.46 31.94
N ALA C 818 21.70 8.42 31.34
CA ALA C 818 22.45 7.21 30.92
C ALA C 818 23.45 7.58 29.81
N PHE C 819 23.12 8.56 28.95
CA PHE C 819 24.00 9.06 27.87
C PHE C 819 25.10 9.96 28.46
N LEU C 820 24.83 10.72 29.53
CA LEU C 820 25.88 11.52 30.26
C LEU C 820 26.96 10.61 30.88
N GLU C 821 26.62 9.36 31.20
CA GLU C 821 27.53 8.39 31.86
C GLU C 821 28.28 7.57 30.80
N LEU C 822 28.13 7.89 29.51
CA LEU C 822 28.92 7.24 28.43
C LEU C 822 30.28 7.94 28.36
N PRO C 823 31.40 7.18 28.19
CA PRO C 823 32.68 7.82 27.87
C PRO C 823 32.59 8.53 26.52
N PRO C 824 33.39 9.59 26.29
CA PRO C 824 33.22 10.43 25.11
C PRO C 824 33.13 9.66 23.78
N ALA C 825 33.92 8.59 23.62
CA ALA C 825 34.00 7.77 22.38
C ALA C 825 32.65 7.11 22.10
N ALA C 826 31.96 6.70 23.17
CA ALA C 826 30.68 5.97 23.09
C ALA C 826 29.56 6.99 22.84
N PHE C 827 29.67 8.20 23.39
CA PHE C 827 28.71 9.30 23.15
C PHE C 827 28.79 9.71 21.66
N LYS C 828 30.01 9.66 21.09
CA LYS C 828 30.30 9.91 19.66
C LYS C 828 29.60 8.84 18.81
N LEU C 829 29.64 7.56 19.22
CA LEU C 829 28.92 6.48 18.48
C LEU C 829 27.41 6.72 18.55
N PHE C 830 26.92 7.38 19.60
CA PHE C 830 25.48 7.70 19.78
C PHE C 830 25.09 8.74 18.72
N VAL C 831 25.88 9.81 18.59
CA VAL C 831 25.64 10.87 17.57
C VAL C 831 25.70 10.24 16.17
N ASP C 832 26.76 9.46 15.88
CA ASP C 832 26.91 8.72 14.60
C ASP C 832 25.65 7.92 14.33
N ALA C 833 25.11 7.22 15.35
CA ALA C 833 23.95 6.32 15.18
C ALA C 833 22.70 7.12 14.81
N ILE C 834 22.52 8.26 15.45
CA ILE C 834 21.37 9.17 15.16
C ILE C 834 21.45 9.59 13.69
N CYS C 835 22.60 10.08 13.25
CA CYS C 835 22.84 10.55 11.86
C CYS C 835 22.66 9.39 10.86
N TRP C 836 23.06 8.18 11.25
CA TRP C 836 22.86 6.96 10.44
C TRP C 836 21.37 6.71 10.19
N ALA C 837 20.56 6.86 11.23
CA ALA C 837 19.09 6.74 11.17
C ALA C 837 18.54 7.76 10.14
N PHE C 838 19.03 9.02 10.15
CA PHE C 838 18.58 10.07 9.20
C PHE C 838 18.66 9.57 7.76
N LYS C 839 19.72 8.85 7.42
CA LYS C 839 20.03 8.39 6.05
C LYS C 839 19.21 7.15 5.65
N HIS C 840 18.36 6.63 6.54
CA HIS C 840 17.52 5.44 6.27
C HIS C 840 16.32 5.84 5.41
N ASN C 841 15.87 4.90 4.57
CA ASN C 841 14.66 4.98 3.71
C ASN C 841 13.51 4.23 4.39
N ASN C 842 13.81 3.19 5.18
CA ASN C 842 12.86 2.63 6.17
C ASN C 842 12.34 3.80 6.99
N ARG C 843 11.04 4.09 6.89
CA ARG C 843 10.44 5.32 7.47
C ARG C 843 10.36 5.17 9.00
N ASP C 844 10.25 3.95 9.55
CA ASP C 844 10.19 3.78 11.02
C ASP C 844 11.52 4.36 11.60
N VAL C 845 12.67 3.99 11.02
CA VAL C 845 14.03 4.35 11.52
C VAL C 845 14.26 5.85 11.36
N GLU C 846 14.06 6.37 10.15
CA GLU C 846 14.30 7.78 9.74
C GLU C 846 13.60 8.72 10.75
N VAL C 847 12.31 8.46 11.00
CA VAL C 847 11.42 9.30 11.86
C VAL C 847 11.92 9.23 13.32
N ASN C 848 12.27 8.05 13.84
CA ASN C 848 12.87 7.92 15.19
C ASN C 848 14.20 8.69 15.23
N GLY C 849 15.05 8.54 14.21
CA GLY C 849 16.33 9.25 14.05
C GLY C 849 16.16 10.74 14.26
N LEU C 850 15.20 11.35 13.58
CA LEU C 850 14.97 12.82 13.62
C LEU C 850 14.39 13.21 14.96
N GLN C 851 13.49 12.41 15.52
CA GLN C 851 12.91 12.68 16.86
C GLN C 851 14.01 12.59 17.93
N ILE C 852 14.88 11.57 17.92
CA ILE C 852 15.97 11.46 18.92
C ILE C 852 16.82 12.73 18.83
N ALA C 853 17.20 13.13 17.62
CA ALA C 853 18.04 14.33 17.38
C ALA C 853 17.38 15.56 18.02
N LEU C 854 16.07 15.72 17.83
CA LEU C 854 15.26 16.84 18.35
C LEU C 854 15.23 16.81 19.89
N ASP C 855 14.90 15.65 20.45
CA ASP C 855 14.83 15.39 21.93
C ASP C 855 16.23 15.56 22.53
N LEU C 856 17.28 15.13 21.82
CA LEU C 856 18.68 15.25 22.30
C LEU C 856 19.06 16.73 22.44
N VAL C 857 18.73 17.55 21.45
CA VAL C 857 19.02 19.00 21.48
C VAL C 857 18.27 19.64 22.65
N LYS C 858 17.00 19.28 22.82
CA LYS C 858 16.15 19.76 23.94
C LYS C 858 16.76 19.32 25.27
N ASN C 859 17.27 18.08 25.38
CA ASN C 859 17.91 17.56 26.62
C ASN C 859 19.16 18.40 26.92
N ILE C 860 19.93 18.74 25.89
CA ILE C 860 21.17 19.55 26.04
C ILE C 860 20.79 20.97 26.43
N GLU C 861 19.79 21.57 25.80
CA GLU C 861 19.30 22.94 26.10
C GLU C 861 18.89 23.02 27.59
N ARG C 862 18.16 22.01 28.10
CA ARG C 862 17.69 21.90 29.52
C ARG C 862 18.85 22.04 30.50
N MET C 863 20.04 21.53 30.14
CA MET C 863 21.20 21.50 31.07
C MET C 863 21.70 22.92 31.34
N GLY C 864 21.32 23.91 30.53
CA GLY C 864 21.78 25.30 30.67
C GLY C 864 23.27 25.39 30.39
N ASN C 865 23.95 26.34 31.04
CA ASN C 865 25.31 26.76 30.66
C ASN C 865 26.32 25.99 31.51
N VAL C 866 26.70 24.78 31.09
CA VAL C 866 27.67 23.90 31.80
C VAL C 866 28.62 23.27 30.79
N PRO C 867 29.80 22.77 31.23
CA PRO C 867 30.76 22.16 30.31
C PRO C 867 30.21 21.13 29.32
N PHE C 868 29.31 20.24 29.73
CA PHE C 868 28.87 19.11 28.86
C PHE C 868 28.10 19.65 27.65
N ALA C 869 27.19 20.61 27.87
CA ALA C 869 26.35 21.32 26.87
C ALA C 869 27.21 22.16 25.91
N ASN C 870 28.18 22.92 26.44
CA ASN C 870 29.15 23.70 25.63
C ASN C 870 30.00 22.75 24.78
N GLU C 871 30.46 21.62 25.32
CA GLU C 871 31.30 20.63 24.58
C GLU C 871 30.45 19.91 23.53
N PHE C 872 29.17 19.69 23.82
CA PHE C 872 28.21 19.07 22.87
C PHE C 872 28.12 19.95 21.62
N HIS C 873 27.86 21.24 21.79
CA HIS C 873 27.71 22.20 20.68
C HIS C 873 29.02 22.29 19.88
N LYS C 874 30.16 22.51 20.56
CA LYS C 874 31.48 22.60 19.89
C LYS C 874 31.73 21.35 19.06
N ASN C 875 31.38 20.16 19.56
CA ASN C 875 31.75 18.89 18.91
C ASN C 875 30.74 18.45 17.85
N TYR C 876 29.46 18.82 17.99
CA TYR C 876 28.36 18.15 17.26
C TYR C 876 27.38 19.12 16.60
N PHE C 877 27.40 20.43 16.88
CA PHE C 877 26.39 21.36 16.31
C PHE C 877 26.45 21.30 14.77
N PHE C 878 27.64 21.48 14.21
CA PHE C 878 27.86 21.51 12.74
C PHE C 878 27.68 20.11 12.15
N ILE C 879 27.89 19.06 12.92
CA ILE C 879 27.61 17.69 12.40
C ILE C 879 26.10 17.58 12.19
N PHE C 880 25.28 17.99 13.15
CA PHE C 880 23.80 17.90 13.01
C PHE C 880 23.31 18.85 11.90
N VAL C 881 23.89 20.03 11.77
CA VAL C 881 23.42 21.02 10.77
C VAL C 881 23.67 20.42 9.38
N SER C 882 24.87 19.93 9.12
CA SER C 882 25.32 19.45 7.79
C SER C 882 24.65 18.12 7.47
N GLU C 883 24.41 17.28 8.48
CA GLU C 883 23.74 15.98 8.25
C GLU C 883 22.28 16.21 7.89
N THR C 884 21.63 17.19 8.53
CA THR C 884 20.20 17.50 8.27
C THR C 884 20.08 18.14 6.88
N PHE C 885 20.95 19.08 6.53
CA PHE C 885 21.04 19.63 5.15
C PHE C 885 21.29 18.50 4.12
N PHE C 886 22.13 17.51 4.40
CA PHE C 886 22.42 16.42 3.44
C PHE C 886 21.11 15.73 3.02
N VAL C 887 20.29 15.34 4.00
CA VAL C 887 19.09 14.49 3.78
C VAL C 887 17.96 15.38 3.25
N LEU C 888 17.93 16.68 3.57
CA LEU C 888 16.99 17.64 2.93
C LEU C 888 17.23 17.73 1.42
N THR C 889 18.49 17.75 0.98
CA THR C 889 18.89 18.24 -0.37
C THR C 889 19.16 17.09 -1.35
N ASP C 890 19.31 15.83 -0.91
CA ASP C 890 19.85 14.78 -1.79
C ASP C 890 18.72 14.08 -2.57
N SER C 891 17.46 14.35 -2.24
CA SER C 891 16.26 13.90 -3.00
C SER C 891 15.95 12.41 -2.73
N ASP C 892 16.66 11.76 -1.82
CA ASP C 892 16.43 10.32 -1.51
C ASP C 892 15.70 10.18 -0.16
N HIS C 893 15.38 11.28 0.53
CA HIS C 893 14.74 11.27 1.88
C HIS C 893 13.56 12.24 1.96
N LYS C 894 12.66 12.21 0.98
CA LYS C 894 11.54 13.17 0.87
C LYS C 894 10.48 12.91 1.95
N SER C 895 10.35 11.68 2.43
CA SER C 895 9.30 11.31 3.42
C SER C 895 9.53 12.05 4.75
N GLY C 896 10.79 12.36 5.10
CA GLY C 896 11.17 12.99 6.38
C GLY C 896 11.27 14.50 6.33
N PHE C 897 10.79 15.13 5.25
CA PHE C 897 10.99 16.57 4.96
C PHE C 897 10.57 17.42 6.18
N SER C 898 9.37 17.20 6.70
CA SER C 898 8.78 18.01 7.80
C SER C 898 9.64 17.93 9.06
N LYS C 899 10.20 16.77 9.38
CA LYS C 899 10.99 16.62 10.61
C LYS C 899 12.44 17.07 10.38
N GLN C 900 12.95 16.95 9.15
CA GLN C 900 14.26 17.56 8.78
C GLN C 900 14.16 19.08 9.01
N ALA C 901 13.09 19.71 8.50
CA ALA C 901 12.83 21.17 8.59
C ALA C 901 12.77 21.60 10.06
N LEU C 902 11.96 20.90 10.86
CA LEU C 902 11.79 21.18 12.31
C LEU C 902 13.16 21.10 12.99
N LEU C 903 13.92 20.04 12.76
CA LEU C 903 15.26 19.92 13.39
C LEU C 903 16.13 21.10 12.94
N LEU C 904 16.14 21.41 11.64
CA LEU C 904 17.03 22.49 11.13
C LEU C 904 16.61 23.85 11.73
N MET C 905 15.31 24.08 11.86
CA MET C 905 14.77 25.32 12.45
C MET C 905 15.25 25.46 13.90
N LYS C 906 15.17 24.38 14.67
CA LYS C 906 15.60 24.35 16.09
C LYS C 906 17.09 24.72 16.15
N LEU C 907 17.91 24.11 15.29
CA LEU C 907 19.38 24.36 15.27
C LEU C 907 19.66 25.81 14.88
N ILE C 908 19.04 26.33 13.83
CA ILE C 908 19.27 27.75 13.41
C ILE C 908 18.78 28.70 14.52
N SER C 909 17.66 28.38 15.17
CA SER C 909 17.03 29.22 16.23
C SER C 909 17.92 29.31 17.47
N LEU C 910 18.64 28.23 17.83
CA LEU C 910 19.58 28.22 18.98
C LEU C 910 20.62 29.32 18.81
N VAL C 911 21.08 29.53 17.58
CA VAL C 911 22.19 30.49 17.32
C VAL C 911 21.55 31.88 17.16
N TYR C 912 20.42 31.98 16.47
CA TYR C 912 19.74 33.27 16.22
C TYR C 912 19.28 33.91 17.54
N ASP C 913 19.09 33.13 18.61
CA ASP C 913 18.63 33.62 19.94
C ASP C 913 19.81 33.85 20.91
N ASN C 914 20.98 33.29 20.61
CA ASN C 914 22.21 33.37 21.47
C ASN C 914 22.08 32.41 22.62
N LYS C 915 21.39 31.29 22.42
CA LYS C 915 21.19 30.24 23.45
C LYS C 915 22.36 29.26 23.46
N ILE C 916 23.45 29.55 22.74
CA ILE C 916 24.73 28.81 22.81
C ILE C 916 25.78 29.78 23.35
N SER C 917 26.52 29.36 24.38
CA SER C 917 27.28 30.25 25.30
C SER C 917 28.72 30.44 24.79
N VAL C 918 29.30 29.45 24.10
CA VAL C 918 30.72 29.50 23.64
C VAL C 918 30.77 29.77 22.14
N PRO C 919 31.90 30.33 21.63
CA PRO C 919 32.15 30.36 20.18
C PRO C 919 32.07 28.95 19.56
N LEU C 920 31.42 28.83 18.40
CA LEU C 920 31.32 27.55 17.66
C LEU C 920 32.57 27.37 16.78
N TYR C 921 33.36 28.43 16.59
CA TYR C 921 34.58 28.41 15.75
C TYR C 921 35.79 28.19 16.67
N GLN C 922 36.82 27.50 16.17
CA GLN C 922 38.11 27.24 16.87
C GLN C 922 39.00 28.48 16.77
N GLU C 923 39.87 28.70 17.77
CA GLU C 923 40.76 29.88 17.91
C GLU C 923 41.49 30.19 16.58
N ALA C 924 41.53 31.48 16.21
CA ALA C 924 42.34 32.11 15.13
C ALA C 924 41.76 31.81 13.74
N GLU C 925 40.48 31.41 13.66
CA GLU C 925 39.77 31.04 12.41
C GLU C 925 38.86 32.19 11.95
N VAL C 926 38.61 33.14 12.83
CA VAL C 926 37.72 34.32 12.58
C VAL C 926 38.08 35.36 13.64
N PRO C 927 37.86 36.67 13.41
CA PRO C 927 38.07 37.68 14.46
C PRO C 927 37.40 37.21 15.77
N GLN C 928 38.10 37.36 16.91
CA GLN C 928 37.74 36.69 18.20
C GLN C 928 36.42 37.24 18.75
N GLY C 929 36.01 38.47 18.40
CA GLY C 929 34.72 39.04 18.83
C GLY C 929 33.51 38.40 18.16
N THR C 930 33.69 37.67 17.06
CA THR C 930 32.62 37.36 16.07
C THR C 930 31.50 36.51 16.70
N SER C 931 30.24 36.94 16.52
CA SER C 931 29.03 36.27 17.03
C SER C 931 28.85 34.94 16.31
N ASN C 932 28.21 33.98 16.96
CA ASN C 932 27.94 32.65 16.36
C ASN C 932 27.03 32.83 15.13
N GLN C 933 26.12 33.82 15.16
CA GLN C 933 25.20 34.15 14.04
C GLN C 933 26.00 34.42 12.76
N VAL C 934 27.07 35.21 12.88
CA VAL C 934 27.91 35.64 11.74
C VAL C 934 28.72 34.44 11.24
N TYR C 935 29.26 33.62 12.15
CA TYR C 935 29.99 32.39 11.76
C TYR C 935 29.05 31.33 11.16
N LEU C 936 27.85 31.13 11.70
CA LEU C 936 26.86 30.18 11.13
C LEU C 936 26.56 30.57 9.68
N SER C 937 26.34 31.87 9.41
CA SER C 937 26.12 32.42 8.05
C SER C 937 27.25 31.98 7.11
N GLN C 938 28.48 32.20 7.55
CA GLN C 938 29.73 31.92 6.81
C GLN C 938 29.85 30.40 6.57
N TYR C 939 29.70 29.57 7.61
CA TYR C 939 29.86 28.11 7.51
C TYR C 939 28.83 27.55 6.51
N LEU C 940 27.59 28.03 6.57
CA LEU C 940 26.50 27.50 5.71
C LEU C 940 26.72 27.96 4.26
N ALA C 941 27.17 29.19 4.05
CA ALA C 941 27.36 29.74 2.70
C ALA C 941 28.46 28.91 2.01
N ASN C 942 29.52 28.63 2.76
CA ASN C 942 30.69 27.85 2.30
C ASN C 942 30.25 26.42 1.99
N MET C 943 29.51 25.80 2.90
CA MET C 943 29.05 24.41 2.78
C MET C 943 28.10 24.28 1.58
N LEU C 944 27.17 25.21 1.41
CA LEU C 944 26.20 25.14 0.29
C LEU C 944 26.93 25.42 -1.03
N SER C 945 27.90 26.31 -1.03
CA SER C 945 28.72 26.66 -2.22
C SER C 945 29.48 25.42 -2.72
N ASN C 946 30.09 24.64 -1.83
CA ASN C 946 30.85 23.43 -2.19
C ASN C 946 29.91 22.33 -2.70
N ALA C 947 28.76 22.18 -2.05
CA ALA C 947 27.81 21.09 -2.33
C ALA C 947 27.00 21.43 -3.59
N PHE C 948 26.86 22.72 -3.92
CA PHE C 948 26.02 23.23 -5.04
C PHE C 948 26.78 24.32 -5.78
N PRO C 949 27.90 24.00 -6.47
CA PRO C 949 28.79 25.03 -7.02
C PRO C 949 28.21 25.85 -8.18
N HIS C 950 27.11 25.42 -8.76
CA HIS C 950 26.39 26.12 -9.86
C HIS C 950 25.50 27.25 -9.29
N LEU C 951 25.28 27.29 -7.97
CA LEU C 951 24.53 28.41 -7.34
C LEU C 951 25.45 29.62 -7.29
N THR C 952 24.90 30.82 -7.41
CA THR C 952 25.64 32.09 -7.15
C THR C 952 25.71 32.31 -5.64
N SER C 953 26.67 33.11 -5.22
CA SER C 953 26.82 33.66 -3.84
C SER C 953 25.56 34.43 -3.44
N GLU C 954 24.97 35.18 -4.38
CA GLU C 954 23.71 35.95 -4.18
C GLU C 954 22.56 34.99 -3.85
N GLN C 955 22.35 33.92 -4.64
CA GLN C 955 21.31 32.90 -4.34
C GLN C 955 21.50 32.35 -2.91
N ILE C 956 22.72 31.95 -2.58
CA ILE C 956 23.00 31.27 -1.30
C ILE C 956 22.79 32.27 -0.15
N ALA C 957 23.29 33.49 -0.27
CA ALA C 957 23.19 34.51 0.80
C ALA C 957 21.71 34.92 0.99
N SER C 958 20.91 35.02 -0.07
CA SER C 958 19.46 35.37 0.02
C SER C 958 18.69 34.26 0.73
N PHE C 959 18.97 33.00 0.35
CA PHE C 959 18.39 31.78 0.95
C PHE C 959 18.65 31.79 2.46
N LEU C 960 19.92 31.89 2.86
CA LEU C 960 20.33 31.84 4.29
C LEU C 960 19.73 33.02 5.07
N SER C 961 19.61 34.18 4.42
CA SER C 961 19.00 35.40 5.00
C SER C 961 17.52 35.13 5.32
N ALA C 962 16.75 34.67 4.33
CA ALA C 962 15.35 34.26 4.49
C ALA C 962 15.22 33.18 5.57
N LEU C 963 16.00 32.11 5.47
CA LEU C 963 15.98 30.97 6.41
C LEU C 963 16.12 31.46 7.86
N THR C 964 17.15 32.23 8.18
CA THR C 964 17.43 32.67 9.58
C THR C 964 16.30 33.61 10.08
N LYS C 965 15.75 34.47 9.22
CA LYS C 965 14.63 35.40 9.58
C LYS C 965 13.34 34.59 9.90
N GLN C 966 13.19 33.42 9.29
CA GLN C 966 11.93 32.65 9.28
C GLN C 966 12.06 31.46 10.26
N CYS C 967 13.04 31.45 11.14
CA CYS C 967 13.33 30.25 11.96
C CYS C 967 12.43 30.19 13.21
N LYS C 968 11.40 31.04 13.33
CA LYS C 968 10.30 30.87 14.33
C LYS C 968 8.97 30.55 13.63
N ASP C 969 8.96 30.41 12.30
CA ASP C 969 7.72 30.28 11.49
C ASP C 969 7.86 29.08 10.55
N LEU C 970 7.46 27.90 11.02
CA LEU C 970 7.79 26.59 10.41
C LEU C 970 7.21 26.50 9.00
N VAL C 971 6.01 27.03 8.78
CA VAL C 971 5.32 26.82 7.48
C VAL C 971 6.05 27.67 6.44
N VAL C 972 6.54 28.84 6.84
CA VAL C 972 7.20 29.78 5.90
C VAL C 972 8.63 29.28 5.64
N PHE C 973 9.31 28.80 6.69
CA PHE C 973 10.66 28.18 6.69
C PHE C 973 10.64 26.98 5.74
N LYS C 974 9.62 26.13 5.86
CA LYS C 974 9.43 24.98 4.96
C LYS C 974 9.29 25.47 3.52
N GLY C 975 8.58 26.56 3.27
CA GLY C 975 8.42 27.12 1.92
C GLY C 975 9.76 27.55 1.35
N THR C 976 10.59 28.18 2.18
CA THR C 976 11.96 28.62 1.82
C THR C 976 12.83 27.39 1.51
N LEU C 977 12.73 26.32 2.29
CA LEU C 977 13.47 25.08 2.01
C LEU C 977 13.06 24.52 0.64
N ARG C 978 11.76 24.43 0.36
CA ARG C 978 11.22 23.91 -0.92
C ARG C 978 11.63 24.81 -2.08
N ASP C 979 11.64 26.13 -1.89
CA ASP C 979 12.15 27.08 -2.90
C ASP C 979 13.61 26.73 -3.25
N PHE C 980 14.44 26.47 -2.23
CA PHE C 980 15.87 26.08 -2.38
C PHE C 980 15.98 24.75 -3.14
N LEU C 981 15.12 23.78 -2.84
CA LEU C 981 15.14 22.45 -3.49
C LEU C 981 14.78 22.59 -4.96
N VAL C 982 13.91 23.53 -5.33
CA VAL C 982 13.64 23.82 -6.77
C VAL C 982 14.90 24.44 -7.38
N GLN C 983 15.47 25.46 -6.76
CA GLN C 983 16.59 26.21 -7.37
C GLN C 983 17.85 25.35 -7.52
N ILE C 984 18.13 24.38 -6.63
CA ILE C 984 19.40 23.58 -6.78
C ILE C 984 19.32 22.70 -8.04
N LYS C 985 18.14 22.57 -8.64
CA LYS C 985 17.92 21.63 -9.77
C LYS C 985 18.13 22.36 -11.10
N GLU C 986 18.42 23.66 -11.06
CA GLU C 986 18.53 24.45 -12.30
C GLU C 986 19.66 25.44 -12.09
N VAL C 987 20.05 26.12 -13.16
CA VAL C 987 21.05 27.21 -13.14
C VAL C 987 20.34 28.56 -13.29
N GLY C 988 20.74 29.56 -12.52
CA GLY C 988 20.32 30.96 -12.69
C GLY C 988 19.00 31.23 -12.01
N GLY C 989 18.66 30.51 -10.94
CA GLY C 989 17.52 30.82 -10.07
C GLY C 989 17.58 32.23 -9.54
N ASP C 990 16.44 32.91 -9.50
CA ASP C 990 16.34 34.33 -9.10
C ASP C 990 16.52 34.42 -7.59
N PRO C 991 17.53 35.15 -7.09
CA PRO C 991 17.73 35.25 -5.65
C PRO C 991 16.61 36.01 -4.93
N THR C 992 15.86 36.91 -5.60
CA THR C 992 14.71 37.65 -4.99
C THR C 992 13.53 36.72 -4.67
N ASP C 993 13.53 35.46 -5.14
CA ASP C 993 12.47 34.47 -4.82
C ASP C 993 12.42 34.24 -3.31
N TYR C 994 13.55 34.37 -2.62
CA TYR C 994 13.64 34.06 -1.18
C TYR C 994 12.97 35.17 -0.35
N LEU C 995 12.55 36.27 -0.97
CA LEU C 995 11.80 37.38 -0.32
C LEU C 995 10.28 37.12 -0.35
N PHE C 996 9.85 36.02 -0.97
CA PHE C 996 8.41 35.72 -1.14
C PHE C 996 7.60 35.89 0.15
N ALA C 997 6.55 36.70 0.06
CA ALA C 997 5.59 36.93 1.16
C ALA C 997 4.17 36.79 0.58
N GLU C 998 3.30 36.02 1.21
CA GLU C 998 1.91 35.85 0.69
C GLU C 998 1.16 37.18 0.79
MG MG D . 12.00 -2.14 -10.79
C1 GOL E . -3.78 -8.81 2.54
O1 GOL E . -3.03 -10.01 2.65
C2 GOL E . -4.92 -8.75 3.54
O2 GOL E . -5.96 -9.65 3.15
C3 GOL E . -5.49 -7.37 3.75
O3 GOL E . -6.33 -6.96 2.68
PG GTP F . 12.31 0.73 -9.13
O1G GTP F . 11.25 1.65 -9.61
O2G GTP F . 13.41 1.45 -8.45
O3G GTP F . 12.79 -0.17 -10.18
O3B GTP F . 11.62 -0.22 -8.03
PB GTP F . 10.34 -1.18 -8.05
O1B GTP F . 10.49 -2.10 -9.18
O2B GTP F . 9.13 -0.36 -7.94
O3A GTP F . 10.49 -2.05 -6.72
PA GTP F . 10.94 -3.57 -6.54
O1A GTP F . 12.39 -3.69 -6.82
O2A GTP F . 10.03 -4.43 -7.34
O5' GTP F . 10.66 -3.86 -5.00
C5' GTP F . 11.22 -3.06 -3.94
C4' GTP F . 11.09 -3.82 -2.64
O4' GTP F . 9.69 -4.00 -2.33
C3' GTP F . 11.72 -5.23 -2.61
O3' GTP F . 12.40 -5.42 -1.38
C2' GTP F . 10.49 -6.15 -2.63
O2' GTP F . 10.71 -7.42 -2.07
C1' GTP F . 9.49 -5.31 -1.86
N9 GTP F . 8.10 -5.69 -2.12
C8 GTP F . 7.52 -5.81 -3.35
N7 GTP F . 6.26 -6.18 -3.30
C5 GTP F . 6.01 -6.32 -1.94
C6 GTP F . 4.82 -6.70 -1.29
O6 GTP F . 3.73 -7.01 -1.79
N1 GTP F . 4.98 -6.73 0.10
C2 GTP F . 6.15 -6.42 0.76
N2 GTP F . 6.12 -6.49 2.08
N3 GTP F . 7.27 -6.06 0.14
C4 GTP F . 7.14 -6.02 -1.21
BR BR G . -13.39 12.51 -5.55
CL CL H . -24.15 -5.33 31.52
NA NA I . -23.22 -21.81 -3.16
C1 GOL J . -19.83 -2.92 -5.14
O1 GOL J . -20.39 -3.20 -6.42
C2 GOL J . -19.51 -4.16 -4.33
O2 GOL J . -18.15 -4.15 -3.91
C3 GOL J . -20.37 -4.33 -3.09
O3 GOL J . -20.54 -5.71 -2.77
C1 GOL K . -17.65 13.06 -4.93
O1 GOL K . -16.36 13.64 -4.74
C2 GOL K . -18.53 13.25 -3.71
O2 GOL K . -19.41 14.36 -3.89
C3 GOL K . -19.37 12.04 -3.36
O3 GOL K . -20.50 12.44 -2.59
CL1 N5X L . -29.22 -13.17 20.38
C21 N5X L . -30.26 -14.66 20.54
C20 N5X L . -31.48 -14.63 19.87
C19 N5X L . -32.34 -15.70 19.93
C22 N5X L . -29.91 -15.81 21.27
C23 N5X L . -30.77 -16.90 21.33
C18 N5X L . -31.99 -16.81 20.67
C17 N5X L . -32.93 -17.94 20.63
O2 N5X L . -34.10 -17.80 20.31
N2 N5X L . -32.32 -19.07 20.90
C11 N5X L . -32.93 -20.30 20.88
C12 N5X L . -34.28 -20.41 21.12
C13 N5X L . -34.84 -21.66 21.07
C16 N5X L . -36.30 -21.69 21.34
O1 N5X L . -36.81 -22.60 22.04
O3 N5X L . -36.96 -20.77 20.82
C14 N5X L . -34.11 -22.80 20.78
C15 N5X L . -32.75 -22.69 20.52
C10 N5X L . -32.15 -21.43 20.58
N1 N5X L . -30.78 -21.31 20.32
C7 N5X L . -29.84 -22.29 20.82
C6 N5X L . -29.25 -22.80 19.52
C8 N5X L . -30.27 -20.22 19.46
C9 N5X L . -28.76 -20.31 19.37
N3 N5X L . -28.51 -21.68 18.94
C5 N5X L . -27.59 -21.94 17.91
C N5X L . -27.93 -22.99 17.01
C4 N5X L . -26.37 -21.26 17.76
C24 N5X L . -25.85 -20.13 18.62
C3 N5X L . -25.55 -21.61 16.69
C2 N5X L . -25.91 -22.64 15.80
C1 N5X L . -27.11 -23.35 15.95
C25 N5X L . -27.47 -24.47 14.98
#